data_6LK3
# 
_entry.id   6LK3 
# 
_audit_conform.dict_name       mmcif_pdbx.dic 
_audit_conform.dict_version    5.387 
_audit_conform.dict_location   http://mmcif.pdb.org/dictionaries/ascii/mmcif_pdbx.dic 
# 
loop_
_database_2.database_id 
_database_2.database_code 
_database_2.pdbx_database_accession 
_database_2.pdbx_DOI 
PDB   6LK3         pdb_00006lk3 10.2210/pdb6lk3/pdb 
WWPDB D_1300014898 ?            ?                   
# 
loop_
_pdbx_audit_revision_history.ordinal 
_pdbx_audit_revision_history.data_content_type 
_pdbx_audit_revision_history.major_revision 
_pdbx_audit_revision_history.minor_revision 
_pdbx_audit_revision_history.revision_date 
1 'Structure model' 1 0 2020-10-28 
2 'Structure model' 1 1 2024-03-27 
# 
_pdbx_audit_revision_details.ordinal             1 
_pdbx_audit_revision_details.revision_ordinal    1 
_pdbx_audit_revision_details.data_content_type   'Structure model' 
_pdbx_audit_revision_details.provider            repository 
_pdbx_audit_revision_details.type                'Initial release' 
_pdbx_audit_revision_details.description         ? 
_pdbx_audit_revision_details.details             ? 
# 
loop_
_pdbx_audit_revision_group.ordinal 
_pdbx_audit_revision_group.revision_ordinal 
_pdbx_audit_revision_group.data_content_type 
_pdbx_audit_revision_group.group 
1 2 'Structure model' 'Data collection'     
2 2 'Structure model' 'Database references' 
# 
loop_
_pdbx_audit_revision_category.ordinal 
_pdbx_audit_revision_category.revision_ordinal 
_pdbx_audit_revision_category.data_content_type 
_pdbx_audit_revision_category.category 
1 2 'Structure model' chem_comp_atom 
2 2 'Structure model' chem_comp_bond 
3 2 'Structure model' database_2     
# 
loop_
_pdbx_audit_revision_item.ordinal 
_pdbx_audit_revision_item.revision_ordinal 
_pdbx_audit_revision_item.data_content_type 
_pdbx_audit_revision_item.item 
1 2 'Structure model' '_database_2.pdbx_DOI'                
2 2 'Structure model' '_database_2.pdbx_database_accession' 
# 
_pdbx_database_status.status_code                     REL 
_pdbx_database_status.status_code_sf                  REL 
_pdbx_database_status.status_code_mr                  ? 
_pdbx_database_status.entry_id                        6LK3 
_pdbx_database_status.recvd_initial_deposition_date   2019-12-18 
_pdbx_database_status.SG_entry                        N 
_pdbx_database_status.deposit_site                    PDBJ 
_pdbx_database_status.process_site                    PDBJ 
_pdbx_database_status.status_code_cs                  ? 
_pdbx_database_status.status_code_nmr_data            ? 
_pdbx_database_status.methods_development_category    ? 
_pdbx_database_status.pdb_format_compatible           Y 
# 
loop_
_audit_author.name 
_audit_author.pdbx_ordinal 
_audit_author.identifier_ORCID 
'Ma, X.Y.'    1 ? 
'Wang, G.Y.'  2 ? 
'Liu, T.'     3 ? 
'Chi, C.B.'   4 ? 
'Zhang, Z.Y.' 5 ? 
'Yang, D.H.'  6 ? 
'Liu, W.'     7 ? 
'Ma, M.'      8 ? 
# 
_citation.abstract                  ? 
_citation.abstract_id_CAS           ? 
_citation.book_id_ISBN              ? 
_citation.book_publisher            ? 
_citation.book_publisher_city       ? 
_citation.book_title                ? 
_citation.coordinate_linkage        ? 
_citation.country                   CC 
_citation.database_id_Medline       ? 
_citation.details                   ? 
_citation.id                        primary 
_citation.journal_abbrev            Chin.J.Chem. 
_citation.journal_id_ASTM           CJOCEV 
_citation.journal_id_CSD            1122 
_citation.journal_id_ISSN           1001-604X 
_citation.journal_full              ? 
_citation.journal_issue             ? 
_citation.journal_volume            38 
_citation.language                  ? 
_citation.page_first                963 
_citation.page_last                 969 
_citation.title                     
'The functional characterization and crystal structure of type II peptidyl carrier protein ColA1a in collismycins biosynthesis.' 
_citation.year                      2020 
_citation.database_id_CSD           ? 
_citation.pdbx_database_id_DOI      10.1002/cjoc.202000108 
_citation.pdbx_database_id_PubMed   ? 
_citation.unpublished_flag          ? 
# 
loop_
_citation_author.citation_id 
_citation_author.name 
_citation_author.ordinal 
_citation_author.identifier_ORCID 
primary 'Ma, X.Y.'    1 ? 
primary 'Wang, G.Y.'  2 ? 
primary 'Liu, T.'     3 ? 
primary 'Chi, C.B.'   4 ? 
primary 'Zhang, Z.Y.' 5 ? 
primary 'Yang, D.H.'  6 ? 
primary 'Liu, W.'     7 ? 
primary 'Ma, M.'      8 ? 
# 
loop_
_entity.id 
_entity.type 
_entity.src_method 
_entity.pdbx_description 
_entity.formula_weight 
_entity.pdbx_number_of_molecules 
_entity.pdbx_ec 
_entity.pdbx_mutation 
_entity.pdbx_fragment 
_entity.details 
1 polymer man 'Putative free-standing acyl carrier protein' 11883.458 2   ? ? ? ? 
2 water   nat water                                         18.015    101 ? ? ? ? 
# 
_entity_poly.entity_id                      1 
_entity_poly.type                           'polypeptide(L)' 
_entity_poly.nstd_linkage                   no 
_entity_poly.nstd_monomer                   no 
_entity_poly.pdbx_seq_one_letter_code       
;GSHMASMTGGQQMGRGSEFHMPSGNQGAAVSVDVLKQLLLDIGIAEQTLTEIEPGTRLRADLGLSSVETTDLEIQLRERF
GVRINLWDKADYTMEQLAVGIREMPRLE
;
_entity_poly.pdbx_seq_one_letter_code_can   
;GSHMASMTGGQQMGRGSEFHMPSGNQGAAVSVDVLKQLLLDIGIAEQTLTEIEPGTRLRADLGLSSVETTDLEIQLRERF
GVRINLWDKADYTMEQLAVGIREMPRLE
;
_entity_poly.pdbx_strand_id                 A,B 
_entity_poly.pdbx_target_identifier         ? 
# 
_pdbx_entity_nonpoly.entity_id   2 
_pdbx_entity_nonpoly.name        water 
_pdbx_entity_nonpoly.comp_id     HOH 
# 
loop_
_entity_poly_seq.entity_id 
_entity_poly_seq.num 
_entity_poly_seq.mon_id 
_entity_poly_seq.hetero 
1 1   GLY n 
1 2   SER n 
1 3   HIS n 
1 4   MET n 
1 5   ALA n 
1 6   SER n 
1 7   MET n 
1 8   THR n 
1 9   GLY n 
1 10  GLY n 
1 11  GLN n 
1 12  GLN n 
1 13  MET n 
1 14  GLY n 
1 15  ARG n 
1 16  GLY n 
1 17  SER n 
1 18  GLU n 
1 19  PHE n 
1 20  HIS n 
1 21  MET n 
1 22  PRO n 
1 23  SER n 
1 24  GLY n 
1 25  ASN n 
1 26  GLN n 
1 27  GLY n 
1 28  ALA n 
1 29  ALA n 
1 30  VAL n 
1 31  SER n 
1 32  VAL n 
1 33  ASP n 
1 34  VAL n 
1 35  LEU n 
1 36  LYS n 
1 37  GLN n 
1 38  LEU n 
1 39  LEU n 
1 40  LEU n 
1 41  ASP n 
1 42  ILE n 
1 43  GLY n 
1 44  ILE n 
1 45  ALA n 
1 46  GLU n 
1 47  GLN n 
1 48  THR n 
1 49  LEU n 
1 50  THR n 
1 51  GLU n 
1 52  ILE n 
1 53  GLU n 
1 54  PRO n 
1 55  GLY n 
1 56  THR n 
1 57  ARG n 
1 58  LEU n 
1 59  ARG n 
1 60  ALA n 
1 61  ASP n 
1 62  LEU n 
1 63  GLY n 
1 64  LEU n 
1 65  SER n 
1 66  SER n 
1 67  VAL n 
1 68  GLU n 
1 69  THR n 
1 70  THR n 
1 71  ASP n 
1 72  LEU n 
1 73  GLU n 
1 74  ILE n 
1 75  GLN n 
1 76  LEU n 
1 77  ARG n 
1 78  GLU n 
1 79  ARG n 
1 80  PHE n 
1 81  GLY n 
1 82  VAL n 
1 83  ARG n 
1 84  ILE n 
1 85  ASN n 
1 86  LEU n 
1 87  TRP n 
1 88  ASP n 
1 89  LYS n 
1 90  ALA n 
1 91  ASP n 
1 92  TYR n 
1 93  THR n 
1 94  MET n 
1 95  GLU n 
1 96  GLN n 
1 97  LEU n 
1 98  ALA n 
1 99  VAL n 
1 100 GLY n 
1 101 ILE n 
1 102 ARG n 
1 103 GLU n 
1 104 MET n 
1 105 PRO n 
1 106 ARG n 
1 107 LEU n 
1 108 GLU n 
# 
_entity_src_gen.entity_id                          1 
_entity_src_gen.pdbx_src_id                        1 
_entity_src_gen.pdbx_alt_source_flag               sample 
_entity_src_gen.pdbx_seq_type                      'Biological sequence' 
_entity_src_gen.pdbx_beg_seq_num                   1 
_entity_src_gen.pdbx_end_seq_num                   108 
_entity_src_gen.gene_src_common_name               ? 
_entity_src_gen.gene_src_genus                     ? 
_entity_src_gen.pdbx_gene_src_gene                 clmP 
_entity_src_gen.gene_src_species                   ? 
_entity_src_gen.gene_src_strain                    ? 
_entity_src_gen.gene_src_tissue                    ? 
_entity_src_gen.gene_src_tissue_fraction           ? 
_entity_src_gen.gene_src_details                   ? 
_entity_src_gen.pdbx_gene_src_fragment             ? 
_entity_src_gen.pdbx_gene_src_scientific_name      'Streptomyces sp. CS40' 
_entity_src_gen.pdbx_gene_src_ncbi_taxonomy_id     1068630 
_entity_src_gen.pdbx_gene_src_variant              ? 
_entity_src_gen.pdbx_gene_src_cell_line            ? 
_entity_src_gen.pdbx_gene_src_atcc                 ? 
_entity_src_gen.pdbx_gene_src_organ                ? 
_entity_src_gen.pdbx_gene_src_organelle            ? 
_entity_src_gen.pdbx_gene_src_cell                 ? 
_entity_src_gen.pdbx_gene_src_cellular_location    ? 
_entity_src_gen.host_org_common_name               ? 
_entity_src_gen.pdbx_host_org_scientific_name      'Escherichia coli' 
_entity_src_gen.pdbx_host_org_ncbi_taxonomy_id     562 
_entity_src_gen.host_org_genus                     ? 
_entity_src_gen.pdbx_host_org_gene                 ? 
_entity_src_gen.pdbx_host_org_organ                ? 
_entity_src_gen.host_org_species                   ? 
_entity_src_gen.pdbx_host_org_tissue               ? 
_entity_src_gen.pdbx_host_org_tissue_fraction      ? 
_entity_src_gen.pdbx_host_org_strain               ? 
_entity_src_gen.pdbx_host_org_variant              ? 
_entity_src_gen.pdbx_host_org_cell_line            ? 
_entity_src_gen.pdbx_host_org_atcc                 ? 
_entity_src_gen.pdbx_host_org_culture_collection   ? 
_entity_src_gen.pdbx_host_org_cell                 ? 
_entity_src_gen.pdbx_host_org_organelle            ? 
_entity_src_gen.pdbx_host_org_cellular_location    ? 
_entity_src_gen.pdbx_host_org_vector_type          ? 
_entity_src_gen.pdbx_host_org_vector               ? 
_entity_src_gen.host_org_details                   ? 
_entity_src_gen.expression_system_id               ? 
_entity_src_gen.plasmid_name                       ? 
_entity_src_gen.plasmid_details                    ? 
_entity_src_gen.pdbx_description                   ? 
# 
loop_
_chem_comp.id 
_chem_comp.type 
_chem_comp.mon_nstd_flag 
_chem_comp.name 
_chem_comp.pdbx_synonyms 
_chem_comp.formula 
_chem_comp.formula_weight 
ALA 'L-peptide linking' y ALANINE         ? 'C3 H7 N O2'     89.093  
ARG 'L-peptide linking' y ARGININE        ? 'C6 H15 N4 O2 1' 175.209 
ASN 'L-peptide linking' y ASPARAGINE      ? 'C4 H8 N2 O3'    132.118 
ASP 'L-peptide linking' y 'ASPARTIC ACID' ? 'C4 H7 N O4'     133.103 
GLN 'L-peptide linking' y GLUTAMINE       ? 'C5 H10 N2 O3'   146.144 
GLU 'L-peptide linking' y 'GLUTAMIC ACID' ? 'C5 H9 N O4'     147.129 
GLY 'peptide linking'   y GLYCINE         ? 'C2 H5 N O2'     75.067  
HIS 'L-peptide linking' y HISTIDINE       ? 'C6 H10 N3 O2 1' 156.162 
HOH non-polymer         . WATER           ? 'H2 O'           18.015  
ILE 'L-peptide linking' y ISOLEUCINE      ? 'C6 H13 N O2'    131.173 
LEU 'L-peptide linking' y LEUCINE         ? 'C6 H13 N O2'    131.173 
LYS 'L-peptide linking' y LYSINE          ? 'C6 H15 N2 O2 1' 147.195 
MET 'L-peptide linking' y METHIONINE      ? 'C5 H11 N O2 S'  149.211 
PHE 'L-peptide linking' y PHENYLALANINE   ? 'C9 H11 N O2'    165.189 
PRO 'L-peptide linking' y PROLINE         ? 'C5 H9 N O2'     115.130 
SER 'L-peptide linking' y SERINE          ? 'C3 H7 N O3'     105.093 
THR 'L-peptide linking' y THREONINE       ? 'C4 H9 N O3'     119.119 
TRP 'L-peptide linking' y TRYPTOPHAN      ? 'C11 H12 N2 O2'  204.225 
TYR 'L-peptide linking' y TYROSINE        ? 'C9 H11 N O3'    181.189 
VAL 'L-peptide linking' y VALINE          ? 'C5 H11 N O2'    117.146 
# 
loop_
_pdbx_poly_seq_scheme.asym_id 
_pdbx_poly_seq_scheme.entity_id 
_pdbx_poly_seq_scheme.seq_id 
_pdbx_poly_seq_scheme.mon_id 
_pdbx_poly_seq_scheme.ndb_seq_num 
_pdbx_poly_seq_scheme.pdb_seq_num 
_pdbx_poly_seq_scheme.auth_seq_num 
_pdbx_poly_seq_scheme.pdb_mon_id 
_pdbx_poly_seq_scheme.auth_mon_id 
_pdbx_poly_seq_scheme.pdb_strand_id 
_pdbx_poly_seq_scheme.pdb_ins_code 
_pdbx_poly_seq_scheme.hetero 
A 1 1   GLY 1   1   ?   ?   ?   A . n 
A 1 2   SER 2   2   ?   ?   ?   A . n 
A 1 3   HIS 3   3   ?   ?   ?   A . n 
A 1 4   MET 4   4   ?   ?   ?   A . n 
A 1 5   ALA 5   5   ?   ?   ?   A . n 
A 1 6   SER 6   6   ?   ?   ?   A . n 
A 1 7   MET 7   7   ?   ?   ?   A . n 
A 1 8   THR 8   8   ?   ?   ?   A . n 
A 1 9   GLY 9   9   ?   ?   ?   A . n 
A 1 10  GLY 10  10  ?   ?   ?   A . n 
A 1 11  GLN 11  11  ?   ?   ?   A . n 
A 1 12  GLN 12  12  ?   ?   ?   A . n 
A 1 13  MET 13  13  ?   ?   ?   A . n 
A 1 14  GLY 14  14  ?   ?   ?   A . n 
A 1 15  ARG 15  15  ?   ?   ?   A . n 
A 1 16  GLY 16  16  ?   ?   ?   A . n 
A 1 17  SER 17  17  ?   ?   ?   A . n 
A 1 18  GLU 18  18  ?   ?   ?   A . n 
A 1 19  PHE 19  19  ?   ?   ?   A . n 
A 1 20  HIS 20  20  ?   ?   ?   A . n 
A 1 21  MET 21  21  ?   ?   ?   A . n 
A 1 22  PRO 22  22  ?   ?   ?   A . n 
A 1 23  SER 23  23  ?   ?   ?   A . n 
A 1 24  GLY 24  24  ?   ?   ?   A . n 
A 1 25  ASN 25  25  ?   ?   ?   A . n 
A 1 26  GLN 26  26  ?   ?   ?   A . n 
A 1 27  GLY 27  27  ?   ?   ?   A . n 
A 1 28  ALA 28  28  ?   ?   ?   A . n 
A 1 29  ALA 29  29  ?   ?   ?   A . n 
A 1 30  VAL 30  30  30  VAL VAL A . n 
A 1 31  SER 31  31  31  SER SER A . n 
A 1 32  VAL 32  32  32  VAL VAL A . n 
A 1 33  ASP 33  33  33  ASP ASP A . n 
A 1 34  VAL 34  34  34  VAL VAL A . n 
A 1 35  LEU 35  35  35  LEU LEU A . n 
A 1 36  LYS 36  36  36  LYS LYS A . n 
A 1 37  GLN 37  37  37  GLN GLN A . n 
A 1 38  LEU 38  38  38  LEU LEU A . n 
A 1 39  LEU 39  39  39  LEU LEU A . n 
A 1 40  LEU 40  40  40  LEU LEU A . n 
A 1 41  ASP 41  41  41  ASP ASP A . n 
A 1 42  ILE 42  42  42  ILE ILE A . n 
A 1 43  GLY 43  43  43  GLY GLY A . n 
A 1 44  ILE 44  44  44  ILE ILE A . n 
A 1 45  ALA 45  45  45  ALA ALA A . n 
A 1 46  GLU 46  46  46  GLU GLU A . n 
A 1 47  GLN 47  47  47  GLN GLN A . n 
A 1 48  THR 48  48  48  THR THR A . n 
A 1 49  LEU 49  49  49  LEU LEU A . n 
A 1 50  THR 50  50  50  THR THR A . n 
A 1 51  GLU 51  51  51  GLU GLU A . n 
A 1 52  ILE 52  52  52  ILE ILE A . n 
A 1 53  GLU 53  53  53  GLU GLU A . n 
A 1 54  PRO 54  54  54  PRO PRO A . n 
A 1 55  GLY 55  55  55  GLY GLY A . n 
A 1 56  THR 56  56  56  THR THR A . n 
A 1 57  ARG 57  57  57  ARG ARG A . n 
A 1 58  LEU 58  58  58  LEU LEU A . n 
A 1 59  ARG 59  59  59  ARG ARG A . n 
A 1 60  ALA 60  60  60  ALA ALA A . n 
A 1 61  ASP 61  61  61  ASP ASP A . n 
A 1 62  LEU 62  62  62  LEU LEU A . n 
A 1 63  GLY 63  63  63  GLY GLY A . n 
A 1 64  LEU 64  64  64  LEU LEU A . n 
A 1 65  SER 65  65  65  SER SER A . n 
A 1 66  SER 66  66  66  SER SER A . n 
A 1 67  VAL 67  67  67  VAL VAL A . n 
A 1 68  GLU 68  68  68  GLU GLU A . n 
A 1 69  THR 69  69  69  THR THR A . n 
A 1 70  THR 70  70  70  THR THR A . n 
A 1 71  ASP 71  71  71  ASP ASP A . n 
A 1 72  LEU 72  72  72  LEU LEU A . n 
A 1 73  GLU 73  73  73  GLU GLU A . n 
A 1 74  ILE 74  74  74  ILE ILE A . n 
A 1 75  GLN 75  75  75  GLN GLN A . n 
A 1 76  LEU 76  76  76  LEU LEU A . n 
A 1 77  ARG 77  77  77  ARG ARG A . n 
A 1 78  GLU 78  78  78  GLU GLU A . n 
A 1 79  ARG 79  79  79  ARG ARG A . n 
A 1 80  PHE 80  80  80  PHE PHE A . n 
A 1 81  GLY 81  81  81  GLY GLY A . n 
A 1 82  VAL 82  82  82  VAL VAL A . n 
A 1 83  ARG 83  83  83  ARG ARG A . n 
A 1 84  ILE 84  84  84  ILE ILE A . n 
A 1 85  ASN 85  85  85  ASN ASN A . n 
A 1 86  LEU 86  86  86  LEU LEU A . n 
A 1 87  TRP 87  87  87  TRP TRP A . n 
A 1 88  ASP 88  88  88  ASP ASP A . n 
A 1 89  LYS 89  89  89  LYS LYS A . n 
A 1 90  ALA 90  90  90  ALA ALA A . n 
A 1 91  ASP 91  91  91  ASP ASP A . n 
A 1 92  TYR 92  92  92  TYR TYR A . n 
A 1 93  THR 93  93  93  THR THR A . n 
A 1 94  MET 94  94  94  MET MET A . n 
A 1 95  GLU 95  95  95  GLU GLU A . n 
A 1 96  GLN 96  96  96  GLN GLN A . n 
A 1 97  LEU 97  97  97  LEU LEU A . n 
A 1 98  ALA 98  98  98  ALA ALA A . n 
A 1 99  VAL 99  99  99  VAL VAL A . n 
A 1 100 GLY 100 100 100 GLY GLY A . n 
A 1 101 ILE 101 101 101 ILE ILE A . n 
A 1 102 ARG 102 102 ?   ?   ?   A . n 
A 1 103 GLU 103 103 ?   ?   ?   A . n 
A 1 104 MET 104 104 ?   ?   ?   A . n 
A 1 105 PRO 105 105 ?   ?   ?   A . n 
A 1 106 ARG 106 106 ?   ?   ?   A . n 
A 1 107 LEU 107 107 ?   ?   ?   A . n 
A 1 108 GLU 108 108 ?   ?   ?   A . n 
B 1 1   GLY 1   1   ?   ?   ?   B . n 
B 1 2   SER 2   2   ?   ?   ?   B . n 
B 1 3   HIS 3   3   ?   ?   ?   B . n 
B 1 4   MET 4   4   ?   ?   ?   B . n 
B 1 5   ALA 5   5   ?   ?   ?   B . n 
B 1 6   SER 6   6   ?   ?   ?   B . n 
B 1 7   MET 7   7   ?   ?   ?   B . n 
B 1 8   THR 8   8   ?   ?   ?   B . n 
B 1 9   GLY 9   9   ?   ?   ?   B . n 
B 1 10  GLY 10  10  ?   ?   ?   B . n 
B 1 11  GLN 11  11  ?   ?   ?   B . n 
B 1 12  GLN 12  12  ?   ?   ?   B . n 
B 1 13  MET 13  13  ?   ?   ?   B . n 
B 1 14  GLY 14  14  ?   ?   ?   B . n 
B 1 15  ARG 15  15  ?   ?   ?   B . n 
B 1 16  GLY 16  16  ?   ?   ?   B . n 
B 1 17  SER 17  17  ?   ?   ?   B . n 
B 1 18  GLU 18  18  ?   ?   ?   B . n 
B 1 19  PHE 19  19  ?   ?   ?   B . n 
B 1 20  HIS 20  20  ?   ?   ?   B . n 
B 1 21  MET 21  21  ?   ?   ?   B . n 
B 1 22  PRO 22  22  ?   ?   ?   B . n 
B 1 23  SER 23  23  ?   ?   ?   B . n 
B 1 24  GLY 24  24  ?   ?   ?   B . n 
B 1 25  ASN 25  25  ?   ?   ?   B . n 
B 1 26  GLN 26  26  ?   ?   ?   B . n 
B 1 27  GLY 27  27  ?   ?   ?   B . n 
B 1 28  ALA 28  28  ?   ?   ?   B . n 
B 1 29  ALA 29  29  ?   ?   ?   B . n 
B 1 30  VAL 30  30  30  VAL VAL B . n 
B 1 31  SER 31  31  31  SER SER B . n 
B 1 32  VAL 32  32  32  VAL VAL B . n 
B 1 33  ASP 33  33  33  ASP ASP B . n 
B 1 34  VAL 34  34  34  VAL VAL B . n 
B 1 35  LEU 35  35  35  LEU LEU B . n 
B 1 36  LYS 36  36  36  LYS LYS B . n 
B 1 37  GLN 37  37  37  GLN GLN B . n 
B 1 38  LEU 38  38  38  LEU LEU B . n 
B 1 39  LEU 39  39  39  LEU LEU B . n 
B 1 40  LEU 40  40  40  LEU LEU B . n 
B 1 41  ASP 41  41  41  ASP ASP B . n 
B 1 42  ILE 42  42  42  ILE ILE B . n 
B 1 43  GLY 43  43  43  GLY GLY B . n 
B 1 44  ILE 44  44  44  ILE ILE B . n 
B 1 45  ALA 45  45  45  ALA ALA B . n 
B 1 46  GLU 46  46  46  GLU GLU B . n 
B 1 47  GLN 47  47  47  GLN GLN B . n 
B 1 48  THR 48  48  48  THR THR B . n 
B 1 49  LEU 49  49  49  LEU LEU B . n 
B 1 50  THR 50  50  50  THR THR B . n 
B 1 51  GLU 51  51  51  GLU GLU B . n 
B 1 52  ILE 52  52  52  ILE ILE B . n 
B 1 53  GLU 53  53  53  GLU GLU B . n 
B 1 54  PRO 54  54  54  PRO PRO B . n 
B 1 55  GLY 55  55  55  GLY GLY B . n 
B 1 56  THR 56  56  56  THR THR B . n 
B 1 57  ARG 57  57  57  ARG ARG B . n 
B 1 58  LEU 58  58  58  LEU LEU B . n 
B 1 59  ARG 59  59  59  ARG ARG B . n 
B 1 60  ALA 60  60  60  ALA ALA B . n 
B 1 61  ASP 61  61  61  ASP ASP B . n 
B 1 62  LEU 62  62  62  LEU LEU B . n 
B 1 63  GLY 63  63  63  GLY GLY B . n 
B 1 64  LEU 64  64  64  LEU LEU B . n 
B 1 65  SER 65  65  65  SER SER B . n 
B 1 66  SER 66  66  66  SER SER B . n 
B 1 67  VAL 67  67  67  VAL VAL B . n 
B 1 68  GLU 68  68  68  GLU GLU B . n 
B 1 69  THR 69  69  69  THR THR B . n 
B 1 70  THR 70  70  70  THR THR B . n 
B 1 71  ASP 71  71  71  ASP ASP B . n 
B 1 72  LEU 72  72  72  LEU LEU B . n 
B 1 73  GLU 73  73  73  GLU GLU B . n 
B 1 74  ILE 74  74  74  ILE ILE B . n 
B 1 75  GLN 75  75  75  GLN GLN B . n 
B 1 76  LEU 76  76  76  LEU LEU B . n 
B 1 77  ARG 77  77  77  ARG ARG B . n 
B 1 78  GLU 78  78  78  GLU GLU B . n 
B 1 79  ARG 79  79  79  ARG ARG B . n 
B 1 80  PHE 80  80  80  PHE PHE B . n 
B 1 81  GLY 81  81  81  GLY GLY B . n 
B 1 82  VAL 82  82  82  VAL VAL B . n 
B 1 83  ARG 83  83  83  ARG ARG B . n 
B 1 84  ILE 84  84  84  ILE ILE B . n 
B 1 85  ASN 85  85  85  ASN ASN B . n 
B 1 86  LEU 86  86  86  LEU LEU B . n 
B 1 87  TRP 87  87  87  TRP TRP B . n 
B 1 88  ASP 88  88  88  ASP ASP B . n 
B 1 89  LYS 89  89  89  LYS LYS B . n 
B 1 90  ALA 90  90  90  ALA ALA B . n 
B 1 91  ASP 91  91  91  ASP ASP B . n 
B 1 92  TYR 92  92  92  TYR TYR B . n 
B 1 93  THR 93  93  93  THR THR B . n 
B 1 94  MET 94  94  94  MET MET B . n 
B 1 95  GLU 95  95  95  GLU GLU B . n 
B 1 96  GLN 96  96  96  GLN GLN B . n 
B 1 97  LEU 97  97  97  LEU LEU B . n 
B 1 98  ALA 98  98  98  ALA ALA B . n 
B 1 99  VAL 99  99  99  VAL VAL B . n 
B 1 100 GLY 100 100 100 GLY GLY B . n 
B 1 101 ILE 101 101 101 ILE ILE B . n 
B 1 102 ARG 102 102 102 ARG ARG B . n 
B 1 103 GLU 103 103 103 GLU GLU B . n 
B 1 104 MET 104 104 104 MET MET B . n 
B 1 105 PRO 105 105 105 PRO PRO B . n 
B 1 106 ARG 106 106 106 ARG ARG B . n 
B 1 107 LEU 107 107 107 LEU LEU B . n 
B 1 108 GLU 108 108 108 GLU GLU B . n 
# 
loop_
_pdbx_nonpoly_scheme.asym_id 
_pdbx_nonpoly_scheme.entity_id 
_pdbx_nonpoly_scheme.mon_id 
_pdbx_nonpoly_scheme.ndb_seq_num 
_pdbx_nonpoly_scheme.pdb_seq_num 
_pdbx_nonpoly_scheme.auth_seq_num 
_pdbx_nonpoly_scheme.pdb_mon_id 
_pdbx_nonpoly_scheme.auth_mon_id 
_pdbx_nonpoly_scheme.pdb_strand_id 
_pdbx_nonpoly_scheme.pdb_ins_code 
C 2 HOH 1  201 63  HOH HOH A . 
C 2 HOH 2  202 53  HOH HOH A . 
C 2 HOH 3  203 15  HOH HOH A . 
C 2 HOH 4  204 14  HOH HOH A . 
C 2 HOH 5  205 85  HOH HOH A . 
C 2 HOH 6  206 98  HOH HOH A . 
C 2 HOH 7  207 22  HOH HOH A . 
C 2 HOH 8  208 40  HOH HOH A . 
C 2 HOH 9  209 2   HOH HOH A . 
C 2 HOH 10 210 77  HOH HOH A . 
C 2 HOH 11 211 50  HOH HOH A . 
C 2 HOH 12 212 46  HOH HOH A . 
C 2 HOH 13 213 4   HOH HOH A . 
C 2 HOH 14 214 31  HOH HOH A . 
C 2 HOH 15 215 66  HOH HOH A . 
C 2 HOH 16 216 106 HOH HOH A . 
C 2 HOH 17 217 13  HOH HOH A . 
C 2 HOH 18 218 104 HOH HOH A . 
C 2 HOH 19 219 34  HOH HOH A . 
C 2 HOH 20 220 81  HOH HOH A . 
C 2 HOH 21 221 27  HOH HOH A . 
C 2 HOH 22 222 57  HOH HOH A . 
C 2 HOH 23 223 62  HOH HOH A . 
C 2 HOH 24 224 18  HOH HOH A . 
C 2 HOH 25 225 25  HOH HOH A . 
C 2 HOH 26 226 16  HOH HOH A . 
C 2 HOH 27 227 107 HOH HOH A . 
C 2 HOH 28 228 51  HOH HOH A . 
C 2 HOH 29 229 60  HOH HOH A . 
C 2 HOH 30 230 91  HOH HOH A . 
C 2 HOH 31 231 44  HOH HOH A . 
C 2 HOH 32 232 38  HOH HOH A . 
C 2 HOH 33 233 61  HOH HOH A . 
C 2 HOH 34 234 93  HOH HOH A . 
C 2 HOH 35 235 7   HOH HOH A . 
C 2 HOH 36 236 56  HOH HOH A . 
C 2 HOH 37 237 9   HOH HOH A . 
C 2 HOH 38 238 87  HOH HOH A . 
C 2 HOH 39 239 69  HOH HOH A . 
C 2 HOH 40 240 43  HOH HOH A . 
C 2 HOH 41 241 92  HOH HOH A . 
C 2 HOH 42 242 84  HOH HOH A . 
C 2 HOH 43 243 109 HOH HOH A . 
C 2 HOH 44 244 71  HOH HOH A . 
C 2 HOH 45 245 105 HOH HOH A . 
C 2 HOH 46 246 103 HOH HOH A . 
D 2 HOH 1  201 29  HOH HOH B . 
D 2 HOH 2  202 36  HOH HOH B . 
D 2 HOH 3  203 32  HOH HOH B . 
D 2 HOH 4  204 58  HOH HOH B . 
D 2 HOH 5  205 78  HOH HOH B . 
D 2 HOH 6  206 68  HOH HOH B . 
D 2 HOH 7  207 42  HOH HOH B . 
D 2 HOH 8  208 110 HOH HOH B . 
D 2 HOH 9  209 96  HOH HOH B . 
D 2 HOH 10 210 39  HOH HOH B . 
D 2 HOH 11 211 21  HOH HOH B . 
D 2 HOH 12 212 67  HOH HOH B . 
D 2 HOH 13 213 6   HOH HOH B . 
D 2 HOH 14 214 65  HOH HOH B . 
D 2 HOH 15 215 5   HOH HOH B . 
D 2 HOH 16 216 8   HOH HOH B . 
D 2 HOH 17 217 35  HOH HOH B . 
D 2 HOH 18 218 11  HOH HOH B . 
D 2 HOH 19 219 95  HOH HOH B . 
D 2 HOH 20 220 23  HOH HOH B . 
D 2 HOH 21 221 41  HOH HOH B . 
D 2 HOH 22 222 76  HOH HOH B . 
D 2 HOH 23 223 94  HOH HOH B . 
D 2 HOH 24 224 47  HOH HOH B . 
D 2 HOH 25 225 54  HOH HOH B . 
D 2 HOH 26 226 99  HOH HOH B . 
D 2 HOH 27 227 26  HOH HOH B . 
D 2 HOH 28 228 79  HOH HOH B . 
D 2 HOH 29 229 75  HOH HOH B . 
D 2 HOH 30 230 52  HOH HOH B . 
D 2 HOH 31 231 28  HOH HOH B . 
D 2 HOH 32 232 12  HOH HOH B . 
D 2 HOH 33 233 17  HOH HOH B . 
D 2 HOH 34 234 1   HOH HOH B . 
D 2 HOH 35 235 80  HOH HOH B . 
D 2 HOH 36 236 24  HOH HOH B . 
D 2 HOH 37 237 33  HOH HOH B . 
D 2 HOH 38 238 30  HOH HOH B . 
D 2 HOH 39 239 3   HOH HOH B . 
D 2 HOH 40 240 49  HOH HOH B . 
D 2 HOH 41 241 64  HOH HOH B . 
D 2 HOH 42 242 101 HOH HOH B . 
D 2 HOH 43 243 114 HOH HOH B . 
D 2 HOH 44 244 111 HOH HOH B . 
D 2 HOH 45 245 74  HOH HOH B . 
D 2 HOH 46 246 116 HOH HOH B . 
D 2 HOH 47 247 48  HOH HOH B . 
D 2 HOH 48 248 112 HOH HOH B . 
D 2 HOH 49 249 55  HOH HOH B . 
D 2 HOH 50 250 19  HOH HOH B . 
D 2 HOH 51 251 72  HOH HOH B . 
D 2 HOH 52 252 10  HOH HOH B . 
D 2 HOH 53 253 100 HOH HOH B . 
D 2 HOH 54 254 70  HOH HOH B . 
D 2 HOH 55 255 102 HOH HOH B . 
# 
loop_
_software.citation_id 
_software.classification 
_software.compiler_name 
_software.compiler_version 
_software.contact_author 
_software.contact_author_email 
_software.date 
_software.description 
_software.dependencies 
_software.hardware 
_software.language 
_software.location 
_software.mods 
_software.name 
_software.os 
_software.os_version 
_software.type 
_software.version 
_software.pdbx_ordinal 
? refinement        ? ? ? ? ? ? ? ? ? ? ? REFMAC      ? ? ? 5.8.0158 1 
? 'data extraction' ? ? ? ? ? ? ? ? ? ? ? PDB_EXTRACT ? ? ? 3.25     2 
? 'data reduction'  ? ? ? ? ? ? ? ? ? ? ? HKL-2000    ? ? ? .        3 
? 'data scaling'    ? ? ? ? ? ? ? ? ? ? ? HKL-2000    ? ? ? .        4 
? phasing           ? ? ? ? ? ? ? ? ? ? ? AutoSol     ? ? ? .        5 
# 
_cell.angle_alpha                  90.000 
_cell.angle_alpha_esd              ? 
_cell.angle_beta                   111.290 
_cell.angle_beta_esd               ? 
_cell.angle_gamma                  90.000 
_cell.angle_gamma_esd              ? 
_cell.entry_id                     6LK3 
_cell.details                      ? 
_cell.formula_units_Z              ? 
_cell.length_a                     33.697 
_cell.length_a_esd                 ? 
_cell.length_b                     79.027 
_cell.length_b_esd                 ? 
_cell.length_c                     34.088 
_cell.length_c_esd                 ? 
_cell.volume                       ? 
_cell.volume_esd                   ? 
_cell.Z_PDB                        4 
_cell.reciprocal_angle_alpha       ? 
_cell.reciprocal_angle_beta        ? 
_cell.reciprocal_angle_gamma       ? 
_cell.reciprocal_angle_alpha_esd   ? 
_cell.reciprocal_angle_beta_esd    ? 
_cell.reciprocal_angle_gamma_esd   ? 
_cell.reciprocal_length_a          ? 
_cell.reciprocal_length_b          ? 
_cell.reciprocal_length_c          ? 
_cell.reciprocal_length_a_esd      ? 
_cell.reciprocal_length_b_esd      ? 
_cell.reciprocal_length_c_esd      ? 
_cell.pdbx_unique_axis             ? 
# 
_symmetry.entry_id                         6LK3 
_symmetry.cell_setting                     ? 
_symmetry.Int_Tables_number                4 
_symmetry.space_group_name_Hall            ? 
_symmetry.space_group_name_H-M             'P 1 21 1' 
_symmetry.pdbx_full_space_group_name_H-M   ? 
# 
_exptl.absorpt_coefficient_mu     ? 
_exptl.absorpt_correction_T_max   ? 
_exptl.absorpt_correction_T_min   ? 
_exptl.absorpt_correction_type    ? 
_exptl.absorpt_process_details    ? 
_exptl.entry_id                   6LK3 
_exptl.crystals_number            1 
_exptl.details                    ? 
_exptl.method                     'X-RAY DIFFRACTION' 
_exptl.method_details             ? 
# 
_exptl_crystal.colour                      ? 
_exptl_crystal.density_diffrn              ? 
_exptl_crystal.density_Matthews            1.78 
_exptl_crystal.density_method              ? 
_exptl_crystal.density_percent_sol         30.87 
_exptl_crystal.description                 ? 
_exptl_crystal.F_000                       ? 
_exptl_crystal.id                          1 
_exptl_crystal.preparation                 ? 
_exptl_crystal.size_max                    ? 
_exptl_crystal.size_mid                    ? 
_exptl_crystal.size_min                    ? 
_exptl_crystal.size_rad                    ? 
_exptl_crystal.colour_lustre               ? 
_exptl_crystal.colour_modifier             ? 
_exptl_crystal.colour_primary              ? 
_exptl_crystal.density_meas                ? 
_exptl_crystal.density_meas_esd            ? 
_exptl_crystal.density_meas_gt             ? 
_exptl_crystal.density_meas_lt             ? 
_exptl_crystal.density_meas_temp           ? 
_exptl_crystal.density_meas_temp_esd       ? 
_exptl_crystal.density_meas_temp_gt        ? 
_exptl_crystal.density_meas_temp_lt        ? 
_exptl_crystal.pdbx_crystal_image_url      ? 
_exptl_crystal.pdbx_crystal_image_format   ? 
_exptl_crystal.pdbx_mosaicity              ? 
_exptl_crystal.pdbx_mosaicity_esd          ? 
# 
_exptl_crystal_grow.apparatus       ? 
_exptl_crystal_grow.atmosphere      ? 
_exptl_crystal_grow.crystal_id      1 
_exptl_crystal_grow.details         ? 
_exptl_crystal_grow.method          'VAPOR DIFFUSION, HANGING DROP' 
_exptl_crystal_grow.method_ref      ? 
_exptl_crystal_grow.pH              ? 
_exptl_crystal_grow.pressure        ? 
_exptl_crystal_grow.pressure_esd    ? 
_exptl_crystal_grow.seeding         ? 
_exptl_crystal_grow.seeding_ref     ? 
_exptl_crystal_grow.temp            289 
_exptl_crystal_grow.temp_details    ? 
_exptl_crystal_grow.temp_esd        ? 
_exptl_crystal_grow.time            ? 
_exptl_crystal_grow.pdbx_details    '0.2 M sodium chloride, 0.1 M Bis-Tris pH 6.25, 25% w/v polyethylene glycol 3,350' 
_exptl_crystal_grow.pdbx_pH_range   ? 
# 
_diffrn.ambient_environment              ? 
_diffrn.ambient_temp                     100 
_diffrn.ambient_temp_details             ? 
_diffrn.ambient_temp_esd                 ? 
_diffrn.crystal_id                       1 
_diffrn.crystal_support                  ? 
_diffrn.crystal_treatment                ? 
_diffrn.details                          ? 
_diffrn.id                               1 
_diffrn.ambient_pressure                 ? 
_diffrn.ambient_pressure_esd             ? 
_diffrn.ambient_pressure_gt              ? 
_diffrn.ambient_pressure_lt              ? 
_diffrn.ambient_temp_gt                  ? 
_diffrn.ambient_temp_lt                  ? 
_diffrn.pdbx_serial_crystal_experiment   N 
# 
_diffrn_detector.details                      ? 
_diffrn_detector.detector                     PIXEL 
_diffrn_detector.diffrn_id                    1 
_diffrn_detector.type                         'DECTRIS EIGER X 16M' 
_diffrn_detector.area_resol_mean              ? 
_diffrn_detector.dtime                        ? 
_diffrn_detector.pdbx_frames_total            ? 
_diffrn_detector.pdbx_collection_time_total   ? 
_diffrn_detector.pdbx_collection_date         2018-05-13 
_diffrn_detector.pdbx_frequency               ? 
# 
_diffrn_radiation.collimation                      ? 
_diffrn_radiation.diffrn_id                        1 
_diffrn_radiation.filter_edge                      ? 
_diffrn_radiation.inhomogeneity                    ? 
_diffrn_radiation.monochromator                    ? 
_diffrn_radiation.polarisn_norm                    ? 
_diffrn_radiation.polarisn_ratio                   ? 
_diffrn_radiation.probe                            ? 
_diffrn_radiation.type                             ? 
_diffrn_radiation.xray_symbol                      ? 
_diffrn_radiation.wavelength_id                    1 
_diffrn_radiation.pdbx_monochromatic_or_laue_m_l   M 
_diffrn_radiation.pdbx_wavelength_list             ? 
_diffrn_radiation.pdbx_wavelength                  ? 
_diffrn_radiation.pdbx_diffrn_protocol             'SINGLE WAVELENGTH' 
_diffrn_radiation.pdbx_analyzer                    ? 
_diffrn_radiation.pdbx_scattering_type             x-ray 
# 
_diffrn_radiation_wavelength.id           1 
_diffrn_radiation_wavelength.wavelength   0.97917 
_diffrn_radiation_wavelength.wt           1.0 
# 
_diffrn_source.current                     ? 
_diffrn_source.details                     ? 
_diffrn_source.diffrn_id                   1 
_diffrn_source.power                       ? 
_diffrn_source.size                        ? 
_diffrn_source.source                      SYNCHROTRON 
_diffrn_source.target                      ? 
_diffrn_source.type                        'SSRF BEAMLINE BL17U1' 
_diffrn_source.voltage                     ? 
_diffrn_source.take-off_angle              ? 
_diffrn_source.pdbx_wavelength_list        0.97917 
_diffrn_source.pdbx_wavelength             ? 
_diffrn_source.pdbx_synchrotron_beamline   BL17U1 
_diffrn_source.pdbx_synchrotron_site       SSRF 
# 
_reflns.B_iso_Wilson_estimate            ? 
_reflns.entry_id                         6LK3 
_reflns.data_reduction_details           ? 
_reflns.data_reduction_method            ? 
_reflns.d_resolution_high                2.1 
_reflns.d_resolution_low                 39.51 
_reflns.details                          ? 
_reflns.limit_h_max                      ? 
_reflns.limit_h_min                      ? 
_reflns.limit_k_max                      ? 
_reflns.limit_k_min                      ? 
_reflns.limit_l_max                      ? 
_reflns.limit_l_min                      ? 
_reflns.number_all                       ? 
_reflns.number_obs                       9816 
_reflns.observed_criterion               ? 
_reflns.observed_criterion_F_max         ? 
_reflns.observed_criterion_F_min         ? 
_reflns.observed_criterion_I_max         ? 
_reflns.observed_criterion_I_min         ? 
_reflns.observed_criterion_sigma_F       ? 
_reflns.observed_criterion_sigma_I       ? 
_reflns.percent_possible_obs             98.1 
_reflns.R_free_details                   ? 
_reflns.Rmerge_F_all                     ? 
_reflns.Rmerge_F_obs                     ? 
_reflns.Friedel_coverage                 ? 
_reflns.number_gt                        ? 
_reflns.threshold_expression             ? 
_reflns.pdbx_redundancy                  13.3 
_reflns.pdbx_Rmerge_I_obs                0.139 
_reflns.pdbx_Rmerge_I_all                ? 
_reflns.pdbx_Rsym_value                  ? 
_reflns.pdbx_netI_over_av_sigmaI         ? 
_reflns.pdbx_netI_over_sigmaI            4.6 
_reflns.pdbx_res_netI_over_av_sigmaI_2   ? 
_reflns.pdbx_res_netI_over_sigmaI_2      ? 
_reflns.pdbx_chi_squared                 ? 
_reflns.pdbx_scaling_rejects             ? 
_reflns.pdbx_d_res_high_opt              ? 
_reflns.pdbx_d_res_low_opt               ? 
_reflns.pdbx_d_res_opt_method            ? 
_reflns.phase_calculation_details        ? 
_reflns.pdbx_Rrim_I_all                  ? 
_reflns.pdbx_Rpim_I_all                  ? 
_reflns.pdbx_d_opt                       ? 
_reflns.pdbx_number_measured_all         ? 
_reflns.pdbx_diffrn_id                   1 
_reflns.pdbx_ordinal                     1 
_reflns.pdbx_CC_half                     ? 
_reflns.pdbx_CC_star                     ? 
_reflns.pdbx_R_split                     ? 
# 
_reflns_shell.d_res_high                  2.10 
_reflns_shell.d_res_low                   2.18 
_reflns_shell.meanI_over_sigI_all         ? 
_reflns_shell.meanI_over_sigI_obs         ? 
_reflns_shell.number_measured_all         ? 
_reflns_shell.number_measured_obs         ? 
_reflns_shell.number_possible             ? 
_reflns_shell.number_unique_all           ? 
_reflns_shell.number_unique_obs           503 
_reflns_shell.percent_possible_all        ? 
_reflns_shell.percent_possible_obs        ? 
_reflns_shell.Rmerge_F_all                ? 
_reflns_shell.Rmerge_F_obs                ? 
_reflns_shell.Rmerge_I_all                ? 
_reflns_shell.Rmerge_I_obs                0.473 
_reflns_shell.meanI_over_sigI_gt          ? 
_reflns_shell.meanI_over_uI_all           ? 
_reflns_shell.meanI_over_uI_gt            ? 
_reflns_shell.number_measured_gt          ? 
_reflns_shell.number_unique_gt            ? 
_reflns_shell.percent_possible_gt         ? 
_reflns_shell.Rmerge_F_gt                 ? 
_reflns_shell.Rmerge_I_gt                 ? 
_reflns_shell.pdbx_redundancy             ? 
_reflns_shell.pdbx_Rsym_value             ? 
_reflns_shell.pdbx_chi_squared            ? 
_reflns_shell.pdbx_netI_over_sigmaI_all   ? 
_reflns_shell.pdbx_netI_over_sigmaI_obs   ? 
_reflns_shell.pdbx_Rrim_I_all             ? 
_reflns_shell.pdbx_Rpim_I_all             ? 
_reflns_shell.pdbx_rejects                ? 
_reflns_shell.pdbx_ordinal                1 
_reflns_shell.pdbx_diffrn_id              1 
_reflns_shell.pdbx_CC_half                ? 
_reflns_shell.pdbx_CC_star                ? 
_reflns_shell.pdbx_R_split                ? 
# 
_refine.aniso_B[1][1]                            -0.0500 
_refine.aniso_B[1][2]                            0.0000 
_refine.aniso_B[1][3]                            -0.0200 
_refine.aniso_B[2][2]                            0.0700 
_refine.aniso_B[2][3]                            -0.0000 
_refine.aniso_B[3][3]                            0.0000 
_refine.B_iso_max                                77.450 
_refine.B_iso_mean                               24.9820 
_refine.B_iso_min                                9.640 
_refine.correlation_coeff_Fo_to_Fc               0.9630 
_refine.correlation_coeff_Fo_to_Fc_free          0.9370 
_refine.details                                  
'HYDROGENS HAVE BEEN ADDED IN THE RIDING POSITIONS U VALUES      : REFINED INDIVIDUALLY' 
_refine.diff_density_max                         ? 
_refine.diff_density_max_esd                     ? 
_refine.diff_density_min                         ? 
_refine.diff_density_min_esd                     ? 
_refine.diff_density_rms                         ? 
_refine.diff_density_rms_esd                     ? 
_refine.entry_id                                 6LK3 
_refine.pdbx_refine_id                           'X-RAY DIFFRACTION' 
_refine.ls_abs_structure_details                 ? 
_refine.ls_abs_structure_Flack                   ? 
_refine.ls_abs_structure_Flack_esd               ? 
_refine.ls_abs_structure_Rogers                  ? 
_refine.ls_abs_structure_Rogers_esd              ? 
_refine.ls_d_res_high                            2.1000 
_refine.ls_d_res_low                             39.5100 
_refine.ls_extinction_coef                       ? 
_refine.ls_extinction_coef_esd                   ? 
_refine.ls_extinction_expression                 ? 
_refine.ls_extinction_method                     ? 
_refine.ls_goodness_of_fit_all                   ? 
_refine.ls_goodness_of_fit_all_esd               ? 
_refine.ls_goodness_of_fit_obs                   ? 
_refine.ls_goodness_of_fit_obs_esd               ? 
_refine.ls_hydrogen_treatment                    ? 
_refine.ls_matrix_type                           ? 
_refine.ls_number_constraints                    ? 
_refine.ls_number_parameters                     ? 
_refine.ls_number_reflns_all                     ? 
_refine.ls_number_reflns_obs                     9128 
_refine.ls_number_reflns_R_free                  478 
_refine.ls_number_reflns_R_work                  ? 
_refine.ls_number_restraints                     ? 
_refine.ls_percent_reflns_obs                    97.9100 
_refine.ls_percent_reflns_R_free                 5.0000 
_refine.ls_R_factor_all                          ? 
_refine.ls_R_factor_obs                          0.1519 
_refine.ls_R_factor_R_free                       0.2021 
_refine.ls_R_factor_R_free_error                 ? 
_refine.ls_R_factor_R_free_error_details         ? 
_refine.ls_R_factor_R_work                       0.1493 
_refine.ls_R_Fsqd_factor_obs                     ? 
_refine.ls_R_I_factor_obs                        ? 
_refine.ls_redundancy_reflns_all                 ? 
_refine.ls_redundancy_reflns_obs                 ? 
_refine.ls_restrained_S_all                      ? 
_refine.ls_restrained_S_obs                      ? 
_refine.ls_shift_over_esd_max                    ? 
_refine.ls_shift_over_esd_mean                   ? 
_refine.ls_structure_factor_coef                 ? 
_refine.ls_weighting_details                     ? 
_refine.ls_weighting_scheme                      ? 
_refine.ls_wR_factor_all                         ? 
_refine.ls_wR_factor_obs                         ? 
_refine.ls_wR_factor_R_free                      ? 
_refine.ls_wR_factor_R_work                      ? 
_refine.occupancy_max                            ? 
_refine.occupancy_min                            ? 
_refine.solvent_model_details                    MASK 
_refine.solvent_model_param_bsol                 ? 
_refine.solvent_model_param_ksol                 ? 
_refine.pdbx_R_complete                          ? 
_refine.ls_R_factor_gt                           ? 
_refine.ls_goodness_of_fit_gt                    ? 
_refine.ls_goodness_of_fit_ref                   ? 
_refine.ls_shift_over_su_max                     ? 
_refine.ls_shift_over_su_max_lt                  ? 
_refine.ls_shift_over_su_mean                    ? 
_refine.ls_shift_over_su_mean_lt                 ? 
_refine.pdbx_ls_sigma_I                          ? 
_refine.pdbx_ls_sigma_F                          0.000 
_refine.pdbx_ls_sigma_Fsqd                       ? 
_refine.pdbx_data_cutoff_high_absF               ? 
_refine.pdbx_data_cutoff_high_rms_absF           ? 
_refine.pdbx_data_cutoff_low_absF                ? 
_refine.pdbx_isotropic_thermal_model             ? 
_refine.pdbx_ls_cross_valid_method               THROUGHOUT 
_refine.pdbx_method_to_determine_struct          SAD 
_refine.pdbx_starting_model                      ? 
_refine.pdbx_stereochemistry_target_values       'MAXIMUM LIKELIHOOD' 
_refine.pdbx_R_Free_selection_details            RANDOM 
_refine.pdbx_stereochem_target_val_spec_case     ? 
_refine.pdbx_overall_ESU_R                       0.1860 
_refine.pdbx_overall_ESU_R_Free                  0.1650 
_refine.pdbx_solvent_vdw_probe_radii             1.2000 
_refine.pdbx_solvent_ion_probe_radii             0.8000 
_refine.pdbx_solvent_shrinkage_radii             0.8000 
_refine.pdbx_real_space_R                        ? 
_refine.pdbx_density_correlation                 ? 
_refine.pdbx_pd_number_of_powder_patterns        ? 
_refine.pdbx_pd_number_of_points                 ? 
_refine.pdbx_pd_meas_number_of_points            ? 
_refine.pdbx_pd_proc_ls_prof_R_factor            ? 
_refine.pdbx_pd_proc_ls_prof_wR_factor           ? 
_refine.pdbx_pd_Marquardt_correlation_coeff      ? 
_refine.pdbx_pd_Fsqrd_R_factor                   ? 
_refine.pdbx_pd_ls_matrix_band_width             ? 
_refine.pdbx_overall_phase_error                 ? 
_refine.pdbx_overall_SU_R_free_Cruickshank_DPI   ? 
_refine.pdbx_overall_SU_R_free_Blow_DPI          ? 
_refine.pdbx_overall_SU_R_Blow_DPI               ? 
_refine.pdbx_TLS_residual_ADP_flag               ? 
_refine.pdbx_diffrn_id                           1 
_refine.overall_SU_B                             3.8520 
_refine.overall_SU_ML                            0.1050 
_refine.overall_SU_R_Cruickshank_DPI             ? 
_refine.overall_SU_R_free                        ? 
_refine.overall_FOM_free_R_set                   ? 
_refine.overall_FOM_work_R_set                   ? 
_refine.pdbx_average_fsc_overall                 ? 
_refine.pdbx_average_fsc_work                    ? 
_refine.pdbx_average_fsc_free                    ? 
# 
_refine_hist.pdbx_refine_id                   'X-RAY DIFFRACTION' 
_refine_hist.cycle_id                         final 
_refine_hist.details                          ? 
_refine_hist.d_res_high                       2.1000 
_refine_hist.d_res_low                        39.5100 
_refine_hist.number_atoms_solvent             101 
_refine_hist.number_atoms_total               1297 
_refine_hist.number_reflns_all                ? 
_refine_hist.number_reflns_obs                ? 
_refine_hist.number_reflns_R_free             ? 
_refine_hist.number_reflns_R_work             ? 
_refine_hist.R_factor_all                     ? 
_refine_hist.R_factor_obs                     ? 
_refine_hist.R_factor_R_free                  ? 
_refine_hist.R_factor_R_work                  ? 
_refine_hist.pdbx_number_residues_total       151 
_refine_hist.pdbx_B_iso_mean_ligand           ? 
_refine_hist.pdbx_B_iso_mean_solvent          34.87 
_refine_hist.pdbx_number_atoms_protein        1196 
_refine_hist.pdbx_number_atoms_nucleic_acid   0 
_refine_hist.pdbx_number_atoms_ligand         0 
_refine_hist.pdbx_number_atoms_lipid          ? 
_refine_hist.pdbx_number_atoms_carb           ? 
_refine_hist.pdbx_pseudo_atom_details         ? 
# 
loop_
_refine_ls_restr.pdbx_refine_id 
_refine_ls_restr.criterion 
_refine_ls_restr.dev_ideal 
_refine_ls_restr.dev_ideal_target 
_refine_ls_restr.number 
_refine_ls_restr.rejects 
_refine_ls_restr.type 
_refine_ls_restr.weight 
_refine_ls_restr.pdbx_restraint_function 
'X-RAY DIFFRACTION' ? 0.019  0.019  1205 ? r_bond_refined_d       ? ? 
'X-RAY DIFFRACTION' ? 0.003  0.020  1195 ? r_bond_other_d         ? ? 
'X-RAY DIFFRACTION' ? 1.900  2.003  1631 ? r_angle_refined_deg    ? ? 
'X-RAY DIFFRACTION' ? 1.066  3.000  2756 ? r_angle_other_deg      ? ? 
'X-RAY DIFFRACTION' ? 5.426  5.000  149  ? r_dihedral_angle_1_deg ? ? 
'X-RAY DIFFRACTION' ? 28.751 24.643 56   ? r_dihedral_angle_2_deg ? ? 
'X-RAY DIFFRACTION' ? 14.988 15.000 233  ? r_dihedral_angle_3_deg ? ? 
'X-RAY DIFFRACTION' ? 10.684 15.000 12   ? r_dihedral_angle_4_deg ? ? 
'X-RAY DIFFRACTION' ? 0.109  0.200  202  ? r_chiral_restr         ? ? 
'X-RAY DIFFRACTION' ? 0.009  0.020  1312 ? r_gen_planes_refined   ? ? 
'X-RAY DIFFRACTION' ? 0.001  0.020  224  ? r_gen_planes_other     ? ? 
# 
_refine_ls_shell.pdbx_refine_id                   'X-RAY DIFFRACTION' 
_refine_ls_shell.d_res_high                       2.1000 
_refine_ls_shell.d_res_low                        2.1500 
_refine_ls_shell.number_reflns_all                ? 
_refine_ls_shell.number_reflns_obs                ? 
_refine_ls_shell.number_reflns_R_free             25 
_refine_ls_shell.number_reflns_R_work             653 
_refine_ls_shell.percent_reflns_obs               93.2600 
_refine_ls_shell.percent_reflns_R_free            ? 
_refine_ls_shell.R_factor_all                     ? 
_refine_ls_shell.R_factor_obs                     ? 
_refine_ls_shell.R_factor_R_free                  0.2850 
_refine_ls_shell.R_factor_R_free_error            0.0000 
_refine_ls_shell.R_factor_R_work                  0.1410 
_refine_ls_shell.redundancy_reflns_all            ? 
_refine_ls_shell.redundancy_reflns_obs            ? 
_refine_ls_shell.wR_factor_all                    ? 
_refine_ls_shell.wR_factor_obs                    ? 
_refine_ls_shell.wR_factor_R_free                 ? 
_refine_ls_shell.wR_factor_R_work                 ? 
_refine_ls_shell.pdbx_R_complete                  ? 
_refine_ls_shell.pdbx_total_number_of_bins_used   ? 
_refine_ls_shell.pdbx_phase_error                 ? 
_refine_ls_shell.pdbx_fsc_work                    ? 
_refine_ls_shell.pdbx_fsc_free                    ? 
# 
_struct.entry_id                     6LK3 
_struct.title                        
'The Functional Characterization and Crystal Structure of Type II Peptidyl Carrier Protein ColA1a in Collismycins Biosynthesis' 
_struct.pdbx_model_details           ? 
_struct.pdbx_formula_weight          ? 
_struct.pdbx_formula_weight_method   ? 
_struct.pdbx_model_type_details      ? 
_struct.pdbx_CASP_flag               N 
# 
_struct_keywords.entry_id        6LK3 
_struct_keywords.text            'Biosynthesis, ColA1a, Collismycins, NRPS, Peptidyl Carrier Protein, BIOSYNTHETIC PROTEIN' 
_struct_keywords.pdbx_keywords   'BIOSYNTHETIC PROTEIN' 
# 
loop_
_struct_asym.id 
_struct_asym.pdbx_blank_PDB_chainid_flag 
_struct_asym.pdbx_modified 
_struct_asym.entity_id 
_struct_asym.details 
A N N 1 ? 
B N N 1 ? 
C N N 2 ? 
D N N 2 ? 
# 
_struct_ref.id                         1 
_struct_ref.db_name                    UNP 
_struct_ref.db_code                    H1ZYT7_9ACTN 
_struct_ref.pdbx_db_accession          H1ZYT7 
_struct_ref.pdbx_db_isoform            ? 
_struct_ref.entity_id                  1 
_struct_ref.pdbx_seq_one_letter_code   
;MPSGNQGAAVSVDVLKQLLLDIGIAERTLTEIEPGTRLRADLGLSSVETTDLEIQLRERFGVRINLWDKADYTMEQLAAG
IREMPR
;
_struct_ref.pdbx_align_begin           1 
# 
loop_
_struct_ref_seq.align_id 
_struct_ref_seq.ref_id 
_struct_ref_seq.pdbx_PDB_id_code 
_struct_ref_seq.pdbx_strand_id 
_struct_ref_seq.seq_align_beg 
_struct_ref_seq.pdbx_seq_align_beg_ins_code 
_struct_ref_seq.seq_align_end 
_struct_ref_seq.pdbx_seq_align_end_ins_code 
_struct_ref_seq.pdbx_db_accession 
_struct_ref_seq.db_align_beg 
_struct_ref_seq.pdbx_db_align_beg_ins_code 
_struct_ref_seq.db_align_end 
_struct_ref_seq.pdbx_db_align_end_ins_code 
_struct_ref_seq.pdbx_auth_seq_align_beg 
_struct_ref_seq.pdbx_auth_seq_align_end 
1 1 6LK3 A 21 ? 106 ? H1ZYT7 1 ? 86 ? 21 106 
2 1 6LK3 B 21 ? 106 ? H1ZYT7 1 ? 86 ? 21 106 
# 
loop_
_struct_ref_seq_dif.align_id 
_struct_ref_seq_dif.pdbx_pdb_id_code 
_struct_ref_seq_dif.mon_id 
_struct_ref_seq_dif.pdbx_pdb_strand_id 
_struct_ref_seq_dif.seq_num 
_struct_ref_seq_dif.pdbx_pdb_ins_code 
_struct_ref_seq_dif.pdbx_seq_db_name 
_struct_ref_seq_dif.pdbx_seq_db_accession_code 
_struct_ref_seq_dif.db_mon_id 
_struct_ref_seq_dif.pdbx_seq_db_seq_num 
_struct_ref_seq_dif.details 
_struct_ref_seq_dif.pdbx_auth_seq_num 
_struct_ref_seq_dif.pdbx_ordinal 
1 6LK3 GLY A 1   ? UNP H1ZYT7 ?   ?  'expression tag'       1   1  
1 6LK3 SER A 2   ? UNP H1ZYT7 ?   ?  'expression tag'       2   2  
1 6LK3 HIS A 3   ? UNP H1ZYT7 ?   ?  'expression tag'       3   3  
1 6LK3 MET A 4   ? UNP H1ZYT7 ?   ?  'expression tag'       4   4  
1 6LK3 ALA A 5   ? UNP H1ZYT7 ?   ?  'expression tag'       5   5  
1 6LK3 SER A 6   ? UNP H1ZYT7 ?   ?  'expression tag'       6   6  
1 6LK3 MET A 7   ? UNP H1ZYT7 ?   ?  'expression tag'       7   7  
1 6LK3 THR A 8   ? UNP H1ZYT7 ?   ?  'expression tag'       8   8  
1 6LK3 GLY A 9   ? UNP H1ZYT7 ?   ?  'expression tag'       9   9  
1 6LK3 GLY A 10  ? UNP H1ZYT7 ?   ?  'expression tag'       10  10 
1 6LK3 GLN A 11  ? UNP H1ZYT7 ?   ?  'expression tag'       11  11 
1 6LK3 GLN A 12  ? UNP H1ZYT7 ?   ?  'expression tag'       12  12 
1 6LK3 MET A 13  ? UNP H1ZYT7 ?   ?  'expression tag'       13  13 
1 6LK3 GLY A 14  ? UNP H1ZYT7 ?   ?  'expression tag'       14  14 
1 6LK3 ARG A 15  ? UNP H1ZYT7 ?   ?  'expression tag'       15  15 
1 6LK3 GLY A 16  ? UNP H1ZYT7 ?   ?  'expression tag'       16  16 
1 6LK3 SER A 17  ? UNP H1ZYT7 ?   ?  'expression tag'       17  17 
1 6LK3 GLU A 18  ? UNP H1ZYT7 ?   ?  'expression tag'       18  18 
1 6LK3 PHE A 19  ? UNP H1ZYT7 ?   ?  'expression tag'       19  19 
1 6LK3 HIS A 20  ? UNP H1ZYT7 ?   ?  'expression tag'       20  20 
1 6LK3 GLN A 47  ? UNP H1ZYT7 ARG 27 'See sequence details' 47  21 
1 6LK3 VAL A 99  ? UNP H1ZYT7 ALA 79 'See sequence details' 99  22 
1 6LK3 LEU A 107 ? UNP H1ZYT7 ?   ?  'expression tag'       107 23 
1 6LK3 GLU A 108 ? UNP H1ZYT7 ?   ?  'expression tag'       108 24 
2 6LK3 GLY B 1   ? UNP H1ZYT7 ?   ?  'expression tag'       1   25 
2 6LK3 SER B 2   ? UNP H1ZYT7 ?   ?  'expression tag'       2   26 
2 6LK3 HIS B 3   ? UNP H1ZYT7 ?   ?  'expression tag'       3   27 
2 6LK3 MET B 4   ? UNP H1ZYT7 ?   ?  'expression tag'       4   28 
2 6LK3 ALA B 5   ? UNP H1ZYT7 ?   ?  'expression tag'       5   29 
2 6LK3 SER B 6   ? UNP H1ZYT7 ?   ?  'expression tag'       6   30 
2 6LK3 MET B 7   ? UNP H1ZYT7 ?   ?  'expression tag'       7   31 
2 6LK3 THR B 8   ? UNP H1ZYT7 ?   ?  'expression tag'       8   32 
2 6LK3 GLY B 9   ? UNP H1ZYT7 ?   ?  'expression tag'       9   33 
2 6LK3 GLY B 10  ? UNP H1ZYT7 ?   ?  'expression tag'       10  34 
2 6LK3 GLN B 11  ? UNP H1ZYT7 ?   ?  'expression tag'       11  35 
2 6LK3 GLN B 12  ? UNP H1ZYT7 ?   ?  'expression tag'       12  36 
2 6LK3 MET B 13  ? UNP H1ZYT7 ?   ?  'expression tag'       13  37 
2 6LK3 GLY B 14  ? UNP H1ZYT7 ?   ?  'expression tag'       14  38 
2 6LK3 ARG B 15  ? UNP H1ZYT7 ?   ?  'expression tag'       15  39 
2 6LK3 GLY B 16  ? UNP H1ZYT7 ?   ?  'expression tag'       16  40 
2 6LK3 SER B 17  ? UNP H1ZYT7 ?   ?  'expression tag'       17  41 
2 6LK3 GLU B 18  ? UNP H1ZYT7 ?   ?  'expression tag'       18  42 
2 6LK3 PHE B 19  ? UNP H1ZYT7 ?   ?  'expression tag'       19  43 
2 6LK3 HIS B 20  ? UNP H1ZYT7 ?   ?  'expression tag'       20  44 
2 6LK3 GLN B 47  ? UNP H1ZYT7 ARG 27 'See sequence details' 47  45 
2 6LK3 VAL B 99  ? UNP H1ZYT7 ALA 79 'See sequence details' 99  46 
2 6LK3 LEU B 107 ? UNP H1ZYT7 ?   ?  'expression tag'       107 47 
2 6LK3 GLU B 108 ? UNP H1ZYT7 ?   ?  'expression tag'       108 48 
# 
_pdbx_struct_assembly.id                   1 
_pdbx_struct_assembly.details              author_defined_assembly 
_pdbx_struct_assembly.method_details       ? 
_pdbx_struct_assembly.oligomeric_details   dimeric 
_pdbx_struct_assembly.oligomeric_count     2 
# 
_pdbx_struct_assembly_gen.assembly_id       1 
_pdbx_struct_assembly_gen.oper_expression   1 
_pdbx_struct_assembly_gen.asym_id_list      A,B,C,D 
# 
_pdbx_struct_assembly_auth_evidence.id                     1 
_pdbx_struct_assembly_auth_evidence.assembly_id            1 
_pdbx_struct_assembly_auth_evidence.experimental_support   'gel filtration' 
_pdbx_struct_assembly_auth_evidence.details                'The biological assembly predicted by gel filtration is dimeric.' 
# 
_pdbx_struct_oper_list.id                   1 
_pdbx_struct_oper_list.type                 'identity operation' 
_pdbx_struct_oper_list.name                 1_555 
_pdbx_struct_oper_list.symmetry_operation   x,y,z 
_pdbx_struct_oper_list.matrix[1][1]         1.0000000000 
_pdbx_struct_oper_list.matrix[1][2]         0.0000000000 
_pdbx_struct_oper_list.matrix[1][3]         0.0000000000 
_pdbx_struct_oper_list.vector[1]            0.0000000000 
_pdbx_struct_oper_list.matrix[2][1]         0.0000000000 
_pdbx_struct_oper_list.matrix[2][2]         1.0000000000 
_pdbx_struct_oper_list.matrix[2][3]         0.0000000000 
_pdbx_struct_oper_list.vector[2]            0.0000000000 
_pdbx_struct_oper_list.matrix[3][1]         0.0000000000 
_pdbx_struct_oper_list.matrix[3][2]         0.0000000000 
_pdbx_struct_oper_list.matrix[3][3]         1.0000000000 
_pdbx_struct_oper_list.vector[3]            0.0000000000 
# 
loop_
_struct_conf.conf_type_id 
_struct_conf.id 
_struct_conf.pdbx_PDB_helix_id 
_struct_conf.beg_label_comp_id 
_struct_conf.beg_label_asym_id 
_struct_conf.beg_label_seq_id 
_struct_conf.pdbx_beg_PDB_ins_code 
_struct_conf.end_label_comp_id 
_struct_conf.end_label_asym_id 
_struct_conf.end_label_seq_id 
_struct_conf.pdbx_end_PDB_ins_code 
_struct_conf.beg_auth_comp_id 
_struct_conf.beg_auth_asym_id 
_struct_conf.beg_auth_seq_id 
_struct_conf.end_auth_comp_id 
_struct_conf.end_auth_asym_id 
_struct_conf.end_auth_seq_id 
_struct_conf.pdbx_PDB_helix_class 
_struct_conf.details 
_struct_conf.pdbx_PDB_helix_length 
HELX_P HELX_P1 AA1 SER A 31 ? ILE A 42  ? SER A 31 ILE A 42  1 ? 12 
HELX_P HELX_P2 AA2 ALA A 45 ? THR A 50  ? ALA A 45 THR A 50  1 ? 6  
HELX_P HELX_P3 AA3 SER A 65 ? GLY A 81  ? SER A 65 GLY A 81  1 ? 17 
HELX_P HELX_P4 AA4 THR A 93 ? ILE A 101 ? THR A 93 ILE A 101 1 ? 9  
HELX_P HELX_P5 AA5 VAL B 32 ? ILE B 42  ? VAL B 32 ILE B 42  1 ? 11 
HELX_P HELX_P6 AA6 ALA B 45 ? THR B 50  ? ALA B 45 THR B 50  5 ? 6  
HELX_P HELX_P7 AA7 SER B 65 ? GLY B 81  ? SER B 65 GLY B 81  1 ? 17 
HELX_P HELX_P8 AA8 THR B 93 ? MET B 104 ? THR B 93 MET B 104 1 ? 12 
# 
_struct_conf_type.id          HELX_P 
_struct_conf_type.criteria    ? 
_struct_conf_type.reference   ? 
# 
_pdbx_validate_torsion.id              1 
_pdbx_validate_torsion.PDB_model_num   1 
_pdbx_validate_torsion.auth_comp_id    LEU 
_pdbx_validate_torsion.auth_asym_id    B 
_pdbx_validate_torsion.auth_seq_id     107 
_pdbx_validate_torsion.PDB_ins_code    ? 
_pdbx_validate_torsion.label_alt_id    ? 
_pdbx_validate_torsion.phi             -104.77 
_pdbx_validate_torsion.psi             74.90 
# 
_pdbx_entry_details.compound_details         ? 
_pdbx_entry_details.entry_id                 6LK3 
_pdbx_entry_details.has_ligand_of_interest   ? 
_pdbx_entry_details.nonpolymer_details       ? 
_pdbx_entry_details.sequence_details         
;The source organism is Streptomyces roseosporus NRRL 11379. So,  There is no genome sequence of Streptomyces roseosporus NRRL 11379 in the database.
;
_pdbx_entry_details.source_details           ? 
# 
loop_
_pdbx_unobs_or_zero_occ_residues.id 
_pdbx_unobs_or_zero_occ_residues.PDB_model_num 
_pdbx_unobs_or_zero_occ_residues.polymer_flag 
_pdbx_unobs_or_zero_occ_residues.occupancy_flag 
_pdbx_unobs_or_zero_occ_residues.auth_asym_id 
_pdbx_unobs_or_zero_occ_residues.auth_comp_id 
_pdbx_unobs_or_zero_occ_residues.auth_seq_id 
_pdbx_unobs_or_zero_occ_residues.PDB_ins_code 
_pdbx_unobs_or_zero_occ_residues.label_asym_id 
_pdbx_unobs_or_zero_occ_residues.label_comp_id 
_pdbx_unobs_or_zero_occ_residues.label_seq_id 
1  1 Y 1 A GLY 1   ? A GLY 1   
2  1 Y 1 A SER 2   ? A SER 2   
3  1 Y 1 A HIS 3   ? A HIS 3   
4  1 Y 1 A MET 4   ? A MET 4   
5  1 Y 1 A ALA 5   ? A ALA 5   
6  1 Y 1 A SER 6   ? A SER 6   
7  1 Y 1 A MET 7   ? A MET 7   
8  1 Y 1 A THR 8   ? A THR 8   
9  1 Y 1 A GLY 9   ? A GLY 9   
10 1 Y 1 A GLY 10  ? A GLY 10  
11 1 Y 1 A GLN 11  ? A GLN 11  
12 1 Y 1 A GLN 12  ? A GLN 12  
13 1 Y 1 A MET 13  ? A MET 13  
14 1 Y 1 A GLY 14  ? A GLY 14  
15 1 Y 1 A ARG 15  ? A ARG 15  
16 1 Y 1 A GLY 16  ? A GLY 16  
17 1 Y 1 A SER 17  ? A SER 17  
18 1 Y 1 A GLU 18  ? A GLU 18  
19 1 Y 1 A PHE 19  ? A PHE 19  
20 1 Y 1 A HIS 20  ? A HIS 20  
21 1 Y 1 A MET 21  ? A MET 21  
22 1 Y 1 A PRO 22  ? A PRO 22  
23 1 Y 1 A SER 23  ? A SER 23  
24 1 Y 1 A GLY 24  ? A GLY 24  
25 1 Y 1 A ASN 25  ? A ASN 25  
26 1 Y 1 A GLN 26  ? A GLN 26  
27 1 Y 1 A GLY 27  ? A GLY 27  
28 1 Y 1 A ALA 28  ? A ALA 28  
29 1 Y 1 A ALA 29  ? A ALA 29  
30 1 Y 1 A ARG 102 ? A ARG 102 
31 1 Y 1 A GLU 103 ? A GLU 103 
32 1 Y 1 A MET 104 ? A MET 104 
33 1 Y 1 A PRO 105 ? A PRO 105 
34 1 Y 1 A ARG 106 ? A ARG 106 
35 1 Y 1 A LEU 107 ? A LEU 107 
36 1 Y 1 A GLU 108 ? A GLU 108 
37 1 Y 1 B GLY 1   ? B GLY 1   
38 1 Y 1 B SER 2   ? B SER 2   
39 1 Y 1 B HIS 3   ? B HIS 3   
40 1 Y 1 B MET 4   ? B MET 4   
41 1 Y 1 B ALA 5   ? B ALA 5   
42 1 Y 1 B SER 6   ? B SER 6   
43 1 Y 1 B MET 7   ? B MET 7   
44 1 Y 1 B THR 8   ? B THR 8   
45 1 Y 1 B GLY 9   ? B GLY 9   
46 1 Y 1 B GLY 10  ? B GLY 10  
47 1 Y 1 B GLN 11  ? B GLN 11  
48 1 Y 1 B GLN 12  ? B GLN 12  
49 1 Y 1 B MET 13  ? B MET 13  
50 1 Y 1 B GLY 14  ? B GLY 14  
51 1 Y 1 B ARG 15  ? B ARG 15  
52 1 Y 1 B GLY 16  ? B GLY 16  
53 1 Y 1 B SER 17  ? B SER 17  
54 1 Y 1 B GLU 18  ? B GLU 18  
55 1 Y 1 B PHE 19  ? B PHE 19  
56 1 Y 1 B HIS 20  ? B HIS 20  
57 1 Y 1 B MET 21  ? B MET 21  
58 1 Y 1 B PRO 22  ? B PRO 22  
59 1 Y 1 B SER 23  ? B SER 23  
60 1 Y 1 B GLY 24  ? B GLY 24  
61 1 Y 1 B ASN 25  ? B ASN 25  
62 1 Y 1 B GLN 26  ? B GLN 26  
63 1 Y 1 B GLY 27  ? B GLY 27  
64 1 Y 1 B ALA 28  ? B ALA 28  
65 1 Y 1 B ALA 29  ? B ALA 29  
# 
loop_
_chem_comp_atom.comp_id 
_chem_comp_atom.atom_id 
_chem_comp_atom.type_symbol 
_chem_comp_atom.pdbx_aromatic_flag 
_chem_comp_atom.pdbx_stereo_config 
_chem_comp_atom.pdbx_ordinal 
ALA N    N N N 1   
ALA CA   C N S 2   
ALA C    C N N 3   
ALA O    O N N 4   
ALA CB   C N N 5   
ALA OXT  O N N 6   
ALA H    H N N 7   
ALA H2   H N N 8   
ALA HA   H N N 9   
ALA HB1  H N N 10  
ALA HB2  H N N 11  
ALA HB3  H N N 12  
ALA HXT  H N N 13  
ARG N    N N N 14  
ARG CA   C N S 15  
ARG C    C N N 16  
ARG O    O N N 17  
ARG CB   C N N 18  
ARG CG   C N N 19  
ARG CD   C N N 20  
ARG NE   N N N 21  
ARG CZ   C N N 22  
ARG NH1  N N N 23  
ARG NH2  N N N 24  
ARG OXT  O N N 25  
ARG H    H N N 26  
ARG H2   H N N 27  
ARG HA   H N N 28  
ARG HB2  H N N 29  
ARG HB3  H N N 30  
ARG HG2  H N N 31  
ARG HG3  H N N 32  
ARG HD2  H N N 33  
ARG HD3  H N N 34  
ARG HE   H N N 35  
ARG HH11 H N N 36  
ARG HH12 H N N 37  
ARG HH21 H N N 38  
ARG HH22 H N N 39  
ARG HXT  H N N 40  
ASN N    N N N 41  
ASN CA   C N S 42  
ASN C    C N N 43  
ASN O    O N N 44  
ASN CB   C N N 45  
ASN CG   C N N 46  
ASN OD1  O N N 47  
ASN ND2  N N N 48  
ASN OXT  O N N 49  
ASN H    H N N 50  
ASN H2   H N N 51  
ASN HA   H N N 52  
ASN HB2  H N N 53  
ASN HB3  H N N 54  
ASN HD21 H N N 55  
ASN HD22 H N N 56  
ASN HXT  H N N 57  
ASP N    N N N 58  
ASP CA   C N S 59  
ASP C    C N N 60  
ASP O    O N N 61  
ASP CB   C N N 62  
ASP CG   C N N 63  
ASP OD1  O N N 64  
ASP OD2  O N N 65  
ASP OXT  O N N 66  
ASP H    H N N 67  
ASP H2   H N N 68  
ASP HA   H N N 69  
ASP HB2  H N N 70  
ASP HB3  H N N 71  
ASP HD2  H N N 72  
ASP HXT  H N N 73  
GLN N    N N N 74  
GLN CA   C N S 75  
GLN C    C N N 76  
GLN O    O N N 77  
GLN CB   C N N 78  
GLN CG   C N N 79  
GLN CD   C N N 80  
GLN OE1  O N N 81  
GLN NE2  N N N 82  
GLN OXT  O N N 83  
GLN H    H N N 84  
GLN H2   H N N 85  
GLN HA   H N N 86  
GLN HB2  H N N 87  
GLN HB3  H N N 88  
GLN HG2  H N N 89  
GLN HG3  H N N 90  
GLN HE21 H N N 91  
GLN HE22 H N N 92  
GLN HXT  H N N 93  
GLU N    N N N 94  
GLU CA   C N S 95  
GLU C    C N N 96  
GLU O    O N N 97  
GLU CB   C N N 98  
GLU CG   C N N 99  
GLU CD   C N N 100 
GLU OE1  O N N 101 
GLU OE2  O N N 102 
GLU OXT  O N N 103 
GLU H    H N N 104 
GLU H2   H N N 105 
GLU HA   H N N 106 
GLU HB2  H N N 107 
GLU HB3  H N N 108 
GLU HG2  H N N 109 
GLU HG3  H N N 110 
GLU HE2  H N N 111 
GLU HXT  H N N 112 
GLY N    N N N 113 
GLY CA   C N N 114 
GLY C    C N N 115 
GLY O    O N N 116 
GLY OXT  O N N 117 
GLY H    H N N 118 
GLY H2   H N N 119 
GLY HA2  H N N 120 
GLY HA3  H N N 121 
GLY HXT  H N N 122 
HIS N    N N N 123 
HIS CA   C N S 124 
HIS C    C N N 125 
HIS O    O N N 126 
HIS CB   C N N 127 
HIS CG   C Y N 128 
HIS ND1  N Y N 129 
HIS CD2  C Y N 130 
HIS CE1  C Y N 131 
HIS NE2  N Y N 132 
HIS OXT  O N N 133 
HIS H    H N N 134 
HIS H2   H N N 135 
HIS HA   H N N 136 
HIS HB2  H N N 137 
HIS HB3  H N N 138 
HIS HD1  H N N 139 
HIS HD2  H N N 140 
HIS HE1  H N N 141 
HIS HE2  H N N 142 
HIS HXT  H N N 143 
HOH O    O N N 144 
HOH H1   H N N 145 
HOH H2   H N N 146 
ILE N    N N N 147 
ILE CA   C N S 148 
ILE C    C N N 149 
ILE O    O N N 150 
ILE CB   C N S 151 
ILE CG1  C N N 152 
ILE CG2  C N N 153 
ILE CD1  C N N 154 
ILE OXT  O N N 155 
ILE H    H N N 156 
ILE H2   H N N 157 
ILE HA   H N N 158 
ILE HB   H N N 159 
ILE HG12 H N N 160 
ILE HG13 H N N 161 
ILE HG21 H N N 162 
ILE HG22 H N N 163 
ILE HG23 H N N 164 
ILE HD11 H N N 165 
ILE HD12 H N N 166 
ILE HD13 H N N 167 
ILE HXT  H N N 168 
LEU N    N N N 169 
LEU CA   C N S 170 
LEU C    C N N 171 
LEU O    O N N 172 
LEU CB   C N N 173 
LEU CG   C N N 174 
LEU CD1  C N N 175 
LEU CD2  C N N 176 
LEU OXT  O N N 177 
LEU H    H N N 178 
LEU H2   H N N 179 
LEU HA   H N N 180 
LEU HB2  H N N 181 
LEU HB3  H N N 182 
LEU HG   H N N 183 
LEU HD11 H N N 184 
LEU HD12 H N N 185 
LEU HD13 H N N 186 
LEU HD21 H N N 187 
LEU HD22 H N N 188 
LEU HD23 H N N 189 
LEU HXT  H N N 190 
LYS N    N N N 191 
LYS CA   C N S 192 
LYS C    C N N 193 
LYS O    O N N 194 
LYS CB   C N N 195 
LYS CG   C N N 196 
LYS CD   C N N 197 
LYS CE   C N N 198 
LYS NZ   N N N 199 
LYS OXT  O N N 200 
LYS H    H N N 201 
LYS H2   H N N 202 
LYS HA   H N N 203 
LYS HB2  H N N 204 
LYS HB3  H N N 205 
LYS HG2  H N N 206 
LYS HG3  H N N 207 
LYS HD2  H N N 208 
LYS HD3  H N N 209 
LYS HE2  H N N 210 
LYS HE3  H N N 211 
LYS HZ1  H N N 212 
LYS HZ2  H N N 213 
LYS HZ3  H N N 214 
LYS HXT  H N N 215 
MET N    N N N 216 
MET CA   C N S 217 
MET C    C N N 218 
MET O    O N N 219 
MET CB   C N N 220 
MET CG   C N N 221 
MET SD   S N N 222 
MET CE   C N N 223 
MET OXT  O N N 224 
MET H    H N N 225 
MET H2   H N N 226 
MET HA   H N N 227 
MET HB2  H N N 228 
MET HB3  H N N 229 
MET HG2  H N N 230 
MET HG3  H N N 231 
MET HE1  H N N 232 
MET HE2  H N N 233 
MET HE3  H N N 234 
MET HXT  H N N 235 
PHE N    N N N 236 
PHE CA   C N S 237 
PHE C    C N N 238 
PHE O    O N N 239 
PHE CB   C N N 240 
PHE CG   C Y N 241 
PHE CD1  C Y N 242 
PHE CD2  C Y N 243 
PHE CE1  C Y N 244 
PHE CE2  C Y N 245 
PHE CZ   C Y N 246 
PHE OXT  O N N 247 
PHE H    H N N 248 
PHE H2   H N N 249 
PHE HA   H N N 250 
PHE HB2  H N N 251 
PHE HB3  H N N 252 
PHE HD1  H N N 253 
PHE HD2  H N N 254 
PHE HE1  H N N 255 
PHE HE2  H N N 256 
PHE HZ   H N N 257 
PHE HXT  H N N 258 
PRO N    N N N 259 
PRO CA   C N S 260 
PRO C    C N N 261 
PRO O    O N N 262 
PRO CB   C N N 263 
PRO CG   C N N 264 
PRO CD   C N N 265 
PRO OXT  O N N 266 
PRO H    H N N 267 
PRO HA   H N N 268 
PRO HB2  H N N 269 
PRO HB3  H N N 270 
PRO HG2  H N N 271 
PRO HG3  H N N 272 
PRO HD2  H N N 273 
PRO HD3  H N N 274 
PRO HXT  H N N 275 
SER N    N N N 276 
SER CA   C N S 277 
SER C    C N N 278 
SER O    O N N 279 
SER CB   C N N 280 
SER OG   O N N 281 
SER OXT  O N N 282 
SER H    H N N 283 
SER H2   H N N 284 
SER HA   H N N 285 
SER HB2  H N N 286 
SER HB3  H N N 287 
SER HG   H N N 288 
SER HXT  H N N 289 
THR N    N N N 290 
THR CA   C N S 291 
THR C    C N N 292 
THR O    O N N 293 
THR CB   C N R 294 
THR OG1  O N N 295 
THR CG2  C N N 296 
THR OXT  O N N 297 
THR H    H N N 298 
THR H2   H N N 299 
THR HA   H N N 300 
THR HB   H N N 301 
THR HG1  H N N 302 
THR HG21 H N N 303 
THR HG22 H N N 304 
THR HG23 H N N 305 
THR HXT  H N N 306 
TRP N    N N N 307 
TRP CA   C N S 308 
TRP C    C N N 309 
TRP O    O N N 310 
TRP CB   C N N 311 
TRP CG   C Y N 312 
TRP CD1  C Y N 313 
TRP CD2  C Y N 314 
TRP NE1  N Y N 315 
TRP CE2  C Y N 316 
TRP CE3  C Y N 317 
TRP CZ2  C Y N 318 
TRP CZ3  C Y N 319 
TRP CH2  C Y N 320 
TRP OXT  O N N 321 
TRP H    H N N 322 
TRP H2   H N N 323 
TRP HA   H N N 324 
TRP HB2  H N N 325 
TRP HB3  H N N 326 
TRP HD1  H N N 327 
TRP HE1  H N N 328 
TRP HE3  H N N 329 
TRP HZ2  H N N 330 
TRP HZ3  H N N 331 
TRP HH2  H N N 332 
TRP HXT  H N N 333 
TYR N    N N N 334 
TYR CA   C N S 335 
TYR C    C N N 336 
TYR O    O N N 337 
TYR CB   C N N 338 
TYR CG   C Y N 339 
TYR CD1  C Y N 340 
TYR CD2  C Y N 341 
TYR CE1  C Y N 342 
TYR CE2  C Y N 343 
TYR CZ   C Y N 344 
TYR OH   O N N 345 
TYR OXT  O N N 346 
TYR H    H N N 347 
TYR H2   H N N 348 
TYR HA   H N N 349 
TYR HB2  H N N 350 
TYR HB3  H N N 351 
TYR HD1  H N N 352 
TYR HD2  H N N 353 
TYR HE1  H N N 354 
TYR HE2  H N N 355 
TYR HH   H N N 356 
TYR HXT  H N N 357 
VAL N    N N N 358 
VAL CA   C N S 359 
VAL C    C N N 360 
VAL O    O N N 361 
VAL CB   C N N 362 
VAL CG1  C N N 363 
VAL CG2  C N N 364 
VAL OXT  O N N 365 
VAL H    H N N 366 
VAL H2   H N N 367 
VAL HA   H N N 368 
VAL HB   H N N 369 
VAL HG11 H N N 370 
VAL HG12 H N N 371 
VAL HG13 H N N 372 
VAL HG21 H N N 373 
VAL HG22 H N N 374 
VAL HG23 H N N 375 
VAL HXT  H N N 376 
# 
loop_
_chem_comp_bond.comp_id 
_chem_comp_bond.atom_id_1 
_chem_comp_bond.atom_id_2 
_chem_comp_bond.value_order 
_chem_comp_bond.pdbx_aromatic_flag 
_chem_comp_bond.pdbx_stereo_config 
_chem_comp_bond.pdbx_ordinal 
ALA N   CA   sing N N 1   
ALA N   H    sing N N 2   
ALA N   H2   sing N N 3   
ALA CA  C    sing N N 4   
ALA CA  CB   sing N N 5   
ALA CA  HA   sing N N 6   
ALA C   O    doub N N 7   
ALA C   OXT  sing N N 8   
ALA CB  HB1  sing N N 9   
ALA CB  HB2  sing N N 10  
ALA CB  HB3  sing N N 11  
ALA OXT HXT  sing N N 12  
ARG N   CA   sing N N 13  
ARG N   H    sing N N 14  
ARG N   H2   sing N N 15  
ARG CA  C    sing N N 16  
ARG CA  CB   sing N N 17  
ARG CA  HA   sing N N 18  
ARG C   O    doub N N 19  
ARG C   OXT  sing N N 20  
ARG CB  CG   sing N N 21  
ARG CB  HB2  sing N N 22  
ARG CB  HB3  sing N N 23  
ARG CG  CD   sing N N 24  
ARG CG  HG2  sing N N 25  
ARG CG  HG3  sing N N 26  
ARG CD  NE   sing N N 27  
ARG CD  HD2  sing N N 28  
ARG CD  HD3  sing N N 29  
ARG NE  CZ   sing N N 30  
ARG NE  HE   sing N N 31  
ARG CZ  NH1  sing N N 32  
ARG CZ  NH2  doub N N 33  
ARG NH1 HH11 sing N N 34  
ARG NH1 HH12 sing N N 35  
ARG NH2 HH21 sing N N 36  
ARG NH2 HH22 sing N N 37  
ARG OXT HXT  sing N N 38  
ASN N   CA   sing N N 39  
ASN N   H    sing N N 40  
ASN N   H2   sing N N 41  
ASN CA  C    sing N N 42  
ASN CA  CB   sing N N 43  
ASN CA  HA   sing N N 44  
ASN C   O    doub N N 45  
ASN C   OXT  sing N N 46  
ASN CB  CG   sing N N 47  
ASN CB  HB2  sing N N 48  
ASN CB  HB3  sing N N 49  
ASN CG  OD1  doub N N 50  
ASN CG  ND2  sing N N 51  
ASN ND2 HD21 sing N N 52  
ASN ND2 HD22 sing N N 53  
ASN OXT HXT  sing N N 54  
ASP N   CA   sing N N 55  
ASP N   H    sing N N 56  
ASP N   H2   sing N N 57  
ASP CA  C    sing N N 58  
ASP CA  CB   sing N N 59  
ASP CA  HA   sing N N 60  
ASP C   O    doub N N 61  
ASP C   OXT  sing N N 62  
ASP CB  CG   sing N N 63  
ASP CB  HB2  sing N N 64  
ASP CB  HB3  sing N N 65  
ASP CG  OD1  doub N N 66  
ASP CG  OD2  sing N N 67  
ASP OD2 HD2  sing N N 68  
ASP OXT HXT  sing N N 69  
GLN N   CA   sing N N 70  
GLN N   H    sing N N 71  
GLN N   H2   sing N N 72  
GLN CA  C    sing N N 73  
GLN CA  CB   sing N N 74  
GLN CA  HA   sing N N 75  
GLN C   O    doub N N 76  
GLN C   OXT  sing N N 77  
GLN CB  CG   sing N N 78  
GLN CB  HB2  sing N N 79  
GLN CB  HB3  sing N N 80  
GLN CG  CD   sing N N 81  
GLN CG  HG2  sing N N 82  
GLN CG  HG3  sing N N 83  
GLN CD  OE1  doub N N 84  
GLN CD  NE2  sing N N 85  
GLN NE2 HE21 sing N N 86  
GLN NE2 HE22 sing N N 87  
GLN OXT HXT  sing N N 88  
GLU N   CA   sing N N 89  
GLU N   H    sing N N 90  
GLU N   H2   sing N N 91  
GLU CA  C    sing N N 92  
GLU CA  CB   sing N N 93  
GLU CA  HA   sing N N 94  
GLU C   O    doub N N 95  
GLU C   OXT  sing N N 96  
GLU CB  CG   sing N N 97  
GLU CB  HB2  sing N N 98  
GLU CB  HB3  sing N N 99  
GLU CG  CD   sing N N 100 
GLU CG  HG2  sing N N 101 
GLU CG  HG3  sing N N 102 
GLU CD  OE1  doub N N 103 
GLU CD  OE2  sing N N 104 
GLU OE2 HE2  sing N N 105 
GLU OXT HXT  sing N N 106 
GLY N   CA   sing N N 107 
GLY N   H    sing N N 108 
GLY N   H2   sing N N 109 
GLY CA  C    sing N N 110 
GLY CA  HA2  sing N N 111 
GLY CA  HA3  sing N N 112 
GLY C   O    doub N N 113 
GLY C   OXT  sing N N 114 
GLY OXT HXT  sing N N 115 
HIS N   CA   sing N N 116 
HIS N   H    sing N N 117 
HIS N   H2   sing N N 118 
HIS CA  C    sing N N 119 
HIS CA  CB   sing N N 120 
HIS CA  HA   sing N N 121 
HIS C   O    doub N N 122 
HIS C   OXT  sing N N 123 
HIS CB  CG   sing N N 124 
HIS CB  HB2  sing N N 125 
HIS CB  HB3  sing N N 126 
HIS CG  ND1  sing Y N 127 
HIS CG  CD2  doub Y N 128 
HIS ND1 CE1  doub Y N 129 
HIS ND1 HD1  sing N N 130 
HIS CD2 NE2  sing Y N 131 
HIS CD2 HD2  sing N N 132 
HIS CE1 NE2  sing Y N 133 
HIS CE1 HE1  sing N N 134 
HIS NE2 HE2  sing N N 135 
HIS OXT HXT  sing N N 136 
HOH O   H1   sing N N 137 
HOH O   H2   sing N N 138 
ILE N   CA   sing N N 139 
ILE N   H    sing N N 140 
ILE N   H2   sing N N 141 
ILE CA  C    sing N N 142 
ILE CA  CB   sing N N 143 
ILE CA  HA   sing N N 144 
ILE C   O    doub N N 145 
ILE C   OXT  sing N N 146 
ILE CB  CG1  sing N N 147 
ILE CB  CG2  sing N N 148 
ILE CB  HB   sing N N 149 
ILE CG1 CD1  sing N N 150 
ILE CG1 HG12 sing N N 151 
ILE CG1 HG13 sing N N 152 
ILE CG2 HG21 sing N N 153 
ILE CG2 HG22 sing N N 154 
ILE CG2 HG23 sing N N 155 
ILE CD1 HD11 sing N N 156 
ILE CD1 HD12 sing N N 157 
ILE CD1 HD13 sing N N 158 
ILE OXT HXT  sing N N 159 
LEU N   CA   sing N N 160 
LEU N   H    sing N N 161 
LEU N   H2   sing N N 162 
LEU CA  C    sing N N 163 
LEU CA  CB   sing N N 164 
LEU CA  HA   sing N N 165 
LEU C   O    doub N N 166 
LEU C   OXT  sing N N 167 
LEU CB  CG   sing N N 168 
LEU CB  HB2  sing N N 169 
LEU CB  HB3  sing N N 170 
LEU CG  CD1  sing N N 171 
LEU CG  CD2  sing N N 172 
LEU CG  HG   sing N N 173 
LEU CD1 HD11 sing N N 174 
LEU CD1 HD12 sing N N 175 
LEU CD1 HD13 sing N N 176 
LEU CD2 HD21 sing N N 177 
LEU CD2 HD22 sing N N 178 
LEU CD2 HD23 sing N N 179 
LEU OXT HXT  sing N N 180 
LYS N   CA   sing N N 181 
LYS N   H    sing N N 182 
LYS N   H2   sing N N 183 
LYS CA  C    sing N N 184 
LYS CA  CB   sing N N 185 
LYS CA  HA   sing N N 186 
LYS C   O    doub N N 187 
LYS C   OXT  sing N N 188 
LYS CB  CG   sing N N 189 
LYS CB  HB2  sing N N 190 
LYS CB  HB3  sing N N 191 
LYS CG  CD   sing N N 192 
LYS CG  HG2  sing N N 193 
LYS CG  HG3  sing N N 194 
LYS CD  CE   sing N N 195 
LYS CD  HD2  sing N N 196 
LYS CD  HD3  sing N N 197 
LYS CE  NZ   sing N N 198 
LYS CE  HE2  sing N N 199 
LYS CE  HE3  sing N N 200 
LYS NZ  HZ1  sing N N 201 
LYS NZ  HZ2  sing N N 202 
LYS NZ  HZ3  sing N N 203 
LYS OXT HXT  sing N N 204 
MET N   CA   sing N N 205 
MET N   H    sing N N 206 
MET N   H2   sing N N 207 
MET CA  C    sing N N 208 
MET CA  CB   sing N N 209 
MET CA  HA   sing N N 210 
MET C   O    doub N N 211 
MET C   OXT  sing N N 212 
MET CB  CG   sing N N 213 
MET CB  HB2  sing N N 214 
MET CB  HB3  sing N N 215 
MET CG  SD   sing N N 216 
MET CG  HG2  sing N N 217 
MET CG  HG3  sing N N 218 
MET SD  CE   sing N N 219 
MET CE  HE1  sing N N 220 
MET CE  HE2  sing N N 221 
MET CE  HE3  sing N N 222 
MET OXT HXT  sing N N 223 
PHE N   CA   sing N N 224 
PHE N   H    sing N N 225 
PHE N   H2   sing N N 226 
PHE CA  C    sing N N 227 
PHE CA  CB   sing N N 228 
PHE CA  HA   sing N N 229 
PHE C   O    doub N N 230 
PHE C   OXT  sing N N 231 
PHE CB  CG   sing N N 232 
PHE CB  HB2  sing N N 233 
PHE CB  HB3  sing N N 234 
PHE CG  CD1  doub Y N 235 
PHE CG  CD2  sing Y N 236 
PHE CD1 CE1  sing Y N 237 
PHE CD1 HD1  sing N N 238 
PHE CD2 CE2  doub Y N 239 
PHE CD2 HD2  sing N N 240 
PHE CE1 CZ   doub Y N 241 
PHE CE1 HE1  sing N N 242 
PHE CE2 CZ   sing Y N 243 
PHE CE2 HE2  sing N N 244 
PHE CZ  HZ   sing N N 245 
PHE OXT HXT  sing N N 246 
PRO N   CA   sing N N 247 
PRO N   CD   sing N N 248 
PRO N   H    sing N N 249 
PRO CA  C    sing N N 250 
PRO CA  CB   sing N N 251 
PRO CA  HA   sing N N 252 
PRO C   O    doub N N 253 
PRO C   OXT  sing N N 254 
PRO CB  CG   sing N N 255 
PRO CB  HB2  sing N N 256 
PRO CB  HB3  sing N N 257 
PRO CG  CD   sing N N 258 
PRO CG  HG2  sing N N 259 
PRO CG  HG3  sing N N 260 
PRO CD  HD2  sing N N 261 
PRO CD  HD3  sing N N 262 
PRO OXT HXT  sing N N 263 
SER N   CA   sing N N 264 
SER N   H    sing N N 265 
SER N   H2   sing N N 266 
SER CA  C    sing N N 267 
SER CA  CB   sing N N 268 
SER CA  HA   sing N N 269 
SER C   O    doub N N 270 
SER C   OXT  sing N N 271 
SER CB  OG   sing N N 272 
SER CB  HB2  sing N N 273 
SER CB  HB3  sing N N 274 
SER OG  HG   sing N N 275 
SER OXT HXT  sing N N 276 
THR N   CA   sing N N 277 
THR N   H    sing N N 278 
THR N   H2   sing N N 279 
THR CA  C    sing N N 280 
THR CA  CB   sing N N 281 
THR CA  HA   sing N N 282 
THR C   O    doub N N 283 
THR C   OXT  sing N N 284 
THR CB  OG1  sing N N 285 
THR CB  CG2  sing N N 286 
THR CB  HB   sing N N 287 
THR OG1 HG1  sing N N 288 
THR CG2 HG21 sing N N 289 
THR CG2 HG22 sing N N 290 
THR CG2 HG23 sing N N 291 
THR OXT HXT  sing N N 292 
TRP N   CA   sing N N 293 
TRP N   H    sing N N 294 
TRP N   H2   sing N N 295 
TRP CA  C    sing N N 296 
TRP CA  CB   sing N N 297 
TRP CA  HA   sing N N 298 
TRP C   O    doub N N 299 
TRP C   OXT  sing N N 300 
TRP CB  CG   sing N N 301 
TRP CB  HB2  sing N N 302 
TRP CB  HB3  sing N N 303 
TRP CG  CD1  doub Y N 304 
TRP CG  CD2  sing Y N 305 
TRP CD1 NE1  sing Y N 306 
TRP CD1 HD1  sing N N 307 
TRP CD2 CE2  doub Y N 308 
TRP CD2 CE3  sing Y N 309 
TRP NE1 CE2  sing Y N 310 
TRP NE1 HE1  sing N N 311 
TRP CE2 CZ2  sing Y N 312 
TRP CE3 CZ3  doub Y N 313 
TRP CE3 HE3  sing N N 314 
TRP CZ2 CH2  doub Y N 315 
TRP CZ2 HZ2  sing N N 316 
TRP CZ3 CH2  sing Y N 317 
TRP CZ3 HZ3  sing N N 318 
TRP CH2 HH2  sing N N 319 
TRP OXT HXT  sing N N 320 
TYR N   CA   sing N N 321 
TYR N   H    sing N N 322 
TYR N   H2   sing N N 323 
TYR CA  C    sing N N 324 
TYR CA  CB   sing N N 325 
TYR CA  HA   sing N N 326 
TYR C   O    doub N N 327 
TYR C   OXT  sing N N 328 
TYR CB  CG   sing N N 329 
TYR CB  HB2  sing N N 330 
TYR CB  HB3  sing N N 331 
TYR CG  CD1  doub Y N 332 
TYR CG  CD2  sing Y N 333 
TYR CD1 CE1  sing Y N 334 
TYR CD1 HD1  sing N N 335 
TYR CD2 CE2  doub Y N 336 
TYR CD2 HD2  sing N N 337 
TYR CE1 CZ   doub Y N 338 
TYR CE1 HE1  sing N N 339 
TYR CE2 CZ   sing Y N 340 
TYR CE2 HE2  sing N N 341 
TYR CZ  OH   sing N N 342 
TYR OH  HH   sing N N 343 
TYR OXT HXT  sing N N 344 
VAL N   CA   sing N N 345 
VAL N   H    sing N N 346 
VAL N   H2   sing N N 347 
VAL CA  C    sing N N 348 
VAL CA  CB   sing N N 349 
VAL CA  HA   sing N N 350 
VAL C   O    doub N N 351 
VAL C   OXT  sing N N 352 
VAL CB  CG1  sing N N 353 
VAL CB  CG2  sing N N 354 
VAL CB  HB   sing N N 355 
VAL CG1 HG11 sing N N 356 
VAL CG1 HG12 sing N N 357 
VAL CG1 HG13 sing N N 358 
VAL CG2 HG21 sing N N 359 
VAL CG2 HG22 sing N N 360 
VAL CG2 HG23 sing N N 361 
VAL OXT HXT  sing N N 362 
# 
_pdbx_audit_support.funding_organization   'National Natural Science Foundation of China (NSFC)' 
_pdbx_audit_support.country                China 
_pdbx_audit_support.grant_number           ? 
_pdbx_audit_support.ordinal                1 
# 
_atom_sites.entry_id                    6LK3 
_atom_sites.Cartn_transf_matrix[1][1]   ? 
_atom_sites.Cartn_transf_matrix[1][2]   ? 
_atom_sites.Cartn_transf_matrix[1][3]   ? 
_atom_sites.Cartn_transf_matrix[2][1]   ? 
_atom_sites.Cartn_transf_matrix[2][2]   ? 
_atom_sites.Cartn_transf_matrix[2][3]   ? 
_atom_sites.Cartn_transf_matrix[3][1]   ? 
_atom_sites.Cartn_transf_matrix[3][2]   ? 
_atom_sites.Cartn_transf_matrix[3][3]   ? 
_atom_sites.Cartn_transf_vector[1]      ? 
_atom_sites.Cartn_transf_vector[2]      ? 
_atom_sites.Cartn_transf_vector[3]      ? 
_atom_sites.fract_transf_matrix[1][1]   -0.00521088 
_atom_sites.fract_transf_matrix[1][2]   -0.02273944 
_atom_sites.fract_transf_matrix[1][3]   -0.02168413 
_atom_sites.fract_transf_matrix[2][1]   0.01033390 
_atom_sites.fract_transf_matrix[2][2]   -0.00613945 
_atom_sites.fract_transf_matrix[2][3]   0.00395492 
_atom_sites.fract_transf_matrix[3][1]   -0.01810663 
_atom_sites.fract_transf_matrix[3][2]   -0.02297310 
_atom_sites.fract_transf_matrix[3][3]   0.01164868 
_atom_sites.fract_transf_vector[1]      0.370441 
_atom_sites.fract_transf_vector[2]      -0.125624 
_atom_sites.fract_transf_vector[3]      -0.093424 
_atom_sites.solution_primary            ? 
_atom_sites.solution_secondary          ? 
_atom_sites.solution_hydrogens          ? 
_atom_sites.special_details             ? 
# 
loop_
_atom_type.symbol 
C  
N  
O  
S  
SE 
# 
loop_
_atom_site.group_PDB 
_atom_site.id 
_atom_site.type_symbol 
_atom_site.label_atom_id 
_atom_site.label_alt_id 
_atom_site.label_comp_id 
_atom_site.label_asym_id 
_atom_site.label_entity_id 
_atom_site.label_seq_id 
_atom_site.pdbx_PDB_ins_code 
_atom_site.Cartn_x 
_atom_site.Cartn_y 
_atom_site.Cartn_z 
_atom_site.occupancy 
_atom_site.B_iso_or_equiv 
_atom_site.pdbx_formal_charge 
_atom_site.auth_seq_id 
_atom_site.auth_comp_id 
_atom_site.auth_asym_id 
_atom_site.auth_atom_id 
_atom_site.pdbx_PDB_model_num 
ATOM   1    N N   . VAL A 1 30  ? -12.926 2.751   2.422   1.00 51.15 ? 30  VAL A N   1 
ATOM   2    C CA  . VAL A 1 30  ? -11.580 2.952   1.818   1.00 42.74 ? 30  VAL A CA  1 
ATOM   3    C C   . VAL A 1 30  ? -11.719 3.624   0.463   1.00 41.25 ? 30  VAL A C   1 
ATOM   4    O O   . VAL A 1 30  ? -12.749 3.502   -0.226  1.00 39.11 ? 30  VAL A O   1 
ATOM   5    C CB  . VAL A 1 30  ? -10.769 1.625   1.676   1.00 45.90 ? 30  VAL A CB  1 
ATOM   6    C CG1 . VAL A 1 30  ? -10.631 0.928   3.032   1.00 45.33 ? 30  VAL A CG1 1 
ATOM   7    C CG2 . VAL A 1 30  ? -11.353 0.681   0.612   1.00 42.46 ? 30  VAL A CG2 1 
ATOM   8    N N   . SER A 1 31  ? -10.673 4.336   0.085   1.00 32.80 ? 31  SER A N   1 
ATOM   9    C CA  . SER A 1 31  ? -10.667 5.087   -1.127  1.00 30.60 ? 31  SER A CA  1 
ATOM   10   C C   . SER A 1 31  ? -10.284 4.184   -2.314  1.00 30.07 ? 31  SER A C   1 
ATOM   11   O O   . SER A 1 31  ? -9.792  3.060   -2.137  1.00 28.70 ? 31  SER A O   1 
ATOM   12   C CB  . SER A 1 31  ? -9.655  6.225   -1.009  1.00 31.84 ? 31  SER A CB  1 
ATOM   13   O OG  . SER A 1 31  ? -8.330  5.715   -0.744  1.00 30.32 ? 31  SER A OG  1 
ATOM   14   N N   . VAL A 1 32  ? -10.492 4.702   -3.518  1.00 29.04 ? 32  VAL A N   1 
ATOM   15   C CA  . VAL A 1 32  ? -9.998  4.056   -4.701  1.00 32.09 ? 32  VAL A CA  1 
ATOM   16   C C   . VAL A 1 32  ? -8.445  3.911   -4.632  1.00 29.15 ? 32  VAL A C   1 
ATOM   17   O O   . VAL A 1 32  ? -7.911  2.901   -5.054  1.00 28.37 ? 32  VAL A O   1 
ATOM   18   C CB  . VAL A 1 32  ? -10.483 4.716   -5.999  1.00 34.53 ? 32  VAL A CB  1 
ATOM   19   C CG1 . VAL A 1 32  ? -9.952  3.964   -7.192  1.00 35.33 ? 32  VAL A CG1 1 
ATOM   20   C CG2 . VAL A 1 32  ? -12.004 4.706   -6.073  1.00 37.29 ? 32  VAL A CG2 1 
ATOM   21   N N   . ASP A 1 33  ? -7.754  4.915   -4.125  1.00 27.56 ? 33  ASP A N   1 
ATOM   22   C CA  . ASP A 1 33  ? -6.300  4.874   -3.906  1.00 29.75 ? 33  ASP A CA  1 
ATOM   23   C C   . ASP A 1 33  ? -5.825  3.671   -3.081  1.00 24.02 ? 33  ASP A C   1 
ATOM   24   O O   . ASP A 1 33  ? -4.854  3.016   -3.414  1.00 20.17 ? 33  ASP A O   1 
ATOM   25   C CB  . ASP A 1 33  ? -5.845  6.178   -3.202  1.00 37.87 ? 33  ASP A CB  1 
ATOM   26   C CG  . ASP A 1 33  ? -5.904  7.435   -4.126  1.00 50.54 ? 33  ASP A CG  1 
ATOM   27   O OD1 . ASP A 1 33  ? -6.017  7.325   -5.381  1.00 57.64 ? 33  ASP A OD1 1 
ATOM   28   O OD2 . ASP A 1 33  ? -5.780  8.564   -3.579  1.00 63.52 ? 33  ASP A OD2 1 
ATOM   29   N N   . VAL A 1 34  ? -6.533  3.380   -2.010  1.00 19.54 ? 34  VAL A N   1 
ATOM   30   C CA  . VAL A 1 34  ? -6.226  2.258   -1.176  1.00 18.87 ? 34  VAL A CA  1 
ATOM   31   C C   . VAL A 1 34  ? -6.421  0.950   -1.930  1.00 19.24 ? 34  VAL A C   1 
ATOM   32   O O   . VAL A 1 34  ? -5.608  0.036   -1.810  1.00 20.16 ? 34  VAL A O   1 
ATOM   33   C CB  . VAL A 1 34  ? -7.106  2.278   0.084   1.00 21.77 ? 34  VAL A CB  1 
ATOM   34   C CG1 . VAL A 1 34  ? -6.877  1.022   0.916   1.00 22.58 ? 34  VAL A CG1 1 
ATOM   35   C CG2 . VAL A 1 34  ? -6.802  3.522   0.944   1.00 23.08 ? 34  VAL A CG2 1 
ATOM   36   N N   . LEU A 1 35  ? -7.484  0.863   -2.736  1.00 18.55 ? 35  LEU A N   1 
ATOM   37   C CA  . LEU A 1 35  ? -7.777  -0.366  -3.490  1.00 18.65 ? 35  LEU A CA  1 
ATOM   38   C C   . LEU A 1 35  ? -6.713  -0.555  -4.516  1.00 15.25 ? 35  LEU A C   1 
ATOM   39   O O   . LEU A 1 35  ? -6.274  -1.684  -4.719  1.00 13.58 ? 35  LEU A O   1 
ATOM   40   C CB  . LEU A 1 35  ? -9.182  -0.304  -4.147  1.00 19.46 ? 35  LEU A CB  1 
ATOM   41   C CG  . LEU A 1 35  ? -10.339 -0.277  -3.140  1.00 23.69 ? 35  LEU A CG  1 
ATOM   42   C CD1 . LEU A 1 35  ? -11.685 -0.229  -3.818  1.00 26.90 ? 35  LEU A CD1 1 
ATOM   43   C CD2 . LEU A 1 35  ? -10.364 -1.435  -2.168  1.00 26.64 ? 35  LEU A CD2 1 
ATOM   44   N N   . LYS A 1 36  ? -6.275  0.537   -5.126  1.00 13.89 ? 36  LYS A N   1 
ATOM   45   C CA  . LYS A 1 36  ? -5.238  0.471   -6.147  1.00 14.24 ? 36  LYS A CA  1 
ATOM   46   C C   . LYS A 1 36  ? -3.925  -0.093  -5.540  1.00 13.11 ? 36  LYS A C   1 
ATOM   47   O O   . LYS A 1 36  ? -3.296  -0.919  -6.140  1.00 11.58 ? 36  LYS A O   1 
ATOM   48   C CB  . LYS A 1 36  ? -5.027  1.814   -6.768  1.00 16.54 ? 36  LYS A CB  1 
ATOM   49   C CG  . LYS A 1 36  ? -3.804  1.939   -7.644  1.00 19.32 ? 36  LYS A CG  1 
ATOM   50   C CD  . LYS A 1 36  ? -3.785  3.268   -8.422  1.00 23.38 ? 36  LYS A CD  1 
ATOM   51   C CE  . LYS A 1 36  ? -2.528  3.382   -9.262  1.00 25.72 ? 36  LYS A CE  1 
ATOM   52   N NZ  . LYS A 1 36  ? -2.269  4.753   -9.815  1.00 27.82 ? 36  LYS A NZ  1 
ATOM   53   N N   . GLN A 1 37  ? -3.577  0.323   -4.324  1.00 11.66 ? 37  GLN A N   1 
ATOM   54   C CA  . GLN A 1 37  ? -2.406  -0.203  -3.640  1.00 11.68 ? 37  GLN A CA  1 
ATOM   55   C C   . GLN A 1 37  ? -2.496  -1.671  -3.272  1.00 12.42 ? 37  GLN A C   1 
ATOM   56   O O   . GLN A 1 37  ? -1.494  -2.401  -3.396  1.00 11.33 ? 37  GLN A O   1 
ATOM   57   C CB  . GLN A 1 37  ? -2.062  0.610   -2.393  1.00 11.40 ? 37  GLN A CB  1 
ATOM   58   C CG  . GLN A 1 37  ? -0.625  0.301   -1.883  1.00 11.79 ? 37  GLN A CG  1 
ATOM   59   C CD  . GLN A 1 37  ? 0.411   0.805   -2.827  1.00 12.17 ? 37  GLN A CD  1 
ATOM   60   O OE1 . GLN A 1 37  ? 0.267   1.947   -3.304  1.00 15.38 ? 37  GLN A OE1 1 
ATOM   61   N NE2 . GLN A 1 37  ? 1.440   -0.001  -3.133  1.00 12.32 ? 37  GLN A NE2 1 
ATOM   62   N N   . LEU A 1 38  ? -3.697  -2.119  -2.843  1.00 13.40 ? 38  LEU A N   1 
ATOM   63   C CA  . LEU A 1 38  ? -3.865  -3.483  -2.535  1.00 14.73 ? 38  LEU A CA  1 
ATOM   64   C C   . LEU A 1 38  ? -3.699  -4.329  -3.773  1.00 13.31 ? 38  LEU A C   1 
ATOM   65   O O   . LEU A 1 38  ? -3.122  -5.441  -3.699  1.00 12.41 ? 38  LEU A O   1 
ATOM   66   C CB  . LEU A 1 38  ? -5.236  -3.747  -1.919  1.00 18.11 ? 38  LEU A CB  1 
ATOM   67   C CG  . LEU A 1 38  ? -5.492  -3.020  -0.605  1.00 24.04 ? 38  LEU A CG  1 
ATOM   68   C CD1 . LEU A 1 38  ? -6.680  -3.653  0.128   1.00 26.35 ? 38  LEU A CD1 1 
ATOM   69   C CD2 . LEU A 1 38  ? -4.260  -2.829  0.313   1.00 24.03 ? 38  LEU A CD2 1 
ATOM   70   N N   . LEU A 1 39  ? -4.253  -3.844  -4.873  1.00 11.29 ? 39  LEU A N   1 
ATOM   71   C CA  . LEU A 1 39  ? -4.060  -4.511  -6.140  1.00 12.58 ? 39  LEU A CA  1 
ATOM   72   C C   . LEU A 1 39  ? -2.576  -4.550  -6.622  1.00 12.91 ? 39  LEU A C   1 
ATOM   73   O O   . LEU A 1 39  ? -2.079  -5.608  -7.128  1.00 10.65 ? 39  LEU A O   1 
ATOM   74   C CB  . LEU A 1 39  ? -5.025  -3.935  -7.184  1.00 12.83 ? 39  LEU A CB  1 
ATOM   75   C CG  . LEU A 1 39  ? -6.505  -4.118  -6.902  1.00 13.91 ? 39  LEU A CG  1 
ATOM   76   C CD1 . LEU A 1 39  ? -7.310  -3.219  -7.837  1.00 15.76 ? 39  LEU A CD1 1 
ATOM   77   C CD2 . LEU A 1 39  ? -6.963  -5.551  -7.115  1.00 16.28 ? 39  LEU A CD2 1 
ATOM   78   N N   . LEU A 1 40  ? -1.869  -3.414  -6.503  1.00 12.36 ? 40  LEU A N   1 
ATOM   79   C CA  . LEU A 1 40  ? -0.439  -3.421  -6.762  1.00 13.53 ? 40  LEU A CA  1 
ATOM   80   C C   . LEU A 1 40  ? 0.280   -4.454  -5.908  1.00 13.65 ? 40  LEU A C   1 
ATOM   81   O O   . LEU A 1 40  ? 1.154   -5.170  -6.401  1.00 13.08 ? 40  LEU A O   1 
ATOM   82   C CB  . LEU A 1 40  ? 0.203   -2.064  -6.463  1.00 13.68 ? 40  LEU A CB  1 
ATOM   83   C CG  . LEU A 1 40  ? -0.100  -0.989  -7.511  1.00 13.96 ? 40  LEU A CG  1 
ATOM   84   C CD1 . LEU A 1 40  ? 0.483   0.324   -7.013  1.00 13.97 ? 40  LEU A CD1 1 
ATOM   85   C CD2 . LEU A 1 40  ? 0.497   -1.351  -8.868  1.00 15.32 ? 40  LEU A CD2 1 
ATOM   86   N N   . ASP A 1 41  ? -0.126  -4.556  -4.666  1.00 14.17 ? 41  ASP A N   1 
ATOM   87   C CA  . ASP A 1 41  ? 0.573   -5.429  -3.748  1.00 16.27 ? 41  ASP A CA  1 
ATOM   88   C C   . ASP A 1 41  ? 0.323   -6.912  -4.015  1.00 17.01 ? 41  ASP A C   1 
ATOM   89   O O   . ASP A 1 41  ? 1.152   -7.702  -3.624  1.00 15.73 ? 41  ASP A O   1 
ATOM   90   C CB  . ASP A 1 41  ? 0.284   -5.101  -2.307  1.00 16.96 ? 41  ASP A CB  1 
ATOM   91   C CG  . ASP A 1 41  ? 0.862   -3.765  -1.882  1.00 19.15 ? 41  ASP A CG  1 
ATOM   92   O OD1 . ASP A 1 41  ? 1.584   -3.079  -2.694  1.00 17.05 ? 41  ASP A OD1 1 
ATOM   93   O OD2 . ASP A 1 41  ? 0.516   -3.346  -0.706  1.00 22.13 ? 41  ASP A OD2 1 
ATOM   94   N N   . ILE A 1 42  ? -0.728  -7.265  -4.761  1.00 16.08 ? 42  ILE A N   1 
ATOM   95   C CA  . ILE A 1 42  ? -0.871  -8.664  -5.195  1.00 17.54 ? 42  ILE A CA  1 
ATOM   96   C C   . ILE A 1 42  ? -0.365  -8.886  -6.599  1.00 18.45 ? 42  ILE A C   1 
ATOM   97   O O   . ILE A 1 42  ? -0.549  -9.957  -7.128  1.00 17.54 ? 42  ILE A O   1 
ATOM   98   C CB  . ILE A 1 42  ? -2.290  -9.204  -5.097  1.00 18.39 ? 42  ILE A CB  1 
ATOM   99   C CG1 . ILE A 1 42  ? -3.273  -8.397  -5.965  1.00 20.32 ? 42  ILE A CG1 1 
ATOM   100  C CG2 . ILE A 1 42  ? -2.678  -9.238  -3.649  1.00 19.84 ? 42  ILE A CG2 1 
ATOM   101  C CD1 . ILE A 1 42  ? -4.612  -9.043  -6.257  1.00 21.40 ? 42  ILE A CD1 1 
ATOM   102  N N   . GLY A 1 43  ? 0.261   -7.865  -7.199  1.00 17.84 ? 43  GLY A N   1 
ATOM   103  C CA  . GLY A 1 43  ? 0.963   -8.015  -8.449  1.00 17.24 ? 43  GLY A CA  1 
ATOM   104  C C   . GLY A 1 43  ? 0.190   -7.663  -9.664  1.00 16.68 ? 43  GLY A C   1 
ATOM   105  O O   . GLY A 1 43  ? 0.525   -8.107  -10.727 1.00 17.02 ? 43  GLY A O   1 
ATOM   106  N N   . ILE A 1 44  ? -0.864  -6.890  -9.541  1.00 17.46 ? 44  ILE A N   1 
ATOM   107  C CA  . ILE A 1 44  ? -1.593  -6.375  -10.705 1.00 15.56 ? 44  ILE A CA  1 
ATOM   108  C C   . ILE A 1 44  ? -0.666  -5.260  -11.214 1.00 15.30 ? 44  ILE A C   1 
ATOM   109  O O   . ILE A 1 44  ? -0.045  -4.494  -10.432 1.00 14.09 ? 44  ILE A O   1 
ATOM   110  C CB  . ILE A 1 44  ? -3.012  -5.824  -10.349 1.00 15.56 ? 44  ILE A CB  1 
ATOM   111  C CG1 . ILE A 1 44  ? -3.929  -6.862  -9.644  1.00 17.16 ? 44  ILE A CG1 1 
ATOM   112  C CG2 . ILE A 1 44  ? -3.687  -5.176  -11.559 1.00 15.19 ? 44  ILE A CG2 1 
ATOM   113  C CD1 . ILE A 1 44  ? -3.881  -8.231  -10.205 1.00 19.18 ? 44  ILE A CD1 1 
ATOM   114  N N   . ALA A 1 45  ? -0.529  -5.182  -12.525 1.00 15.13 ? 45  ALA A N   1 
ATOM   115  C CA  . ALA A 1 45  ? 0.381   -4.188  -13.116 1.00 15.28 ? 45  ALA A CA  1 
ATOM   116  C C   . ALA A 1 45  ? -0.168  -2.767  -12.944 1.00 14.48 ? 45  ALA A C   1 
ATOM   117  O O   . ALA A 1 45  ? -1.356  -2.515  -13.186 1.00 11.42 ? 45  ALA A O   1 
ATOM   118  C CB  . ALA A 1 45  ? 0.494   -4.481  -14.577 1.00 16.53 ? 45  ALA A CB  1 
ATOM   119  N N   . GLU A 1 46  ? 0.724   -1.835  -12.650 1.00 13.51 ? 46  GLU A N   1 
ATOM   120  C CA  . GLU A 1 46  ? 0.383   -0.438  -12.526 1.00 14.73 ? 46  GLU A CA  1 
ATOM   121  C C   . GLU A 1 46  ? -0.272  0.094   -13.772 1.00 13.60 ? 46  GLU A C   1 
ATOM   122  O O   . GLU A 1 46  ? -1.276  0.842   -13.712 1.00 12.81 ? 46  GLU A O   1 
ATOM   123  C CB  . GLU A 1 46  ? 1.646   0.366   -12.158 1.00 16.73 ? 46  GLU A CB  1 
ATOM   124  C CG  . GLU A 1 46  ? 1.348   1.738   -11.666 1.00 20.80 ? 46  GLU A CG  1 
ATOM   125  C CD  . GLU A 1 46  ? 2.613   2.450   -11.131 1.00 22.91 ? 46  GLU A CD  1 
ATOM   126  O OE1 . GLU A 1 46  ? 3.630   1.804   -10.727 1.00 23.76 ? 46  GLU A OE1 1 
ATOM   127  O OE2 . GLU A 1 46  ? 2.562   3.680   -11.136 1.00 21.75 ? 46  GLU A OE2 1 
ATOM   128  N N   . GLN A 1 47  ? 0.269   -0.269  -14.924 1.00 14.64 ? 47  GLN A N   1 
ATOM   129  C CA  . GLN A 1 47  ? -0.342  0.144   -16.180 1.00 17.62 ? 47  GLN A CA  1 
ATOM   130  C C   . GLN A 1 47  ? -1.830  -0.215  -16.276 1.00 18.73 ? 47  GLN A C   1 
ATOM   131  O O   . GLN A 1 47  ? -2.640  0.566   -16.729 1.00 20.28 ? 47  GLN A O   1 
ATOM   132  C CB  . GLN A 1 47  ? 0.425   -0.489  -17.342 1.00 19.46 ? 47  GLN A CB  1 
ATOM   133  C CG  . GLN A 1 47  ? -0.153  -0.173  -18.687 1.00 23.01 ? 47  GLN A CG  1 
ATOM   134  C CD  . GLN A 1 47  ? 0.629   -0.873  -19.807 1.00 24.07 ? 47  GLN A CD  1 
ATOM   135  O OE1 . GLN A 1 47  ? 1.585   -0.311  -20.300 1.00 25.06 ? 47  GLN A OE1 1 
ATOM   136  N NE2 . GLN A 1 47  ? 0.292   -2.132  -20.107 1.00 22.87 ? 47  GLN A NE2 1 
ATOM   137  N N   . THR A 1 48  ? -2.172  -1.424  -15.855 1.00 18.56 ? 48  THR A N   1 
ATOM   138  C CA  . THR A 1 48  ? -3.554  -1.860  -15.862 1.00 21.89 ? 48  THR A CA  1 
ATOM   139  C C   . THR A 1 48  ? -4.415  -1.028  -14.931 1.00 19.54 ? 48  THR A C   1 
ATOM   140  O O   . THR A 1 48  ? -5.608  -0.985  -15.127 1.00 16.02 ? 48  THR A O   1 
ATOM   141  C CB  . THR A 1 48  ? -3.634  -3.346  -15.458 1.00 24.34 ? 48  THR A CB  1 
ATOM   142  O OG1 . THR A 1 48  ? -2.712  -4.077  -16.280 1.00 24.99 ? 48  THR A OG1 1 
ATOM   143  C CG2 . THR A 1 48  ? -5.035  -3.904  -15.627 1.00 25.34 ? 48  THR A CG2 1 
ATOM   144  N N   . LEU A 1 49  ? -3.805  -0.345  -13.944 1.00 19.30 ? 49  LEU A N   1 
ATOM   145  C CA  . LEU A 1 49  ? -4.550  0.421   -12.936 1.00 18.30 ? 49  LEU A CA  1 
ATOM   146  C C   . LEU A 1 49  ? -4.616  1.933   -13.189 1.00 20.66 ? 49  LEU A C   1 
ATOM   147  O O   . LEU A 1 49  ? -5.230  2.663   -12.412 1.00 17.96 ? 49  LEU A O   1 
ATOM   148  C CB  . LEU A 1 49  ? -3.933  0.170   -11.561 1.00 17.75 ? 49  LEU A CB  1 
ATOM   149  C CG  . LEU A 1 49  ? -4.018  -1.270  -11.109 1.00 17.57 ? 49  LEU A CG  1 
ATOM   150  C CD1 . LEU A 1 49  ? -3.129  -1.582  -9.937  1.00 16.10 ? 49  LEU A CD1 1 
ATOM   151  C CD2 . LEU A 1 49  ? -5.420  -1.624  -10.740 1.00 18.37 ? 49  LEU A CD2 1 
ATOM   152  N N   . THR A 1 50  ? -4.019  2.421   -14.257 1.00 22.59 ? 50  THR A N   1 
ATOM   153  C CA  . THR A 1 50  ? -4.108  3.853   -14.547 1.00 28.61 ? 50  THR A CA  1 
ATOM   154  C C   . THR A 1 50  ? -5.584  4.132   -14.924 1.00 31.39 ? 50  THR A C   1 
ATOM   155  O O   . THR A 1 50  ? -6.294  3.262   -15.446 1.00 32.23 ? 50  THR A O   1 
ATOM   156  C CB  . THR A 1 50  ? -3.198  4.297   -15.718 1.00 29.37 ? 50  THR A CB  1 
ATOM   157  O OG1 . THR A 1 50  ? -3.753  3.793   -16.923 1.00 37.79 ? 50  THR A OG1 1 
ATOM   158  C CG2 . THR A 1 50  ? -1.827  3.760   -15.586 1.00 31.16 ? 50  THR A CG2 1 
ATOM   159  N N   . GLU A 1 51  ? -6.111  5.273   -14.599 1.00 33.56 ? 51  GLU A N   1 
ATOM   160  C CA  . GLU A 1 51  ? -7.535  5.486   -14.912 1.00 41.42 ? 51  GLU A CA  1 
ATOM   161  C C   . GLU A 1 51  ? -8.514  4.598   -14.112 1.00 36.28 ? 51  GLU A C   1 
ATOM   162  O O   . GLU A 1 51  ? -9.586  4.356   -14.540 1.00 37.38 ? 51  GLU A O   1 
ATOM   163  C CB  . GLU A 1 51  ? -7.826  5.307   -16.400 1.00 47.15 ? 51  GLU A CB  1 
ATOM   164  C CG  . GLU A 1 51  ? -7.331  6.402   -17.319 1.00 51.65 ? 51  GLU A CG  1 
ATOM   165  C CD  . GLU A 1 51  ? -7.955  6.323   -18.705 1.00 60.74 ? 51  GLU A CD  1 
ATOM   166  O OE1 . GLU A 1 51  ? -7.988  7.365   -19.387 1.00 66.96 ? 51  GLU A OE1 1 
ATOM   167  O OE2 . GLU A 1 51  ? -8.437  5.240   -19.101 1.00 56.67 ? 51  GLU A OE2 1 
ATOM   168  N N   . ILE A 1 52  ? -8.102  4.090   -12.976 1.00 32.51 ? 52  ILE A N   1 
ATOM   169  C CA  . ILE A 1 52  ? -8.997  3.336   -12.144 1.00 30.03 ? 52  ILE A CA  1 
ATOM   170  C C   . ILE A 1 52  ? -9.956  4.355   -11.478 1.00 29.03 ? 52  ILE A C   1 
ATOM   171  O O   . ILE A 1 52  ? -9.570  5.431   -11.140 1.00 24.10 ? 52  ILE A O   1 
ATOM   172  C CB  . ILE A 1 52  ? -8.235  2.519   -11.092 1.00 28.25 ? 52  ILE A CB  1 
ATOM   173  C CG1 . ILE A 1 52  ? -9.167  1.614   -10.313 1.00 29.99 ? 52  ILE A CG1 1 
ATOM   174  C CG2 . ILE A 1 52  ? -7.442  3.429   -10.178 1.00 28.87 ? 52  ILE A CG2 1 
ATOM   175  C CD1 . ILE A 1 52  ? -8.463  0.562   -9.481  1.00 29.66 ? 52  ILE A CD1 1 
ATOM   176  N N   . GLU A 1 53  ? -11.204 3.975   -11.303 1.00 28.18 ? 53  GLU A N   1 
ATOM   177  C CA  . GLU A 1 53  ? -12.215 4.835   -10.724 1.00 30.22 ? 53  GLU A CA  1 
ATOM   178  C C   . GLU A 1 53  ? -13.350 4.020   -10.047 1.00 29.10 ? 53  GLU A C   1 
ATOM   179  O O   . GLU A 1 53  ? -13.321 2.820   -10.135 1.00 22.84 ? 53  GLU A O   1 
ATOM   180  C CB  . GLU A 1 53  ? -12.760 5.714   -11.826 1.00 38.94 ? 53  GLU A CB  1 
ATOM   181  C CG  . GLU A 1 53  ? -13.563 4.937   -12.827 1.00 44.41 ? 53  GLU A CG  1 
ATOM   182  C CD  . GLU A 1 53  ? -13.739 5.650   -14.123 1.00 52.94 ? 53  GLU A CD  1 
ATOM   183  O OE1 . GLU A 1 53  ? -13.299 6.799   -14.286 1.00 60.04 ? 53  GLU A OE1 1 
ATOM   184  O OE2 . GLU A 1 53  ? -14.334 5.047   -15.006 1.00 66.95 ? 53  GLU A OE2 1 
ATOM   185  N N   . PRO A 1 54  ? -14.338 4.696   -9.379  1.00 28.16 ? 54  PRO A N   1 
ATOM   186  C CA  . PRO A 1 54  ? -15.449 3.975   -8.692  1.00 25.83 ? 54  PRO A CA  1 
ATOM   187  C C   . PRO A 1 54  ? -16.144 2.854   -9.474  1.00 23.71 ? 54  PRO A C   1 
ATOM   188  O O   . PRO A 1 54  ? -16.447 1.818   -8.892  1.00 23.82 ? 54  PRO A O   1 
ATOM   189  C CB  . PRO A 1 54  ? -16.442 5.106   -8.362  1.00 27.80 ? 54  PRO A CB  1 
ATOM   190  C CG  . PRO A 1 54  ? -15.525 6.221   -8.017  1.00 29.09 ? 54  PRO A CG  1 
ATOM   191  C CD  . PRO A 1 54  ? -14.375 6.139   -9.021  1.00 28.78 ? 54  PRO A CD  1 
ATOM   192  N N   . GLY A 1 55  ? -16.300 3.056   -10.771 1.00 22.02 ? 55  GLY A N   1 
ATOM   193  C CA  . GLY A 1 55  ? -16.991 2.163   -11.639 1.00 22.70 ? 55  GLY A CA  1 
ATOM   194  C C   . GLY A 1 55  ? -16.100 1.033   -12.184 1.00 22.26 ? 55  GLY A C   1 
ATOM   195  O O   . GLY A 1 55  ? -16.632 0.095   -12.800 1.00 19.90 ? 55  GLY A O   1 
ATOM   196  N N   . THR A 1 56  ? -14.781 1.082   -11.975 1.00 19.22 ? 56  THR A N   1 
ATOM   197  C CA  . THR A 1 56  ? -13.920 0.071   -12.584 1.00 19.06 ? 56  THR A CA  1 
ATOM   198  C C   . THR A 1 56  ? -14.260 -1.314  -11.990 1.00 17.18 ? 56  THR A C   1 
ATOM   199  O O   . THR A 1 56  ? -14.397 -1.448  -10.787 1.00 17.54 ? 56  THR A O   1 
ATOM   200  C CB  . THR A 1 56  ? -12.433 0.376   -12.330 1.00 21.05 ? 56  THR A CB  1 
ATOM   201  O OG1 . THR A 1 56  ? -12.116 1.606   -12.917 1.00 19.06 ? 56  THR A OG1 1 
ATOM   202  C CG2 . THR A 1 56  ? -11.520 -0.701  -12.950 1.00 21.18 ? 56  THR A CG2 1 
ATOM   203  N N   . ARG A 1 57  ? -14.388 -2.290  -12.849 1.00 17.50 ? 57  ARG A N   1 
ATOM   204  C CA  . ARG A 1 57  ? -14.704 -3.643  -12.458 1.00 17.79 ? 57  ARG A CA  1 
ATOM   205  C C   . ARG A 1 57  ? -13.528 -4.598  -12.337 1.00 15.95 ? 57  ARG A C   1 
ATOM   206  O O   . ARG A 1 57  ? -12.676 -4.693  -13.177 1.00 14.96 ? 57  ARG A O   1 
ATOM   207  C CB  . ARG A 1 57  ? -15.753 -4.250  -13.374 1.00 17.53 ? 57  ARG A CB  1 
ATOM   208  C CG  . ARG A 1 57  ? -17.112 -3.612  -13.272 1.00 20.40 ? 57  ARG A CG  1 
ATOM   209  C CD  . ARG A 1 57  ? -17.957 -3.719  -14.512 1.00 20.31 ? 57  ARG A CD  1 
ATOM   210  N NE  . ARG A 1 57  ? -17.281 -3.388  -15.732 1.00 21.33 ? 57  ARG A NE  1 
ATOM   211  C CZ  . ARG A 1 57  ? -17.715 -3.654  -16.943 1.00 22.42 ? 57  ARG A CZ  1 
ATOM   212  N NH1 . ARG A 1 57  ? -18.836 -4.266  -17.119 1.00 24.46 ? 57  ARG A NH1 1 
ATOM   213  N NH2 . ARG A 1 57  ? -17.016 -3.313  -17.975 1.00 21.16 ? 57  ARG A NH2 1 
ATOM   214  N N   . LEU A 1 58  ? -13.559 -5.326  -11.258 1.00 15.79 ? 58  LEU A N   1 
ATOM   215  C CA  . LEU A 1 58  ? -12.561 -6.296  -10.924 1.00 17.84 ? 58  LEU A CA  1 
ATOM   216  C C   . LEU A 1 58  ? -12.258 -7.323  -12.007 1.00 17.99 ? 58  LEU A C   1 
ATOM   217  O O   . LEU A 1 58  ? -11.142 -7.523  -12.353 1.00 19.24 ? 58  LEU A O   1 
ATOM   218  C CB  . LEU A 1 58  ? -12.988 -6.995  -9.660  1.00 20.38 ? 58  LEU A CB  1 
ATOM   219  C CG  . LEU A 1 58  ? -11.932 -7.468  -8.719  1.00 22.65 ? 58  LEU A CG  1 
ATOM   220  C CD1 . LEU A 1 58  ? -11.104 -6.302  -8.274  1.00 24.04 ? 58  LEU A CD1 1 
ATOM   221  C CD2 . LEU A 1 58  ? -12.584 -8.138  -7.538  1.00 25.92 ? 58  LEU A CD2 1 
ATOM   222  N N   . ARG A 1 59  ? -13.286 -7.918  -12.540 1.00 17.31 ? 59  ARG A N   1 
ATOM   223  C CA  . ARG A 1 59  ? -13.137 -8.922  -13.538 1.00 17.69 ? 59  ARG A CA  1 
ATOM   224  C C   . ARG A 1 59  ? -13.292 -8.423  -14.964 1.00 18.11 ? 59  ARG A C   1 
ATOM   225  O O   . ARG A 1 59  ? -12.437 -8.614  -15.735 1.00 21.47 ? 59  ARG A O   1 
ATOM   226  C CB  . ARG A 1 59  ? -14.095 -10.063 -13.261 1.00 18.66 ? 59  ARG A CB  1 
ATOM   227  C CG  . ARG A 1 59  ? -13.765 -10.856 -12.025 1.00 19.40 ? 59  ARG A CG  1 
ATOM   228  C CD  . ARG A 1 59  ? -14.733 -11.954 -11.736 1.00 21.35 ? 59  ARG A CD  1 
ATOM   229  N NE  . ARG A 1 59  ? -14.319 -12.716 -10.600 1.00 23.36 ? 59  ARG A NE  1 
ATOM   230  C CZ  . ARG A 1 59  ? -14.953 -12.794 -9.452  1.00 23.53 ? 59  ARG A CZ  1 
ATOM   231  N NH1 . ARG A 1 59  ? -16.081 -12.163 -9.240  1.00 23.68 ? 59  ARG A NH1 1 
ATOM   232  N NH2 . ARG A 1 59  ? -14.429 -13.533 -8.516  1.00 25.33 ? 59  ARG A NH2 1 
ATOM   233  N N   . ALA A 1 60  ? -14.369 -7.732  -15.267 1.00 18.93 ? 60  ALA A N   1 
ATOM   234  C CA  . ALA A 1 60  ? -14.619 -7.272  -16.647 1.00 21.43 ? 60  ALA A CA  1 
ATOM   235  C C   . ALA A 1 60  ? -13.608 -6.162  -17.132 1.00 23.71 ? 60  ALA A C   1 
ATOM   236  O O   . ALA A 1 60  ? -13.278 -6.173  -18.288 1.00 24.91 ? 60  ALA A O   1 
ATOM   237  C CB  . ALA A 1 60  ? -16.103 -6.887  -16.873 1.00 19.13 ? 60  ALA A CB  1 
ATOM   238  N N   . ASP A 1 61  ? -13.045 -5.308  -16.257 1.00 20.86 ? 61  ASP A N   1 
ATOM   239  C CA  . ASP A 1 61  ? -12.124 -4.234  -16.687 1.00 21.51 ? 61  ASP A CA  1 
ATOM   240  C C   . ASP A 1 61  ? -10.650 -4.556  -16.309 1.00 22.16 ? 61  ASP A C   1 
ATOM   241  O O   . ASP A 1 61  ? -9.765  -4.489  -17.130 1.00 21.50 ? 61  ASP A O   1 
ATOM   242  C CB  . ASP A 1 61  ? -12.493 -2.864  -16.033 1.00 21.32 ? 61  ASP A CB  1 
ATOM   243  C CG  . ASP A 1 61  ? -13.893 -2.371  -16.427 1.00 25.22 ? 61  ASP A CG  1 
ATOM   244  O OD1 . ASP A 1 61  ? -14.262 -2.617  -17.580 1.00 25.24 ? 61  ASP A OD1 1 
ATOM   245  O OD2 . ASP A 1 61  ? -14.658 -1.808  -15.587 1.00 25.96 ? 61  ASP A OD2 1 
ATOM   246  N N   . LEU A 1 62  ? -10.396 -4.885  -15.054 1.00 20.03 ? 62  LEU A N   1 
ATOM   247  C CA  . LEU A 1 62  ? -9.015  -5.212  -14.632 1.00 21.07 ? 62  LEU A CA  1 
ATOM   248  C C   . LEU A 1 62  ? -8.549  -6.618  -14.980 1.00 19.74 ? 62  LEU A C   1 
ATOM   249  O O   . LEU A 1 62  ? -7.373  -6.894  -14.916 1.00 23.73 ? 62  LEU A O   1 
ATOM   250  C CB  . LEU A 1 62  ? -8.866  -4.943  -13.126 1.00 18.40 ? 62  LEU A CB  1 
ATOM   251  C CG  . LEU A 1 62  ? -9.189  -3.526  -12.709 1.00 19.56 ? 62  LEU A CG  1 
ATOM   252  C CD1 . LEU A 1 62  ? -9.049  -3.377  -11.201 1.00 20.08 ? 62  LEU A CD1 1 
ATOM   253  C CD2 . LEU A 1 62  ? -8.281  -2.512  -13.392 1.00 20.67 ? 62  LEU A CD2 1 
ATOM   254  N N   . GLY A 1 63  ? -9.470  -7.491  -15.286 1.00 20.24 ? 63  GLY A N   1 
ATOM   255  C CA  . GLY A 1 63  ? -9.197  -8.847  -15.627 1.00 21.77 ? 63  GLY A CA  1 
ATOM   256  C C   . GLY A 1 63  ? -8.540  -9.744  -14.596 1.00 22.23 ? 63  GLY A C   1 
ATOM   257  O O   . GLY A 1 63  ? -7.758  -10.512 -14.956 1.00 22.60 ? 63  GLY A O   1 
ATOM   258  N N   . LEU A 1 64  ? -8.898  -9.591  -13.336 1.00 19.30 ? 64  LEU A N   1 
ATOM   259  C CA  . LEU A 1 64  ? -8.358  -10.403 -12.284 1.00 18.50 ? 64  LEU A CA  1 
ATOM   260  C C   . LEU A 1 64  ? -8.603  -11.908 -12.469 1.00 17.95 ? 64  LEU A C   1 
ATOM   261  O O   . LEU A 1 64  ? -9.683  -12.345 -12.690 1.00 18.12 ? 64  LEU A O   1 
ATOM   262  C CB  . LEU A 1 64  ? -8.867  -9.936  -10.940 1.00 17.40 ? 64  LEU A CB  1 
ATOM   263  C CG  . LEU A 1 64  ? -7.902  -9.056  -10.172 1.00 19.54 ? 64  LEU A CG  1 
ATOM   264  C CD1 . LEU A 1 64  ? -7.903  -7.646  -10.703 1.00 18.49 ? 64  LEU A CD1 1 
ATOM   265  C CD2 . LEU A 1 64  ? -8.227  -9.110  -8.698  1.00 19.60 ? 64  LEU A CD2 1 
ATOM   266  N N   . SER A 1 65  ? -7.537  -12.657 -12.394 1.00 16.79 ? 65  SER A N   1 
ATOM   267  C CA  . SER A 1 65  ? -7.590  -14.095 -12.488 1.00 16.14 ? 65  SER A CA  1 
ATOM   268  C C   . SER A 1 65  ? -8.183  -14.735 -11.209 1.00 16.96 ? 65  SER A C   1 
ATOM   269  O O   . SER A 1 65  ? -8.330  -14.095 -10.205 1.00 15.23 ? 65  SER A O   1 
ATOM   270  C CB  . SER A 1 65  ? -6.203  -14.673 -12.736 1.00 17.13 ? 65  SER A CB  1 
ATOM   271  O OG  . SER A 1 65  ? -5.419  -14.679 -11.588 1.00 15.84 ? 65  SER A OG  1 
ATOM   272  N N   . SER A 1 66  ? -8.490  -16.009 -11.266 1.00 13.64 ? 66  SER A N   1 
ATOM   273  C CA  . SER A 1 66  ? -8.998  -16.656 -10.067 1.00 14.83 ? 66  SER A CA  1 
ATOM   274  C C   . SER A 1 66  ? -7.967  -16.670 -8.948  1.00 13.34 ? 66  SER A C   1 
ATOM   275  O O   . SER A 1 66  ? -8.314  -16.472 -7.796  1.00 11.98 ? 66  SER A O   1 
ATOM   276  C CB  . SER A 1 66  ? -9.281  -18.126 -10.372 1.00 15.42 ? 66  SER A CB  1 
ATOM   277  O OG  . SER A 1 66  ? -10.391 -18.148 -11.177 1.00 16.62 ? 66  SER A OG  1 
ATOM   278  N N   . VAL A 1 67  ? -6.719  -16.862 -9.312  1.00 12.57 ? 67  VAL A N   1 
ATOM   279  C CA  . VAL A 1 67  ? -5.625  -16.832 -8.347  1.00 16.94 ? 67  VAL A CA  1 
ATOM   280  C C   . VAL A 1 67  ? -5.421  -15.399 -7.766  1.00 15.61 ? 67  VAL A C   1 
ATOM   281  O O   . VAL A 1 67  ? -5.232  -15.255 -6.585  1.00 14.28 ? 67  VAL A O   1 
ATOM   282  C CB  . VAL A 1 67  ? -4.339  -17.405 -8.941  1.00 20.68 ? 67  VAL A CB  1 
ATOM   283  C CG1 . VAL A 1 67  ? -3.128  -17.195 -8.006  1.00 22.54 ? 67  VAL A CG1 1 
ATOM   284  C CG2 . VAL A 1 67  ? -4.524  -18.928 -9.137  1.00 22.57 ? 67  VAL A CG2 1 
ATOM   285  N N   . GLU A 1 68  ? -5.489  -14.367 -8.610  1.00 14.39 ? 68  GLU A N   1 
ATOM   286  C CA  . GLU A 1 68  ? -5.378  -13.023 -8.138  1.00 15.24 ? 68  GLU A CA  1 
ATOM   287  C C   . GLU A 1 68  ? -6.561  -12.626 -7.191  1.00 14.21 ? 68  GLU A C   1 
ATOM   288  O O   . GLU A 1 68  ? -6.345  -11.935 -6.198  1.00 14.50 ? 68  GLU A O   1 
ATOM   289  C CB  . GLU A 1 68  ? -5.320  -12.074 -9.314  1.00 17.08 ? 68  GLU A CB  1 
ATOM   290  C CG  . GLU A 1 68  ? -3.984  -12.237 -10.097 1.00 20.98 ? 68  GLU A CG  1 
ATOM   291  C CD  . GLU A 1 68  ? -3.965  -11.557 -11.480 1.00 22.49 ? 68  GLU A CD  1 
ATOM   292  O OE1 . GLU A 1 68  ? -5.029  -11.240 -12.113 1.00 19.82 ? 68  GLU A OE1 1 
ATOM   293  O OE2 . GLU A 1 68  ? -2.815  -11.327 -11.921 1.00 25.09 ? 68  GLU A OE2 1 
ATOM   294  N N   . THR A 1 69  ? -7.778  -13.018 -7.551  1.00 12.68 ? 69  THR A N   1 
ATOM   295  C CA  . THR A 1 69  ? -8.926  -12.823 -6.730  1.00 13.90 ? 69  THR A CA  1 
ATOM   296  C C   . THR A 1 69  ? -8.755  -13.426 -5.355  1.00 12.04 ? 69  THR A C   1 
ATOM   297  O O   . THR A 1 69  ? -9.039  -12.797 -4.366  1.00 11.25 ? 69  THR A O   1 
ATOM   298  C CB  . THR A 1 69  ? -10.218 -13.328 -7.436  1.00 15.83 ? 69  THR A CB  1 
ATOM   299  O OG1 . THR A 1 69  ? -10.385 -12.624 -8.676  1.00 18.29 ? 69  THR A OG1 1 
ATOM   300  C CG2 . THR A 1 69  ? -11.382 -13.012 -6.573  1.00 18.18 ? 69  THR A CG2 1 
ATOM   301  N N   . THR A 1 70  ? -8.223  -14.637 -5.321  1.00 12.11 ? 70  THR A N   1 
ATOM   302  C CA  . THR A 1 70  ? -8.016  -15.382 -4.121  1.00 12.36 ? 70  THR A CA  1 
ATOM   303  C C   . THR A 1 70  ? -6.911  -14.699 -3.282  1.00 12.18 ? 70  THR A C   1 
ATOM   304  O O   . THR A 1 70  ? -7.030  -14.569 -2.090  1.00 10.42 ? 70  THR A O   1 
ATOM   305  C CB  . THR A 1 70  ? -7.620  -16.835 -4.434  1.00 12.21 ? 70  THR A CB  1 
ATOM   306  O OG1 . THR A 1 70  ? -8.664  -17.436 -5.199  1.00 11.00 ? 70  THR A OG1 1 
ATOM   307  C CG2 . THR A 1 70  ? -7.459  -17.638 -3.077  1.00 13.46 ? 70  THR A CG2 1 
ATOM   308  N N   . ASP A 1 71  ? -5.869  -14.255 -3.957  1.00 13.24 ? 71  ASP A N   1 
ATOM   309  C CA  . ASP A 1 71  ? -4.816  -13.430 -3.372  1.00 13.96 ? 71  ASP A CA  1 
ATOM   310  C C   . ASP A 1 71  ? -5.320  -12.150 -2.724  1.00 12.41 ? 71  ASP A C   1 
ATOM   311  O O   . ASP A 1 71  ? -4.845  -11.741 -1.629  1.00 10.99 ? 71  ASP A O   1 
ATOM   312  C CB  . ASP A 1 71  ? -3.742  -13.098 -4.408  1.00 17.18 ? 71  ASP A CB  1 
ATOM   313  C CG  . ASP A 1 71  ? -2.734  -14.312 -4.687  1.00 24.81 ? 71  ASP A CG  1 
ATOM   314  O OD1 . ASP A 1 71  ? -2.757  -15.398 -4.006  1.00 28.74 ? 71  ASP A OD1 1 
ATOM   315  O OD2 . ASP A 1 71  ? -1.902  -14.155 -5.618  1.00 30.17 ? 71  ASP A OD2 1 
ATOM   316  N N   . LEU A 1 72  ? -6.258  -11.500 -3.391  1.00 11.10 ? 72  LEU A N   1 
ATOM   317  C CA  . LEU A 1 72  ? -6.937  -10.341 -2.795  1.00 10.81 ? 72  LEU A CA  1 
ATOM   318  C C   . LEU A 1 72  ? -7.738  -10.679 -1.547  1.00 11.14 ? 72  LEU A C   1 
ATOM   319  O O   . LEU A 1 72  ? -7.634  -9.964  -0.538  1.00 9.64  ? 72  LEU A O   1 
ATOM   320  C CB  . LEU A 1 72  ? -7.806  -9.627  -3.793  1.00 10.87 ? 72  LEU A CB  1 
ATOM   321  C CG  . LEU A 1 72  ? -8.455  -8.337  -3.398  1.00 11.30 ? 72  LEU A CG  1 
ATOM   322  C CD1 . LEU A 1 72  ? -7.400  -7.287  -2.963  1.00 11.45 ? 72  LEU A CD1 1 
ATOM   323  C CD2 . LEU A 1 72  ? -9.408  -7.856  -4.510  1.00 11.45 ? 72  LEU A CD2 1 
ATOM   324  N N   . GLU A 1 73  ? -8.457  -11.784 -1.580  1.00 11.35 ? 73  GLU A N   1 
ATOM   325  C CA  . GLU A 1 73  ? -9.118  -12.254 -0.393  1.00 12.78 ? 73  GLU A CA  1 
ATOM   326  C C   . GLU A 1 73  ? -8.144  -12.524 0.771   1.00 11.78 ? 73  GLU A C   1 
ATOM   327  O O   . GLU A 1 73  ? -8.398  -12.128 1.922   1.00 9.99  ? 73  GLU A O   1 
ATOM   328  C CB  . GLU A 1 73  ? -9.916  -13.532 -0.685  1.00 13.93 ? 73  GLU A CB  1 
ATOM   329  C CG  . GLU A 1 73  ? -11.148 -13.322 -1.588  1.00 15.92 ? 73  GLU A CG  1 
ATOM   330  C CD  . GLU A 1 73  ? -11.817 -14.674 -1.942  1.00 18.14 ? 73  GLU A CD  1 
ATOM   331  O OE1 . GLU A 1 73  ? -11.124 -15.743 -1.908  1.00 15.53 ? 73  GLU A OE1 1 
ATOM   332  O OE2 . GLU A 1 73  ? -13.060 -14.651 -2.147  1.00 15.51 ? 73  GLU A OE2 1 
ATOM   333  N N   . ILE A 1 74  ? -7.082  -13.228 0.464   1.00 11.71 ? 74  ILE A N   1 
ATOM   334  C CA  . ILE A 1 74  ? -6.042  -13.575 1.481   1.00 12.61 ? 74  ILE A CA  1 
ATOM   335  C C   . ILE A 1 74  ? -5.459  -12.271 2.104   1.00 12.94 ? 74  ILE A C   1 
ATOM   336  O O   . ILE A 1 74  ? -5.398  -12.102 3.322   1.00 13.21 ? 74  ILE A O   1 
ATOM   337  C CB  . ILE A 1 74  ? -4.878  -14.336 0.853   1.00 13.47 ? 74  ILE A CB  1 
ATOM   338  C CG1 . ILE A 1 74  ? -5.321  -15.765 0.464   1.00 14.47 ? 74  ILE A CG1 1 
ATOM   339  C CG2 . ILE A 1 74  ? -3.672  -14.491 1.855   1.00 15.16 ? 74  ILE A CG2 1 
ATOM   340  C CD1 . ILE A 1 74  ? -4.431  -16.468 -0.541  1.00 14.46 ? 74  ILE A CD1 1 
ATOM   341  N N   . GLN A 1 75  ? -5.108  -11.318 1.256   1.00 12.69 ? 75  GLN A N   1 
ATOM   342  C CA  . GLN A 1 75  ? -4.523  -10.067 1.712   1.00 13.67 ? 75  GLN A CA  1 
ATOM   343  C C   . GLN A 1 75  ? -5.507  -9.307  2.586   1.00 13.54 ? 75  GLN A C   1 
ATOM   344  O O   . GLN A 1 75  ? -5.121  -8.814  3.660   1.00 12.19 ? 75  GLN A O   1 
ATOM   345  C CB  . GLN A 1 75  ? -4.057  -9.189  0.546   1.00 14.69 ? 75  GLN A CB  1 
ATOM   346  C CG  . GLN A 1 75  ? -3.590  -7.868  1.066   1.00 17.46 ? 75  GLN A CG  1 
ATOM   347  C CD  . GLN A 1 75  ? -3.065  -6.872  0.030   1.00 19.47 ? 75  GLN A CD  1 
ATOM   348  O OE1 . GLN A 1 75  ? -2.378  -5.946  0.419   1.00 18.70 ? 75  GLN A OE1 1 
ATOM   349  N NE2 . GLN A 1 75  ? -3.457  -7.011  -1.274  1.00 20.21 ? 75  GLN A NE2 1 
ATOM   350  N N   . LEU A 1 76  ? -6.760  -9.196  2.159   1.00 13.41 ? 76  LEU A N   1 
ATOM   351  C CA  . LEU A 1 76  ? -7.768  -8.550  2.993   1.00 13.70 ? 76  LEU A CA  1 
ATOM   352  C C   . LEU A 1 76  ? -7.951  -9.200  4.391   1.00 15.09 ? 76  LEU A C   1 
ATOM   353  O O   . LEU A 1 76  ? -8.036  -8.523  5.455   1.00 15.35 ? 76  LEU A O   1 
ATOM   354  C CB  . LEU A 1 76  ? -9.085  -8.434  2.226   1.00 13.84 ? 76  LEU A CB  1 
ATOM   355  C CG  . LEU A 1 76  ? -9.199  -7.376  1.139   1.00 14.36 ? 76  LEU A CG  1 
ATOM   356  C CD1 . LEU A 1 76  ? -10.427 -7.657  0.253   1.00 14.93 ? 76  LEU A CD1 1 
ATOM   357  C CD2 . LEU A 1 76  ? -9.240  -5.960  1.667   1.00 15.01 ? 76  LEU A CD2 1 
ATOM   358  N N   . ARG A 1 77  ? -7.973  -10.519 4.412   1.00 15.86 ? 77  ARG A N   1 
ATOM   359  C CA  . ARG A 1 77  ? -8.089  -11.275 5.660   1.00 16.16 ? 77  ARG A CA  1 
ATOM   360  C C   . ARG A 1 77  ? -6.820  -11.186 6.576   1.00 17.92 ? 77  ARG A C   1 
ATOM   361  O O   . ARG A 1 77  ? -6.938  -10.861 7.767   1.00 16.25 ? 77  ARG A O   1 
ATOM   362  C CB  . ARG A 1 77  ? -8.387  -12.750 5.353   1.00 15.69 ? 77  ARG A CB  1 
ATOM   363  C CG  . ARG A 1 77  ? -8.400  -13.678 6.579   1.00 15.61 ? 77  ARG A CG  1 
ATOM   364  C CD  . ARG A 1 77  ? -8.955  -15.080 6.249   1.00 15.57 ? 77  ARG A CD  1 
ATOM   365  N NE  . ARG A 1 77  ? -8.280  -15.670 5.096   1.00 14.56 ? 77  ARG A NE  1 
ATOM   366  C CZ  . ARG A 1 77  ? -7.095  -16.262 5.154   1.00 15.51 ? 77  ARG A CZ  1 
ATOM   367  N NH1 . ARG A 1 77  ? -6.469  -16.425 6.296   1.00 15.71 ? 77  ARG A NH1 1 
ATOM   368  N NH2 . ARG A 1 77  ? -6.537  -16.709 4.070   1.00 15.98 ? 77  ARG A NH2 1 
ATOM   369  N N   . GLU A 1 78  ? -5.653  -11.422 5.996   1.00 15.61 ? 78  GLU A N   1 
ATOM   370  C CA  . GLU A 1 78  ? -4.416  -11.512 6.740   1.00 20.70 ? 78  GLU A CA  1 
ATOM   371  C C   . GLU A 1 78  ? -3.783  -10.162 7.078   1.00 21.08 ? 78  GLU A C   1 
ATOM   372  O O   . GLU A 1 78  ? -3.210  -9.976  8.203   1.00 19.65 ? 78  GLU A O   1 
ATOM   373  C CB  . GLU A 1 78  ? -3.436  -12.457 6.041   1.00 24.44 ? 78  GLU A CB  1 
ATOM   374  C CG  . GLU A 1 78  ? -4.001  -13.897 6.046   1.00 30.66 ? 78  GLU A CG  1 
ATOM   375  C CD  . GLU A 1 78  ? -3.023  -14.948 5.528   1.00 37.52 ? 78  GLU A CD  1 
ATOM   376  O OE1 . GLU A 1 78  ? -1.899  -14.501 5.172   1.00 38.64 ? 78  GLU A OE1 1 
ATOM   377  O OE2 . GLU A 1 78  ? -3.383  -16.192 5.485   1.00 41.68 ? 78  GLU A OE2 1 
ATOM   378  N N   . ARG A 1 79  ? -3.988  -9.186  6.214   1.00 17.18 ? 79  ARG A N   1 
ATOM   379  C CA  . ARG A 1 79  ? -3.468  -7.906  6.504   1.00 18.78 ? 79  ARG A CA  1 
ATOM   380  C C   . ARG A 1 79  ? -4.434  -6.986  7.248   1.00 18.35 ? 79  ARG A C   1 
ATOM   381  O O   . ARG A 1 79  ? -3.974  -6.187  8.041   1.00 17.82 ? 79  ARG A O   1 
ATOM   382  C CB  . ARG A 1 79  ? -3.044  -7.284  5.154   1.00 20.57 ? 79  ARG A CB  1 
ATOM   383  C CG  . ARG A 1 79  ? -2.193  -6.093  5.252   1.00 21.82 ? 79  ARG A CG  1 
ATOM   384  C CD  . ARG A 1 79  ? -1.669  -5.690  3.870   1.00 22.25 ? 79  ARG A CD  1 
ATOM   385  N NE  . ARG A 1 79  ? -0.673  -4.634  4.032   1.00 23.50 ? 79  ARG A NE  1 
ATOM   386  C CZ  . ARG A 1 79  ? -0.174  -3.920  3.022   1.00 26.76 ? 79  ARG A CZ  1 
ATOM   387  N NH1 . ARG A 1 79  ? -0.618  -4.121  1.772   1.00 22.37 ? 79  ARG A NH1 1 
ATOM   388  N NH2 . ARG A 1 79  ? 0.807   -3.043  3.262   1.00 28.09 ? 79  ARG A NH2 1 
ATOM   389  N N   . PHE A 1 80  ? -5.735  -7.043  6.947   1.00 15.95 ? 80  PHE A N   1 
ATOM   390  C CA  . PHE A 1 80  ? -6.723  -6.163  7.502   1.00 16.77 ? 80  PHE A CA  1 
ATOM   391  C C   . PHE A 1 80  ? -7.793  -6.797  8.401   1.00 17.07 ? 80  PHE A C   1 
ATOM   392  O O   . PHE A 1 80  ? -8.656  -6.094  8.924   1.00 18.36 ? 80  PHE A O   1 
ATOM   393  C CB  . PHE A 1 80  ? -7.404  -5.430  6.339   1.00 18.14 ? 80  PHE A CB  1 
ATOM   394  C CG  . PHE A 1 80  ? -6.455  -4.600  5.551   1.00 19.08 ? 80  PHE A CG  1 
ATOM   395  C CD1 . PHE A 1 80  ? -5.922  -3.455  6.116   1.00 21.92 ? 80  PHE A CD1 1 
ATOM   396  C CD2 . PHE A 1 80  ? -5.946  -5.043  4.350   1.00 21.23 ? 80  PHE A CD2 1 
ATOM   397  C CE1 . PHE A 1 80  ? -4.966  -2.672  5.424   1.00 22.17 ? 80  PHE A CE1 1 
ATOM   398  C CE2 . PHE A 1 80  ? -4.984  -4.314  3.663   1.00 22.27 ? 80  PHE A CE2 1 
ATOM   399  C CZ  . PHE A 1 80  ? -4.511  -3.094  4.190   1.00 22.17 ? 80  PHE A CZ  1 
ATOM   400  N N   . GLY A 1 81  ? -7.795  -8.096  8.541   1.00 16.58 ? 81  GLY A N   1 
ATOM   401  C CA  . GLY A 1 81  ? -8.864  -8.771  9.332   1.00 18.44 ? 81  GLY A CA  1 
ATOM   402  C C   . GLY A 1 81  ? -10.229 -8.793  8.627   1.00 19.26 ? 81  GLY A C   1 
ATOM   403  O O   . GLY A 1 81  ? -11.188 -9.159  9.249   1.00 19.78 ? 81  GLY A O   1 
ATOM   404  N N   . VAL A 1 82  ? -10.275 -8.511  7.320   1.00 18.55 ? 82  VAL A N   1 
ATOM   405  C CA  . VAL A 1 82  ? -11.510 -8.384  6.524   1.00 19.31 ? 82  VAL A CA  1 
ATOM   406  C C   . VAL A 1 82  ? -11.784 -9.697  5.772   1.00 18.61 ? 82  VAL A C   1 
ATOM   407  O O   . VAL A 1 82  ? -10.943 -10.203 5.033   1.00 17.69 ? 82  VAL A O   1 
ATOM   408  C CB  . VAL A 1 82  ? -11.429 -7.235  5.510   1.00 21.08 ? 82  VAL A CB  1 
ATOM   409  C CG1 . VAL A 1 82  ? -12.614 -7.270  4.518   1.00 22.48 ? 82  VAL A CG1 1 
ATOM   410  C CG2 . VAL A 1 82  ? -11.436 -5.886  6.227   1.00 22.40 ? 82  VAL A CG2 1 
ATOM   411  N N   . ARG A 1 83  ? -12.917 -10.307 6.083   1.00 18.97 ? 83  ARG A N   1 
ATOM   412  C CA  . ARG A 1 83  ? -13.344 -11.545 5.429   1.00 19.50 ? 83  ARG A CA  1 
ATOM   413  C C   . ARG A 1 83  ? -14.367 -11.186 4.397   1.00 20.51 ? 83  ARG A C   1 
ATOM   414  O O   . ARG A 1 83  ? -15.403 -10.655 4.741   1.00 19.32 ? 83  ARG A O   1 
ATOM   415  C CB  . ARG A 1 83  ? -13.919 -12.482 6.460   1.00 20.68 ? 83  ARG A CB  1 
ATOM   416  C CG  . ARG A 1 83  ? -12.740 -13.238 7.089   1.00 23.10 ? 83  ARG A CG  1 
ATOM   417  C CD  . ARG A 1 83  ? -12.944 -13.363 8.525   1.00 26.64 ? 83  ARG A CD  1 
ATOM   418  N NE  . ARG A 1 83  ? -11.917 -14.151 9.198   1.00 27.10 ? 83  ARG A NE  1 
ATOM   419  C CZ  . ARG A 1 83  ? -10.894 -13.639 9.845   1.00 27.98 ? 83  ARG A CZ  1 
ATOM   420  N NH1 . ARG A 1 83  ? -10.645 -12.308 9.867   1.00 31.93 ? 83  ARG A NH1 1 
ATOM   421  N NH2 . ARG A 1 83  ? -10.094 -14.464 10.496  1.00 25.04 ? 83  ARG A NH2 1 
ATOM   422  N N   . ILE A 1 84  ? -14.056 -11.404 3.128   1.00 18.57 ? 84  ILE A N   1 
ATOM   423  C CA  . ILE A 1 84  ? -15.024 -11.155 2.086   1.00 19.95 ? 84  ILE A CA  1 
ATOM   424  C C   . ILE A 1 84  ? -14.918 -12.293 1.078   1.00 20.04 ? 84  ILE A C   1 
ATOM   425  O O   . ILE A 1 84  ? -13.791 -12.816 0.859   1.00 19.16 ? 84  ILE A O   1 
ATOM   426  C CB  . ILE A 1 84  ? -14.776 -9.800  1.430   1.00 23.92 ? 84  ILE A CB  1 
ATOM   427  C CG1 . ILE A 1 84  ? -15.949 -9.446  0.511   1.00 26.50 ? 84  ILE A CG1 1 
ATOM   428  C CG2 . ILE A 1 84  ? -13.402 -9.776  0.705   1.00 23.92 ? 84  ILE A CG2 1 
ATOM   429  C CD1 . ILE A 1 84  ? -15.876 -8.009  0.042   1.00 32.74 ? 84  ILE A CD1 1 
ATOM   430  N N   . ASN A 1 85  ? -16.072 -12.690 0.527   1.00 18.55 ? 85  ASN A N   1 
ATOM   431  C CA  . ASN A 1 85  ? -16.168 -13.721 -0.489  1.00 19.39 ? 85  ASN A CA  1 
ATOM   432  C C   . ASN A 1 85  ? -16.423 -13.076 -1.845  1.00 20.46 ? 85  ASN A C   1 
ATOM   433  O O   . ASN A 1 85  ? -17.597 -12.672 -2.208  1.00 20.95 ? 85  ASN A O   1 
ATOM   434  C CB  . ASN A 1 85  ? -17.253 -14.769 -0.165  1.00 20.28 ? 85  ASN A CB  1 
ATOM   435  C CG  . ASN A 1 85  ? -17.120 -16.018 -1.022  1.00 20.82 ? 85  ASN A CG  1 
ATOM   436  O OD1 . ASN A 1 85  ? -16.800 -15.952 -2.231  1.00 17.18 ? 85  ASN A OD1 1 
ATOM   437  N ND2 . ASN A 1 85  ? -17.224 -17.163 -0.383  1.00 18.70 ? 85  ASN A ND2 1 
ATOM   438  N N   . LEU A 1 86  ? -15.361 -13.048 -2.652  1.00 15.19 ? 86  LEU A N   1 
ATOM   439  C CA  . LEU A 1 86  ? -15.445 -12.383 -3.933  1.00 16.27 ? 86  LEU A CA  1 
ATOM   440  C C   . LEU A 1 86  ? -15.984 -13.267 -5.047  1.00 16.06 ? 86  LEU A C   1 
ATOM   441  O O   . LEU A 1 86  ? -15.991 -12.884 -6.247  1.00 15.04 ? 86  LEU A O   1 
ATOM   442  C CB  . LEU A 1 86  ? -14.087 -11.797 -4.283  1.00 17.75 ? 86  LEU A CB  1 
ATOM   443  C CG  . LEU A 1 86  ? -13.599 -10.734 -3.295  1.00 17.52 ? 86  LEU A CG  1 
ATOM   444  C CD1 . LEU A 1 86  ? -12.200 -10.316 -3.676  1.00 18.85 ? 86  LEU A CD1 1 
ATOM   445  C CD2 . LEU A 1 86  ? -14.541 -9.529  -3.240  1.00 19.17 ? 86  LEU A CD2 1 
ATOM   446  N N   . TRP A 1 87  ? -16.537 -14.411 -4.665  1.00 16.23 ? 87  TRP A N   1 
ATOM   447  C CA  . TRP A 1 87  ? -17.385 -15.185 -5.578  1.00 18.59 ? 87  TRP A CA  1 
ATOM   448  C C   . TRP A 1 87  ? -18.833 -15.100 -5.211  1.00 19.21 ? 87  TRP A C   1 
ATOM   449  O O   . TRP A 1 87  ? -19.644 -15.740 -5.840  1.00 19.70 ? 87  TRP A O   1 
ATOM   450  C CB  . TRP A 1 87  ? -16.872 -16.616 -5.602  1.00 20.57 ? 87  TRP A CB  1 
ATOM   451  C CG  . TRP A 1 87  ? -15.873 -16.786 -6.720  1.00 25.58 ? 87  TRP A CG  1 
ATOM   452  C CD1 . TRP A 1 87  ? -16.172 -17.101 -8.021  1.00 26.10 ? 87  TRP A CD1 1 
ATOM   453  C CD2 . TRP A 1 87  ? -14.466 -16.678 -6.652  1.00 24.80 ? 87  TRP A CD2 1 
ATOM   454  N NE1 . TRP A 1 87  ? -15.029 -17.186 -8.747  1.00 28.40 ? 87  TRP A NE1 1 
ATOM   455  C CE2 . TRP A 1 87  ? -13.967 -16.921 -7.940  1.00 28.10 ? 87  TRP A CE2 1 
ATOM   456  C CE3 . TRP A 1 87  ? -13.574 -16.414 -5.637  1.00 28.04 ? 87  TRP A CE3 1 
ATOM   457  C CZ2 . TRP A 1 87  ? -12.621 -16.901 -8.232  1.00 25.10 ? 87  TRP A CZ2 1 
ATOM   458  C CZ3 . TRP A 1 87  ? -12.283 -16.381 -5.927  1.00 28.04 ? 87  TRP A CZ3 1 
ATOM   459  C CH2 . TRP A 1 87  ? -11.806 -16.642 -7.219  1.00 26.17 ? 87  TRP A CH2 1 
ATOM   460  N N   . ASP A 1 88  ? -19.196 -14.316 -4.207  1.00 21.44 ? 88  ASP A N   1 
ATOM   461  C CA  . ASP A 1 88  ? -20.607 -14.072 -3.928  1.00 26.01 ? 88  ASP A CA  1 
ATOM   462  C C   . ASP A 1 88  ? -21.293 -13.289 -5.051  1.00 26.61 ? 88  ASP A C   1 
ATOM   463  O O   . ASP A 1 88  ? -22.495 -13.401 -5.179  1.00 28.86 ? 88  ASP A O   1 
ATOM   464  C CB  . ASP A 1 88  ? -20.838 -13.273 -2.649  1.00 28.66 ? 88  ASP A CB  1 
ATOM   465  C CG  . ASP A 1 88  ? -20.657 -14.086 -1.396  1.00 35.57 ? 88  ASP A CG  1 
ATOM   466  O OD1 . ASP A 1 88  ? -20.617 -15.319 -1.473  1.00 37.63 ? 88  ASP A OD1 1 
ATOM   467  O OD2 . ASP A 1 88  ? -20.524 -13.453 -0.310  1.00 46.83 ? 88  ASP A OD2 1 
ATOM   468  N N   . LYS A 1 89  ? -20.567 -12.456 -5.788  1.00 25.59 ? 89  LYS A N   1 
ATOM   469  C CA  . LYS A 1 89  ? -21.132 -11.749 -6.953  1.00 25.94 ? 89  LYS A CA  1 
ATOM   470  C C   . LYS A 1 89  ? -20.342 -12.090 -8.170  1.00 24.24 ? 89  LYS A C   1 
ATOM   471  O O   . LYS A 1 89  ? -19.171 -12.541 -8.110  1.00 23.04 ? 89  LYS A O   1 
ATOM   472  C CB  . LYS A 1 89  ? -21.142 -10.236 -6.782  1.00 31.02 ? 89  LYS A CB  1 
ATOM   473  C CG  . LYS A 1 89  ? -21.970 -9.707  -5.633  1.00 37.41 ? 89  LYS A CG  1 
ATOM   474  C CD  . LYS A 1 89  ? -23.366 -10.332 -5.723  1.00 48.33 ? 89  LYS A CD  1 
ATOM   475  C CE  . LYS A 1 89  ? -24.437 -9.590  -4.934  1.00 54.68 ? 89  LYS A CE  1 
ATOM   476  N NZ  . LYS A 1 89  ? -24.276 -9.886  -3.471  1.00 57.68 ? 89  LYS A NZ  1 
ATOM   477  N N   . ALA A 1 90  ? -20.965 -11.881 -9.310  1.00 21.70 ? 90  ALA A N   1 
ATOM   478  C CA  . ALA A 1 90  ? -20.268 -12.119 -10.592 1.00 20.54 ? 90  ALA A CA  1 
ATOM   479  C C   . ALA A 1 90  ? -19.118 -11.147 -10.765 1.00 19.31 ? 90  ALA A C   1 
ATOM   480  O O   . ALA A 1 90  ? -18.065 -11.456 -11.326 1.00 20.66 ? 90  ALA A O   1 
ATOM   481  C CB  . ALA A 1 90  ? -21.271 -11.975 -11.732 1.00 21.74 ? 90  ALA A CB  1 
ATOM   482  N N   . ASP A 1 91  ? -19.262 -9.954  -10.247 1.00 21.08 ? 91  ASP A N   1 
ATOM   483  C CA  . ASP A 1 91  ? -18.201 -8.951  -10.450 1.00 21.94 ? 91  ASP A CA  1 
ATOM   484  C C   . ASP A 1 91  ? -18.440 -7.903  -9.390  1.00 21.68 ? 91  ASP A C   1 
ATOM   485  O O   . ASP A 1 91  ? -19.405 -8.017  -8.627  1.00 20.66 ? 91  ASP A O   1 
ATOM   486  C CB  . ASP A 1 91  ? -18.236 -8.385  -11.906 1.00 24.30 ? 91  ASP A CB  1 
ATOM   487  C CG  . ASP A 1 91  ? -16.855 -7.857  -12.370 1.00 26.55 ? 91  ASP A CG  1 
ATOM   488  O OD1 . ASP A 1 91  ? -15.920 -7.690  -11.503 1.00 20.59 ? 91  ASP A OD1 1 
ATOM   489  O OD2 . ASP A 1 91  ? -16.701 -7.595  -13.601 1.00 23.97 ? 91  ASP A OD2 1 
ATOM   490  N N   . TYR A 1 92  ? -17.476 -7.007  -9.243  1.00 21.36 ? 92  TYR A N   1 
ATOM   491  C CA  . TYR A 1 92  ? -17.436 -5.962  -8.241  1.00 20.51 ? 92  TYR A CA  1 
ATOM   492  C C   . TYR A 1 92  ? -16.802 -4.741  -8.850  1.00 19.94 ? 92  TYR A C   1 
ATOM   493  O O   . TYR A 1 92  ? -15.682 -4.813  -9.413  1.00 19.13 ? 92  TYR A O   1 
ATOM   494  C CB  . TYR A 1 92  ? -16.497 -6.393  -7.072  1.00 20.12 ? 92  TYR A CB  1 
ATOM   495  C CG  . TYR A 1 92  ? -17.048 -7.476  -6.265  1.00 21.10 ? 92  TYR A CG  1 
ATOM   496  C CD1 . TYR A 1 92  ? -16.849 -8.783  -6.660  1.00 22.00 ? 92  TYR A CD1 1 
ATOM   497  C CD2 . TYR A 1 92  ? -17.790 -7.223  -5.113  1.00 24.36 ? 92  TYR A CD2 1 
ATOM   498  C CE1 . TYR A 1 92  ? -17.389 -9.824  -5.977  1.00 23.82 ? 92  TYR A CE1 1 
ATOM   499  C CE2 . TYR A 1 92  ? -18.331 -8.288  -4.366  1.00 26.45 ? 92  TYR A CE2 1 
ATOM   500  C CZ  . TYR A 1 92  ? -18.123 -9.600  -4.835  1.00 25.34 ? 92  TYR A CZ  1 
ATOM   501  O OH  . TYR A 1 92  ? -18.599 -10.748 -4.239  1.00 28.41 ? 92  TYR A OH  1 
ATOM   502  N N   . THR A 1 93  ? -17.467 -3.613  -8.750  1.00 18.27 ? 93  THR A N   1 
ATOM   503  C CA  . THR A 1 93  ? -16.850 -2.363  -9.061  1.00 17.70 ? 93  THR A CA  1 
ATOM   504  C C   . THR A 1 93  ? -16.001 -2.014  -7.875  1.00 16.95 ? 93  THR A C   1 
ATOM   505  O O   . THR A 1 93  ? -16.128 -2.596  -6.802  1.00 16.73 ? 93  THR A O   1 
ATOM   506  C CB  . THR A 1 93  ? -17.886 -1.232  -9.283  1.00 19.65 ? 93  THR A CB  1 
ATOM   507  O OG1 . THR A 1 93  ? -18.572 -1.049  -8.045  1.00 19.70 ? 93  THR A OG1 1 
ATOM   508  C CG2 . THR A 1 93  ? -18.863 -1.580  -10.423 1.00 19.62 ? 93  THR A CG2 1 
ATOM   509  N N   . MET A 1 94  ? -15.127 -1.022  -8.046  1.00 18.62 ? 94  MET A N   1 
ATOM   510  C CA  . MET A 1 94  ? -14.226 -0.623  -6.934  1.00 17.70 ? 94  MET A CA  1 
ATOM   511  C C   . MET A 1 94  ? -15.067 -0.046  -5.753  1.00 20.47 ? 94  MET A C   1 
ATOM   512  O O   . MET A 1 94  ? -14.802 -0.290  -4.540  1.00 17.74 ? 94  MET A O   1 
ATOM   513  C CB  . MET A 1 94  ? -13.191 0.334   -7.471  1.00 18.20 ? 94  MET A CB  1 
ATOM   514  C CG  . MET A 1 94  ? -12.241 -0.288  -8.513  1.00 18.54 ? 94  MET A CG  1 
ATOM   515  S SD  . MET A 1 94  ? -11.223 -1.619  -7.734  1.00 13.33 ? 94  MET A SD  1 
ATOM   516  C CE  . MET A 1 94  ? -12.166 -3.048  -8.302  1.00 20.84 ? 94  MET A CE  1 
ATOM   517  N N   . GLU A 1 95  ? -16.161 0.607   -6.108  1.00 22.27 ? 95  GLU A N   1 
ATOM   518  C CA  . GLU A 1 95  ? -17.098 1.134   -5.106  1.00 26.43 ? 95  GLU A CA  1 
ATOM   519  C C   . GLU A 1 95  ? -17.784 0.007   -4.290  1.00 24.28 ? 95  GLU A C   1 
ATOM   520  O O   . GLU A 1 95  ? -17.900 0.091   -3.079  1.00 22.85 ? 95  GLU A O   1 
ATOM   521  C CB  . GLU A 1 95  ? -18.150 2.020   -5.820  1.00 34.15 ? 95  GLU A CB  1 
ATOM   522  C CG  . GLU A 1 95  ? -18.734 3.134   -4.948  1.00 44.78 ? 95  GLU A CG  1 
ATOM   523  C CD  . GLU A 1 95  ? -19.892 3.870   -5.646  1.00 57.56 ? 95  GLU A CD  1 
ATOM   524  O OE1 . GLU A 1 95  ? -21.056 3.694   -5.209  1.00 68.26 ? 95  GLU A OE1 1 
ATOM   525  O OE2 . GLU A 1 95  ? -19.656 4.602   -6.648  1.00 58.99 ? 95  GLU A OE2 1 
ATOM   526  N N   . GLN A 1 96  ? -18.288 -1.021  -4.956  1.00 21.99 ? 96  GLN A N   1 
ATOM   527  C CA  . GLN A 1 96  ? -18.861 -2.167  -4.250  1.00 24.93 ? 96  GLN A CA  1 
ATOM   528  C C   . GLN A 1 96  ? -17.827 -2.848  -3.389  1.00 25.16 ? 96  GLN A C   1 
ATOM   529  O O   . GLN A 1 96  ? -18.109 -3.255  -2.307  1.00 24.14 ? 96  GLN A O   1 
ATOM   530  C CB  . GLN A 1 96  ? -19.405 -3.208  -5.217  1.00 28.67 ? 96  GLN A CB  1 
ATOM   531  C CG  . GLN A 1 96  ? -20.662 -2.702  -5.897  1.00 29.24 ? 96  GLN A CG  1 
ATOM   532  C CD  . GLN A 1 96  ? -20.966 -3.362  -7.222  1.00 36.24 ? 96  GLN A CD  1 
ATOM   533  O OE1 . GLN A 1 96  ? -20.195 -4.133  -7.807  1.00 33.50 ? 96  GLN A OE1 1 
ATOM   534  N NE2 . GLN A 1 96  ? -22.117 -3.013  -7.734  1.00 42.07 ? 96  GLN A NE2 1 
ATOM   535  N N   . LEU A 1 97  ? -16.614 -2.963  -3.895  1.00 25.29 ? 97  LEU A N   1 
ATOM   536  C CA  . LEU A 1 97  ? -15.544 -3.554  -3.112  1.00 22.60 ? 97  LEU A CA  1 
ATOM   537  C C   . LEU A 1 97  ? -15.289 -2.705  -1.857  1.00 20.85 ? 97  LEU A C   1 
ATOM   538  O O   . LEU A 1 97  ? -15.205 -3.246  -0.752  1.00 23.17 ? 97  LEU A O   1 
ATOM   539  C CB  . LEU A 1 97  ? -14.313 -3.800  -4.024  1.00 22.14 ? 97  LEU A CB  1 
ATOM   540  C CG  . LEU A 1 97  ? -13.117 -4.502  -3.441  1.00 28.46 ? 97  LEU A CG  1 
ATOM   541  C CD1 . LEU A 1 97  ? -13.512 -5.898  -2.924  1.00 28.40 ? 97  LEU A CD1 1 
ATOM   542  C CD2 . LEU A 1 97  ? -11.985 -4.589  -4.453  1.00 28.87 ? 97  LEU A CD2 1 
ATOM   543  N N   . ALA A 1 98  ? -15.228 -1.389  -1.964  1.00 22.69 ? 98  ALA A N   1 
ATOM   544  C CA  . ALA A 1 98  ? -15.010 -0.549  -0.776  1.00 25.98 ? 98  ALA A CA  1 
ATOM   545  C C   . ALA A 1 98  ? -16.136 -0.707  0.259   1.00 29.23 ? 98  ALA A C   1 
ATOM   546  O O   . ALA A 1 98  ? -15.892 -0.874  1.459   1.00 30.08 ? 98  ALA A O   1 
ATOM   547  C CB  . ALA A 1 98  ? -14.854 0.928   -1.144  1.00 26.00 ? 98  ALA A CB  1 
ATOM   548  N N   . VAL A 1 99  ? -17.364 -0.703  -0.218  1.00 29.62 ? 99  VAL A N   1 
ATOM   549  C CA  . VAL A 1 99  ? -18.516 -0.876  0.649   1.00 33.21 ? 99  VAL A CA  1 
ATOM   550  C C   . VAL A 1 99  ? -18.510 -2.256  1.321   1.00 35.83 ? 99  VAL A C   1 
ATOM   551  O O   . VAL A 1 99  ? -18.726 -2.373  2.546   1.00 35.75 ? 99  VAL A O   1 
ATOM   552  C CB  . VAL A 1 99  ? -19.807 -0.704  -0.151  1.00 34.53 ? 99  VAL A CB  1 
ATOM   553  C CG1 . VAL A 1 99  ? -21.012 -1.220  0.654   1.00 38.51 ? 99  VAL A CG1 1 
ATOM   554  C CG2 . VAL A 1 99  ? -19.964 0.763   -0.541  1.00 34.52 ? 99  VAL A CG2 1 
ATOM   555  N N   . GLY A 1 100 ? -18.263 -3.294  0.524   1.00 32.84 ? 100 GLY A N   1 
ATOM   556  C CA  . GLY A 1 100 ? -18.106 -4.659  1.073   1.00 35.13 ? 100 GLY A CA  1 
ATOM   557  C C   . GLY A 1 100 ? -17.011 -4.769  2.133   1.00 35.64 ? 100 GLY A C   1 
ATOM   558  O O   . GLY A 1 100 ? -17.123 -5.552  3.073   1.00 41.63 ? 100 GLY A O   1 
ATOM   559  N N   . ILE A 1 101 ? -15.953 -3.986  1.986   1.00 36.76 ? 101 ILE A N   1 
ATOM   560  C CA  . ILE A 1 101 ? -14.872 -3.890  3.000   1.00 41.44 ? 101 ILE A CA  1 
ATOM   561  C C   . ILE A 1 101 ? -15.258 -2.943  4.144   1.00 43.41 ? 101 ILE A C   1 
ATOM   562  O O   . ILE A 1 101 ? -16.312 -3.076  4.744   1.00 54.33 ? 101 ILE A O   1 
ATOM   563  C CB  . ILE A 1 101 ? -13.573 -3.375  2.331   1.00 40.84 ? 101 ILE A CB  1 
ATOM   564  C CG1 . ILE A 1 101 ? -13.002 -4.425  1.374   1.00 42.96 ? 101 ILE A CG1 1 
ATOM   565  C CG2 . ILE A 1 101 ? -12.516 -2.941  3.350   1.00 41.52 ? 101 ILE A CG2 1 
ATOM   566  C CD1 . ILE A 1 101 ? -12.009 -3.812  0.385   1.00 48.70 ? 101 ILE A CD1 1 
ATOM   567  N N   . VAL B 1 30  ? 22.786  8.878   4.643   1.00 64.02 ? 30  VAL B N   1 
ATOM   568  C CA  . VAL B 1 30  ? 22.884  8.887   6.136   1.00 63.64 ? 30  VAL B CA  1 
ATOM   569  C C   . VAL B 1 30  ? 21.539  9.385   6.749   1.00 54.75 ? 30  VAL B C   1 
ATOM   570  O O   . VAL B 1 30  ? 21.023  8.763   7.679   1.00 51.87 ? 30  VAL B O   1 
ATOM   571  C CB  . VAL B 1 30  ? 24.119  9.720   6.609   1.00 65.02 ? 30  VAL B CB  1 
ATOM   572  C CG1 . VAL B 1 30  ? 24.304  9.640   8.122   1.00 66.79 ? 30  VAL B CG1 1 
ATOM   573  C CG2 . VAL B 1 30  ? 25.391  9.271   5.879   1.00 66.18 ? 30  VAL B CG2 1 
ATOM   574  N N   . SER B 1 31  ? 20.952  10.459  6.195   1.00 48.15 ? 31  SER B N   1 
ATOM   575  C CA  . SER B 1 31  ? 19.814  11.150  6.839   1.00 38.35 ? 31  SER B CA  1 
ATOM   576  C C   . SER B 1 31  ? 18.375  10.571  6.641   1.00 35.02 ? 31  SER B C   1 
ATOM   577  O O   . SER B 1 31  ? 17.880  10.384  5.522   1.00 37.87 ? 31  SER B O   1 
ATOM   578  C CB  . SER B 1 31  ? 19.774  12.615  6.433   1.00 37.35 ? 31  SER B CB  1 
ATOM   579  O OG  . SER B 1 31  ? 18.797  13.275  7.247   1.00 33.45 ? 31  SER B OG  1 
ATOM   580  N N   . VAL B 1 32  ? 17.653  10.424  7.742   1.00 28.57 ? 32  VAL B N   1 
ATOM   581  C CA  . VAL B 1 32  ? 16.329  9.871   7.678   1.00 24.73 ? 32  VAL B CA  1 
ATOM   582  C C   . VAL B 1 32  ? 15.284  10.923  7.989   1.00 22.05 ? 32  VAL B C   1 
ATOM   583  O O   . VAL B 1 32  ? 14.126  10.576  8.228   1.00 21.11 ? 32  VAL B O   1 
ATOM   584  C CB  . VAL B 1 32  ? 16.215  8.615   8.575   1.00 26.73 ? 32  VAL B CB  1 
ATOM   585  C CG1 . VAL B 1 32  ? 17.162  7.524   8.073   1.00 31.43 ? 32  VAL B CG1 1 
ATOM   586  C CG2 . VAL B 1 32  ? 16.532  8.900   10.008  1.00 26.43 ? 32  VAL B CG2 1 
ATOM   587  N N   . ASP B 1 33  ? 15.671  12.195  7.995   1.00 19.56 ? 33  ASP B N   1 
ATOM   588  C CA  . ASP B 1 33  ? 14.744  13.281  8.338   1.00 22.24 ? 33  ASP B CA  1 
ATOM   589  C C   . ASP B 1 33  ? 13.590  13.392  7.367   1.00 18.55 ? 33  ASP B C   1 
ATOM   590  O O   . ASP B 1 33  ? 12.445  13.563  7.823   1.00 15.85 ? 33  ASP B O   1 
ATOM   591  C CB  . ASP B 1 33  ? 15.436  14.645  8.515   1.00 30.64 ? 33  ASP B CB  1 
ATOM   592  C CG  . ASP B 1 33  ? 16.300  14.730  9.798   1.00 46.32 ? 33  ASP B CG  1 
ATOM   593  O OD1 . ASP B 1 33  ? 16.155  13.856  10.709  1.00 54.81 ? 33  ASP B OD1 1 
ATOM   594  O OD2 . ASP B 1 33  ? 17.138  15.676  9.908   1.00 60.69 ? 33  ASP B OD2 1 
ATOM   595  N N   . VAL B 1 34  ? 13.868  13.213  6.062   1.00 16.63 ? 34  VAL B N   1 
ATOM   596  C CA  . VAL B 1 34  ? 12.834  13.241  5.045   1.00 20.31 ? 34  VAL B CA  1 
ATOM   597  C C   . VAL B 1 34  ? 11.776  12.129  5.326   1.00 19.37 ? 34  VAL B C   1 
ATOM   598  O O   . VAL B 1 34  ? 10.586  12.369  5.244   1.00 16.42 ? 34  VAL B O   1 
ATOM   599  C CB  . VAL B 1 34  ? 13.363  13.194  3.579   1.00 21.93 ? 34  VAL B CB  1 
ATOM   600  C CG1 . VAL B 1 34  ? 12.228  12.993  2.598   1.00 23.56 ? 34  VAL B CG1 1 
ATOM   601  C CG2 . VAL B 1 34  ? 14.164  14.490  3.216   1.00 27.61 ? 34  VAL B CG2 1 
ATOM   602  N N   . LEU B 1 35  ? 12.233  10.951  5.694   1.00 19.75 ? 35  LEU B N   1 
ATOM   603  C CA  . LEU B 1 35  ? 11.312  9.884   5.983   1.00 21.03 ? 35  LEU B CA  1 
ATOM   604  C C   . LEU B 1 35  ? 10.538  10.100  7.295   1.00 20.06 ? 35  LEU B C   1 
ATOM   605  O O   . LEU B 1 35  ? 9.361   9.784   7.367   1.00 16.57 ? 35  LEU B O   1 
ATOM   606  C CB  . LEU B 1 35  ? 12.072  8.567   6.007   1.00 25.18 ? 35  LEU B CB  1 
ATOM   607  C CG  . LEU B 1 35  ? 11.310  7.271   6.095   1.00 27.22 ? 35  LEU B CG  1 
ATOM   608  C CD1 . LEU B 1 35  ? 10.172  7.159   5.136   1.00 29.63 ? 35  LEU B CD1 1 
ATOM   609  C CD2 . LEU B 1 35  ? 12.343  6.210   5.780   1.00 36.64 ? 35  LEU B CD2 1 
ATOM   610  N N   . LYS B 1 36  ? 11.193  10.683  8.298   1.00 18.19 ? 36  LYS B N   1 
ATOM   611  C CA  . LYS B 1 36  ? 10.529  10.982  9.534   1.00 17.91 ? 36  LYS B CA  1 
ATOM   612  C C   . LYS B 1 36  ? 9.383   11.965  9.279   1.00 14.75 ? 36  LYS B C   1 
ATOM   613  O O   . LYS B 1 36  ? 8.295   11.832  9.833   1.00 12.66 ? 36  LYS B O   1 
ATOM   614  C CB  . LYS B 1 36  ? 11.471  11.618  10.538  1.00 20.73 ? 36  LYS B CB  1 
ATOM   615  C CG  . LYS B 1 36  ? 10.763  11.886  11.891  1.00 22.21 ? 36  LYS B CG  1 
ATOM   616  C CD  . LYS B 1 36  ? 11.698  12.570  12.892  1.00 26.10 ? 36  LYS B CD  1 
ATOM   617  C CE  . LYS B 1 36  ? 10.874  13.213  13.997  1.00 29.93 ? 36  LYS B CE  1 
ATOM   618  N NZ  . LYS B 1 36  ? 11.592  13.172  15.296  1.00 36.65 ? 36  LYS B NZ  1 
ATOM   619  N N   . GLN B 1 37  ? 9.647   12.946  8.446   1.00 14.28 ? 37  GLN B N   1 
ATOM   620  C CA  . GLN B 1 37  ? 8.637   13.944  8.133   1.00 13.32 ? 37  GLN B CA  1 
ATOM   621  C C   . GLN B 1 37  ? 7.476   13.340  7.355   1.00 13.23 ? 37  GLN B C   1 
ATOM   622  O O   . GLN B 1 37  ? 6.348   13.736  7.575   1.00 12.36 ? 37  GLN B O   1 
ATOM   623  C CB  . GLN B 1 37  ? 9.202   15.128  7.350   1.00 12.59 ? 37  GLN B CB  1 
ATOM   624  C CG  . GLN B 1 37  ? 8.183   16.273  7.097   1.00 13.46 ? 37  GLN B CG  1 
ATOM   625  C CD  . GLN B 1 37  ? 7.785   16.965  8.379   1.00 14.34 ? 37  GLN B CD  1 
ATOM   626  O OE1 . GLN B 1 37  ? 8.658   17.309  9.164   1.00 16.87 ? 37  GLN B OE1 1 
ATOM   627  N NE2 . GLN B 1 37  ? 6.482   17.161  8.613   1.00 14.39 ? 37  GLN B NE2 1 
ATOM   628  N N   . LEU B 1 38  ? 7.775   12.430  6.437   1.00 12.81 ? 38  LEU B N   1 
ATOM   629  C CA  . LEU B 1 38  ? 6.754   11.690  5.746   1.00 13.28 ? 38  LEU B CA  1 
ATOM   630  C C   . LEU B 1 38  ? 5.852   10.917  6.662   1.00 12.38 ? 38  LEU B C   1 
ATOM   631  O O   . LEU B 1 38  ? 4.621   10.882  6.501   1.00 12.42 ? 38  LEU B O   1 
ATOM   632  C CB  . LEU B 1 38  ? 7.366   10.793  4.650   1.00 14.79 ? 38  LEU B CB  1 
ATOM   633  C CG  . LEU B 1 38  ? 6.438   9.875   3.841   1.00 16.72 ? 38  LEU B CG  1 
ATOM   634  C CD1 . LEU B 1 38  ? 5.409   10.742  3.129   1.00 17.51 ? 38  LEU B CD1 1 
ATOM   635  C CD2 . LEU B 1 38  ? 7.147   9.012   2.786   1.00 18.63 ? 38  LEU B CD2 1 
ATOM   636  N N   . LEU B 1 39  ? 6.434   10.230  7.613   1.00 12.81 ? 39  LEU B N   1 
ATOM   637  C CA  . LEU B 1 39  ? 5.648   9.471   8.602   1.00 12.79 ? 39  LEU B CA  1 
ATOM   638  C C   . LEU B 1 39  ? 4.750   10.426  9.358   1.00 13.14 ? 39  LEU B C   1 
ATOM   639  O O   . LEU B 1 39  ? 3.585   10.122  9.640   1.00 12.38 ? 39  LEU B O   1 
ATOM   640  C CB  . LEU B 1 39  ? 6.577   8.726   9.557   1.00 13.94 ? 39  LEU B CB  1 
ATOM   641  C CG  . LEU B 1 39  ? 7.395   7.584   8.895   1.00 16.19 ? 39  LEU B CG  1 
ATOM   642  C CD1 . LEU B 1 39  ? 8.408   6.929   9.853   1.00 18.66 ? 39  LEU B CD1 1 
ATOM   643  C CD2 . LEU B 1 39  ? 6.531   6.524   8.251   1.00 15.33 ? 39  LEU B CD2 1 
ATOM   644  N N   . LEU B 1 40  ? 5.314   11.569  9.765   1.00 13.41 ? 40  LEU B N   1 
ATOM   645  C CA  . LEU B 1 40  ? 4.506   12.551  10.447  1.00 14.42 ? 40  LEU B CA  1 
ATOM   646  C C   . LEU B 1 40  ? 3.356   13.007  9.523   1.00 14.12 ? 40  LEU B C   1 
ATOM   647  O O   . LEU B 1 40  ? 2.210   13.153  9.974   1.00 13.45 ? 40  LEU B O   1 
ATOM   648  C CB  . LEU B 1 40  ? 5.270   13.767  10.911  1.00 14.29 ? 40  LEU B CB  1 
ATOM   649  C CG  . LEU B 1 40  ? 6.161   13.678  12.116  1.00 16.80 ? 40  LEU B CG  1 
ATOM   650  C CD1 . LEU B 1 40  ? 7.040   14.999  12.187  1.00 16.80 ? 40  LEU B CD1 1 
ATOM   651  C CD2 . LEU B 1 40  ? 5.371   13.504  13.400  1.00 17.57 ? 40  LEU B CD2 1 
ATOM   652  N N   . ASP B 1 41  ? 3.666   13.215  8.262   1.00 13.62 ? 41  ASP B N   1 
ATOM   653  C CA  . ASP B 1 41  ? 2.708   13.670  7.281   1.00 15.80 ? 41  ASP B CA  1 
ATOM   654  C C   . ASP B 1 41  ? 1.517   12.702  7.102   1.00 15.70 ? 41  ASP B C   1 
ATOM   655  O O   . ASP B 1 41  ? 0.433   13.114  6.960   1.00 14.26 ? 41  ASP B O   1 
ATOM   656  C CB  . ASP B 1 41  ? 3.356   13.997  5.930   1.00 17.37 ? 41  ASP B CB  1 
ATOM   657  C CG  . ASP B 1 41  ? 4.268   15.297  5.964   1.00 19.94 ? 41  ASP B CG  1 
ATOM   658  O OD1 . ASP B 1 41  ? 4.272   16.042  6.937   1.00 17.14 ? 41  ASP B OD1 1 
ATOM   659  O OD2 . ASP B 1 41  ? 4.989   15.507  4.997   1.00 18.56 ? 41  ASP B OD2 1 
ATOM   660  N N   . ILE B 1 42  ? 1.757   11.409  7.155   1.00 15.75 ? 42  ILE B N   1 
ATOM   661  C CA  . ILE B 1 42  ? 0.677   10.456  7.003   1.00 16.31 ? 42  ILE B CA  1 
ATOM   662  C C   . ILE B 1 42  ? -0.034  10.152  8.319   1.00 15.57 ? 42  ILE B C   1 
ATOM   663  O O   . ILE B 1 42  ? -0.882  9.296   8.335   1.00 14.32 ? 42  ILE B O   1 
ATOM   664  C CB  . ILE B 1 42  ? 1.132   9.148   6.340   1.00 17.72 ? 42  ILE B CB  1 
ATOM   665  C CG1 . ILE B 1 42  ? 2.126   8.389   7.188   1.00 18.78 ? 42  ILE B CG1 1 
ATOM   666  C CG2 . ILE B 1 42  ? 1.587   9.484   4.933   1.00 19.10 ? 42  ILE B CG2 1 
ATOM   667  C CD1 . ILE B 1 42  ? 2.296   6.953   6.767   1.00 22.24 ? 42  ILE B CD1 1 
ATOM   668  N N   . GLY B 1 43  ? 0.313   10.804  9.418   1.00 14.77 ? 43  GLY B N   1 
ATOM   669  C CA  . GLY B 1 43  ? -0.456  10.619  10.637  1.00 14.60 ? 43  GLY B CA  1 
ATOM   670  C C   . GLY B 1 43  ? 0.189   9.754   11.663  1.00 13.89 ? 43  GLY B C   1 
ATOM   671  O O   . GLY B 1 43  ? -0.478  9.348   12.575  1.00 16.42 ? 43  GLY B O   1 
ATOM   672  N N   . ILE B 1 44  ? 1.467   9.465   11.582  1.00 13.93 ? 44  ILE B N   1 
ATOM   673  C CA  . ILE B 1 44  ? 2.111   8.705   12.644  1.00 15.64 ? 44  ILE B CA  1 
ATOM   674  C C   . ILE B 1 44  ? 2.430   9.679   13.813  1.00 15.35 ? 44  ILE B C   1 
ATOM   675  O O   . ILE B 1 44  ? 2.920   10.768  13.584  1.00 14.14 ? 44  ILE B O   1 
ATOM   676  C CB  . ILE B 1 44  ? 3.435   8.005   12.219  1.00 17.61 ? 44  ILE B CB  1 
ATOM   677  C CG1 . ILE B 1 44  ? 3.309   7.084   10.975  1.00 19.60 ? 44  ILE B CG1 1 
ATOM   678  C CG2 . ILE B 1 44  ? 4.046   7.234   13.410  1.00 16.66 ? 44  ILE B CG2 1 
ATOM   679  C CD1 . ILE B 1 44  ? 2.077   6.230   10.988  1.00 23.99 ? 44  ILE B CD1 1 
ATOM   680  N N   . ALA B 1 45  ? 2.121   9.285   15.055  1.00 14.76 ? 45  ALA B N   1 
ATOM   681  C CA  . ALA B 1 45  ? 2.321   10.159  16.205  1.00 15.26 ? 45  ALA B CA  1 
ATOM   682  C C   . ALA B 1 45  ? 3.810   10.409  16.441  1.00 16.87 ? 45  ALA B C   1 
ATOM   683  O O   . ALA B 1 45  ? 4.685   9.501   16.384  1.00 14.17 ? 45  ALA B O   1 
ATOM   684  C CB  . ALA B 1 45  ? 1.695   9.593   17.450  1.00 15.81 ? 45  ALA B CB  1 
ATOM   685  N N   . GLU B 1 46  ? 4.102   11.653  16.698  1.00 16.37 ? 46  GLU B N   1 
ATOM   686  C CA  . GLU B 1 46  ? 5.492   12.088  16.874  1.00 19.18 ? 46  GLU B CA  1 
ATOM   687  C C   . GLU B 1 46  ? 6.223   11.384  18.032  1.00 19.30 ? 46  GLU B C   1 
ATOM   688  O O   . GLU B 1 46  ? 7.406   11.084  17.928  1.00 16.28 ? 46  GLU B O   1 
ATOM   689  C CB  . GLU B 1 46  ? 5.473   13.599  17.037  1.00 20.68 ? 46  GLU B CB  1 
ATOM   690  C CG  . GLU B 1 46  ? 6.832   14.260  17.159  1.00 25.96 ? 46  GLU B CG  1 
ATOM   691  C CD  . GLU B 1 46  ? 6.734   15.796  17.092  1.00 28.45 ? 46  GLU B CD  1 
ATOM   692  O OE1 . GLU B 1 46  ? 5.696   16.425  16.682  1.00 35.97 ? 46  GLU B OE1 1 
ATOM   693  O OE2 . GLU B 1 46  ? 7.791   16.368  17.373  1.00 31.74 ? 46  GLU B OE2 1 
ATOM   694  N N   . GLN B 1 47  ? 5.478   11.000  19.082  1.00 21.64 ? 47  GLN B N   1 
ATOM   695  C CA  . GLN B 1 47  ? 6.064   10.266  20.204  1.00 25.03 ? 47  GLN B CA  1 
ATOM   696  C C   . GLN B 1 47  ? 6.579   8.870   19.857  1.00 25.00 ? 47  GLN B C   1 
ATOM   697  O O   . GLN B 1 47  ? 7.476   8.374   20.459  1.00 24.85 ? 47  GLN B O   1 
ATOM   698  C CB  . GLN B 1 47  ? 5.094   10.257  21.411  1.00 26.65 ? 47  GLN B CB  1 
ATOM   699  C CG  . GLN B 1 47  ? 3.861   9.390   21.283  1.00 29.13 ? 47  GLN B CG  1 
ATOM   700  C CD  . GLN B 1 47  ? 3.074   9.265   22.612  1.00 33.02 ? 47  GLN B CD  1 
ATOM   701  O OE1 . GLN B 1 47  ? 3.175   10.128  23.557  1.00 29.47 ? 47  GLN B OE1 1 
ATOM   702  N NE2 . GLN B 1 47  ? 2.334   8.172   22.709  1.00 28.08 ? 47  GLN B NE2 1 
ATOM   703  N N   . THR B 1 48  ? 5.982   8.256   18.862  1.00 23.17 ? 48  THR B N   1 
ATOM   704  C CA  . THR B 1 48  ? 6.471   7.017   18.233  1.00 24.71 ? 48  THR B CA  1 
ATOM   705  C C   . THR B 1 48  ? 7.823   7.203   17.508  1.00 24.91 ? 48  THR B C   1 
ATOM   706  O O   . THR B 1 48  ? 8.471   6.238   17.217  1.00 20.86 ? 48  THR B O   1 
ATOM   707  C CB  . THR B 1 48  ? 5.395   6.587   17.212  1.00 26.58 ? 48  THR B CB  1 
ATOM   708  O OG1 . THR B 1 48  ? 4.201   6.206   17.955  1.00 27.99 ? 48  THR B OG1 1 
ATOM   709  C CG2 . THR B 1 48  ? 5.801   5.453   16.383  1.00 34.09 ? 48  THR B CG2 1 
ATOM   710  N N   . LEU B 1 49  ? 8.214   8.430   17.188  1.00 23.61 ? 49  LEU B N   1 
ATOM   711  C CA  . LEU B 1 49  ? 9.298   8.664   16.220  1.00 25.94 ? 49  LEU B CA  1 
ATOM   712  C C   . LEU B 1 49  ? 10.498  9.251   16.905  1.00 26.67 ? 49  LEU B C   1 
ATOM   713  O O   . LEU B 1 49  ? 11.480  9.519   16.256  1.00 28.96 ? 49  LEU B O   1 
ATOM   714  C CB  . LEU B 1 49  ? 8.814   9.635   15.131  1.00 23.95 ? 49  LEU B CB  1 
ATOM   715  C CG  . LEU B 1 49  ? 7.640   9.114   14.272  1.00 22.46 ? 49  LEU B CG  1 
ATOM   716  C CD1 . LEU B 1 49  ? 7.219   10.088  13.199  1.00 22.07 ? 49  LEU B CD1 1 
ATOM   717  C CD2 . LEU B 1 49  ? 8.023   7.793   13.616  1.00 23.19 ? 49  LEU B CD2 1 
ATOM   718  N N   . THR B 1 50  ? 10.438  9.444   18.214  1.00 27.31 ? 50  THR B N   1 
ATOM   719  C CA  . THR B 1 50  ? 11.476  10.222  18.890  1.00 31.00 ? 50  THR B CA  1 
ATOM   720  C C   . THR B 1 50  ? 12.845  9.579   18.838  1.00 34.40 ? 50  THR B C   1 
ATOM   721  O O   . THR B 1 50  ? 13.826  10.305  18.856  1.00 37.32 ? 50  THR B O   1 
ATOM   722  C CB  . THR B 1 50  ? 11.141  10.470  20.355  1.00 35.76 ? 50  THR B CB  1 
ATOM   723  O OG1 . THR B 1 50  ? 10.882  9.209   20.987  1.00 40.49 ? 50  THR B OG1 1 
ATOM   724  C CG2 . THR B 1 50  ? 9.895   11.402  20.443  1.00 35.44 ? 50  THR B CG2 1 
ATOM   725  N N   . GLU B 1 51  ? 12.907  8.254   18.721  1.00 34.95 ? 51  GLU B N   1 
ATOM   726  C CA  . GLU B 1 51  ? 14.185  7.546   18.676  1.00 43.75 ? 51  GLU B CA  1 
ATOM   727  C C   . GLU B 1 51  ? 14.517  6.910   17.320  1.00 44.14 ? 51  GLU B C   1 
ATOM   728  O O   . GLU B 1 51  ? 15.280  5.947   17.256  1.00 45.83 ? 51  GLU B O   1 
ATOM   729  C CB  . GLU B 1 51  ? 14.241  6.482   19.775  1.00 50.73 ? 51  GLU B CB  1 
ATOM   730  C CG  . GLU B 1 51  ? 15.064  6.884   20.989  1.00 58.14 ? 51  GLU B CG  1 
ATOM   731  C CD  . GLU B 1 51  ? 14.243  6.926   22.263  1.00 67.65 ? 51  GLU B CD  1 
ATOM   732  O OE1 . GLU B 1 51  ? 13.351  6.067   22.426  1.00 72.12 ? 51  GLU B OE1 1 
ATOM   733  O OE2 . GLU B 1 51  ? 14.490  7.819   23.101  1.00 74.68 ? 51  GLU B OE2 1 
ATOM   734  N N   . ILE B 1 52  ? 13.949  7.446   16.243  1.00 38.62 ? 52  ILE B N   1 
ATOM   735  C CA  . ILE B 1 52  ? 14.210  6.934   14.914  1.00 38.32 ? 52  ILE B CA  1 
ATOM   736  C C   . ILE B 1 52  ? 15.713  6.975   14.515  1.00 35.54 ? 52  ILE B C   1 
ATOM   737  O O   . ILE B 1 52  ? 16.375  7.941   14.719  1.00 30.90 ? 52  ILE B O   1 
ATOM   738  C CB  . ILE B 1 52  ? 13.242  7.639   13.937  1.00 39.30 ? 52  ILE B CB  1 
ATOM   739  C CG1 . ILE B 1 52  ? 11.793  7.295   14.165  1.00 50.77 ? 52  ILE B CG1 1 
ATOM   740  C CG2 . ILE B 1 52  ? 13.582  7.324   12.522  1.00 41.66 ? 52  ILE B CG2 1 
ATOM   741  C CD1 . ILE B 1 52  ? 10.834  8.177   13.393  1.00 49.54 ? 52  ILE B CD1 1 
ATOM   742  N N   . GLU B 1 53  ? 16.241  5.864   14.026  1.00 36.51 ? 53  GLU B N   1 
ATOM   743  C CA  . GLU B 1 53  ? 17.628  5.710   13.554  1.00 33.09 ? 53  GLU B CA  1 
ATOM   744  C C   . GLU B 1 53  ? 17.654  5.109   12.164  1.00 28.04 ? 53  GLU B C   1 
ATOM   745  O O   . GLU B 1 53  ? 16.653  4.679   11.723  1.00 24.77 ? 53  GLU B O   1 
ATOM   746  C CB  . GLU B 1 53  ? 18.406  4.769   14.450  1.00 33.63 ? 53  GLU B CB  1 
ATOM   747  C CG  . GLU B 1 53  ? 18.608  5.252   15.845  1.00 42.99 ? 53  GLU B CG  1 
ATOM   748  C CD  . GLU B 1 53  ? 19.244  4.214   16.742  1.00 53.44 ? 53  GLU B CD  1 
ATOM   749  O OE1 . GLU B 1 53  ? 19.236  4.424   17.955  1.00 68.55 ? 53  GLU B OE1 1 
ATOM   750  O OE2 . GLU B 1 53  ? 19.740  3.172   16.260  1.00 61.40 ? 53  GLU B OE2 1 
ATOM   751  N N   . PRO B 1 54  ? 18.823  5.122   11.467  1.00 26.26 ? 54  PRO B N   1 
ATOM   752  C CA  . PRO B 1 54  ? 18.880  4.461   10.179  1.00 24.84 ? 54  PRO B CA  1 
ATOM   753  C C   . PRO B 1 54  ? 18.397  3.000   10.166  1.00 21.88 ? 54  PRO B C   1 
ATOM   754  O O   . PRO B 1 54  ? 17.726  2.561   9.225   1.00 21.57 ? 54  PRO B O   1 
ATOM   755  C CB  . PRO B 1 54  ? 20.351  4.630   9.770   1.00 28.14 ? 54  PRO B CB  1 
ATOM   756  C CG  . PRO B 1 54  ? 20.754  5.982   10.370  1.00 29.45 ? 54  PRO B CG  1 
ATOM   757  C CD  . PRO B 1 54  ? 20.060  5.921   11.718  1.00 27.84 ? 54  PRO B CD  1 
ATOM   758  N N   . GLY B 1 55  ? 18.656  2.276   11.220  1.00 20.96 ? 55  GLY B N   1 
ATOM   759  C CA  . GLY B 1 55  ? 18.250  0.881   11.296  1.00 23.38 ? 55  GLY B CA  1 
ATOM   760  C C   . GLY B 1 55  ? 16.884  0.589   11.865  1.00 20.02 ? 55  GLY B C   1 
ATOM   761  O O   . GLY B 1 55  ? 16.496  -0.556  11.990  1.00 20.49 ? 55  GLY B O   1 
ATOM   762  N N   . THR B 1 56  ? 16.155  1.625   12.225  1.00 21.11 ? 56  THR B N   1 
ATOM   763  C CA  . THR B 1 56  ? 14.824  1.485   12.722  1.00 20.88 ? 56  THR B CA  1 
ATOM   764  C C   . THR B 1 56  ? 13.983  0.835   11.644  1.00 19.77 ? 56  THR B C   1 
ATOM   765  O O   . THR B 1 56  ? 14.019  1.248   10.502  1.00 18.79 ? 56  THR B O   1 
ATOM   766  C CB  . THR B 1 56  ? 14.252  2.860   13.078  1.00 22.37 ? 56  THR B CB  1 
ATOM   767  O OG1 . THR B 1 56  ? 15.049  3.391   14.159  1.00 23.82 ? 56  THR B OG1 1 
ATOM   768  C CG2 . THR B 1 56  ? 12.792  2.766   13.495  1.00 23.06 ? 56  THR B CG2 1 
ATOM   769  N N   . ARG B 1 57  ? 13.290  -0.226  12.016  1.00 18.80 ? 57  ARG B N   1 
ATOM   770  C CA  . ARG B 1 57  ? 12.427  -0.975  11.121  1.00 20.39 ? 57  ARG B CA  1 
ATOM   771  C C   . ARG B 1 57  ? 10.956  -0.581  11.235  1.00 19.67 ? 57  ARG B C   1 
ATOM   772  O O   . ARG B 1 57  ? 10.425  -0.353  12.338  1.00 18.86 ? 57  ARG B O   1 
ATOM   773  C CB  . ARG B 1 57  ? 12.550  -2.449  11.439  1.00 21.01 ? 57  ARG B CB  1 
ATOM   774  C CG  . ARG B 1 57  ? 13.855  -3.018  10.932  1.00 22.58 ? 57  ARG B CG  1 
ATOM   775  C CD  . ARG B 1 57  ? 14.172  -4.355  11.561  1.00 22.82 ? 57  ARG B CD  1 
ATOM   776  N NE  . ARG B 1 57  ? 14.099  -4.296  13.009  1.00 23.17 ? 57  ARG B NE  1 
ATOM   777  C CZ  . ARG B 1 57  ? 14.156  -5.353  13.824  1.00 25.27 ? 57  ARG B CZ  1 
ATOM   778  N NH1 . ARG B 1 57  ? 14.314  -6.581  13.330  1.00 25.64 ? 57  ARG B NH1 1 
ATOM   779  N NH2 . ARG B 1 57  ? 14.058  -5.169  15.145  1.00 25.68 ? 57  ARG B NH2 1 
ATOM   780  N N   . LEU B 1 58  ? 10.296  -0.438  10.107  1.00 19.39 ? 58  LEU B N   1 
ATOM   781  C CA  . LEU B 1 58  ? 8.874   -0.003  10.109  1.00 21.22 ? 58  LEU B CA  1 
ATOM   782  C C   . LEU B 1 58  ? 7.880   -0.828  10.966  1.00 21.62 ? 58  LEU B C   1 
ATOM   783  O O   . LEU B 1 58  ? 7.005   -0.258  11.671  1.00 20.27 ? 58  LEU B O   1 
ATOM   784  C CB  . LEU B 1 58  ? 8.300   -0.009  8.683   1.00 24.18 ? 58  LEU B CB  1 
ATOM   785  C CG  . LEU B 1 58  ? 8.886   0.947   7.657   1.00 28.00 ? 58  LEU B CG  1 
ATOM   786  C CD1 . LEU B 1 58  ? 8.346   0.600   6.272   1.00 27.27 ? 58  LEU B CD1 1 
ATOM   787  C CD2 . LEU B 1 58  ? 8.566   2.416   7.962   1.00 27.51 ? 58  LEU B CD2 1 
ATOM   788  N N   . ARG B 1 59  ? 7.980   -2.144  10.868  1.00 21.86 ? 59  ARG B N   1 
ATOM   789  C CA  . ARG B 1 59  ? 7.100   -3.026  11.654  1.00 27.80 ? 59  ARG B CA  1 
ATOM   790  C C   . ARG B 1 59  ? 7.686   -3.433  12.986  1.00 27.65 ? 59  ARG B C   1 
ATOM   791  O O   . ARG B 1 59  ? 7.070   -3.215  14.031  1.00 31.12 ? 59  ARG B O   1 
ATOM   792  C CB  . ARG B 1 59  ? 6.721   -4.295  10.870  1.00 29.95 ? 59  ARG B CB  1 
ATOM   793  C CG  . ARG B 1 59  ? 5.863   -4.055  9.650   1.00 35.25 ? 59  ARG B CG  1 
ATOM   794  C CD  . ARG B 1 59  ? 5.150   -5.341  9.243   1.00 38.45 ? 59  ARG B CD  1 
ATOM   795  N NE  . ARG B 1 59  ? 4.106   -5.070  8.266   1.00 44.82 ? 59  ARG B NE  1 
ATOM   796  C CZ  . ARG B 1 59  ? 4.175   -5.304  6.938   1.00 49.88 ? 59  ARG B CZ  1 
ATOM   797  N NH1 . ARG B 1 59  ? 5.248   -5.853  6.354   1.00 46.58 ? 59  ARG B NH1 1 
ATOM   798  N NH2 . ARG B 1 59  ? 3.124   -4.998  6.182   1.00 51.96 ? 59  ARG B NH2 1 
ATOM   799  N N   . ALA B 1 60  ? 8.888   -3.999  12.960  1.00 26.38 ? 60  ALA B N   1 
ATOM   800  C CA  . ALA B 1 60  ? 9.462   -4.588  14.163  1.00 27.44 ? 60  ALA B CA  1 
ATOM   801  C C   . ALA B 1 60  ? 9.797   -3.542  15.182  1.00 27.04 ? 60  ALA B C   1 
ATOM   802  O O   . ALA B 1 60  ? 9.676   -3.818  16.355  1.00 28.75 ? 60  ALA B O   1 
ATOM   803  C CB  . ALA B 1 60  ? 10.701  -5.443  13.814  1.00 27.75 ? 60  ALA B CB  1 
ATOM   804  N N   . ASP B 1 61  ? 10.163  -2.316  14.777  1.00 23.80 ? 61  ASP B N   1 
ATOM   805  C CA  . ASP B 1 61  ? 10.502  -1.271  15.747  1.00 22.94 ? 61  ASP B CA  1 
ATOM   806  C C   . ASP B 1 61  ? 9.369   -0.215  15.894  1.00 25.22 ? 61  ASP B C   1 
ATOM   807  O O   . ASP B 1 61  ? 8.888   0.042   16.999  1.00 25.91 ? 61  ASP B O   1 
ATOM   808  C CB  . ASP B 1 61  ? 11.816  -0.588  15.351  1.00 23.65 ? 61  ASP B CB  1 
ATOM   809  C CG  . ASP B 1 61  ? 13.007  -1.568  15.286  1.00 27.88 ? 61  ASP B CG  1 
ATOM   810  O OD1 . ASP B 1 61  ? 13.064  -2.495  16.143  1.00 26.78 ? 61  ASP B OD1 1 
ATOM   811  O OD2 . ASP B 1 61  ? 13.873  -1.429  14.369  1.00 27.53 ? 61  ASP B OD2 1 
ATOM   812  N N   . LEU B 1 62  ? 8.903   0.387   14.788  1.00 21.38 ? 62  LEU B N   1 
ATOM   813  C CA  . LEU B 1 62  ? 7.851   1.424   14.880  1.00 20.14 ? 62  LEU B CA  1 
ATOM   814  C C   . LEU B 1 62  ? 6.461   0.875   15.130  1.00 22.19 ? 62  LEU B C   1 
ATOM   815  O O   . LEU B 1 62  ? 5.615   1.634   15.550  1.00 22.49 ? 62  LEU B O   1 
ATOM   816  C CB  . LEU B 1 62  ? 7.826   2.385   13.675  1.00 21.15 ? 62  LEU B CB  1 
ATOM   817  C CG  . LEU B 1 62  ? 9.130   3.150   13.445  1.00 22.12 ? 62  LEU B CG  1 
ATOM   818  C CD1 . LEU B 1 62  ? 9.082   4.032   12.217  1.00 26.07 ? 62  LEU B CD1 1 
ATOM   819  C CD2 . LEU B 1 62  ? 9.502   3.974   14.673  1.00 22.61 ? 62  LEU B CD2 1 
ATOM   820  N N   . GLY B 1 63  ? 6.237   -0.380  14.844  1.00 21.40 ? 63  GLY B N   1 
ATOM   821  C CA  . GLY B 1 63  ? 4.969   -0.995  15.043  1.00 24.10 ? 63  GLY B CA  1 
ATOM   822  C C   . GLY B 1 63  ? 3.870   -0.427  14.185  1.00 23.60 ? 63  GLY B C   1 
ATOM   823  O O   . GLY B 1 63  ? 2.787   -0.357  14.615  1.00 25.87 ? 63  GLY B O   1 
ATOM   824  N N   . LEU B 1 64  ? 4.200   -0.050  12.955  1.00 19.28 ? 64  LEU B N   1 
ATOM   825  C CA  . LEU B 1 64  ? 3.227   0.528   12.035  1.00 20.14 ? 64  LEU B CA  1 
ATOM   826  C C   . LEU B 1 64  ? 2.089   -0.423  11.667  1.00 19.88 ? 64  LEU B C   1 
ATOM   827  O O   . LEU B 1 64  ? 2.316   -1.571  11.285  1.00 19.69 ? 64  LEU B O   1 
ATOM   828  C CB  . LEU B 1 64  ? 3.925   1.019   10.763  1.00 20.01 ? 64  LEU B CB  1 
ATOM   829  C CG  . LEU B 1 64  ? 4.825   2.248   10.914  1.00 23.51 ? 64  LEU B CG  1 
ATOM   830  C CD1 . LEU B 1 64  ? 4.680   3.170   9.712   1.00 24.32 ? 64  LEU B CD1 1 
ATOM   831  C CD2 . LEU B 1 64  ? 4.509   2.989   12.205  1.00 25.55 ? 64  LEU B CD2 1 
ATOM   832  N N   . SER B 1 65  ? 0.864   0.076   11.791  1.00 18.76 ? 65  SER B N   1 
ATOM   833  C CA  . SER B 1 65  ? -0.318  -0.663  11.464  1.00 23.07 ? 65  SER B CA  1 
ATOM   834  C C   . SER B 1 65  ? -0.456  -0.948  9.956   1.00 21.82 ? 65  SER B C   1 
ATOM   835  O O   . SER B 1 65  ? 0.202   -0.389  9.147   1.00 18.55 ? 65  SER B O   1 
ATOM   836  C CB  . SER B 1 65  ? -1.524  0.080   11.954  1.00 24.54 ? 65  SER B CB  1 
ATOM   837  O OG  . SER B 1 65  ? -1.950  1.041   11.058  1.00 25.57 ? 65  SER B OG  1 
ATOM   838  N N   . SER B 1 66  ? -1.360  -1.829  9.629   1.00 19.76 ? 66  SER B N   1 
ATOM   839  C CA  . SER B 1 66  ? -1.622  -2.207  8.276   1.00 20.41 ? 66  SER B CA  1 
ATOM   840  C C   . SER B 1 66  ? -2.085  -1.010  7.421   1.00 17.98 ? 66  SER B C   1 
ATOM   841  O O   . SER B 1 66  ? -1.652  -0.843  6.366   1.00 18.29 ? 66  SER B O   1 
ATOM   842  C CB  . SER B 1 66  ? -2.612  -3.375  8.249   1.00 23.92 ? 66  SER B CB  1 
ATOM   843  O OG  . SER B 1 66  ? -1.953  -4.582  8.490   1.00 26.45 ? 66  SER B OG  1 
ATOM   844  N N   . VAL B 1 67  ? -2.963  -0.199  7.958   1.00 17.58 ? 67  VAL B N   1 
ATOM   845  C CA  . VAL B 1 67  ? -3.456  1.004   7.325   1.00 21.56 ? 67  VAL B CA  1 
ATOM   846  C C   . VAL B 1 67  ? -2.337  2.043   7.167   1.00 18.01 ? 67  VAL B C   1 
ATOM   847  O O   . VAL B 1 67  ? -2.214  2.658   6.143   1.00 15.77 ? 67  VAL B O   1 
ATOM   848  C CB  . VAL B 1 67  ? -4.600  1.635   8.165   1.00 26.31 ? 67  VAL B CB  1 
ATOM   849  C CG1 . VAL B 1 67  ? -4.986  3.026   7.675   1.00 27.39 ? 67  VAL B CG1 1 
ATOM   850  C CG2 . VAL B 1 67  ? -5.787  0.694   8.145   1.00 29.22 ? 67  VAL B CG2 1 
ATOM   851  N N   . GLU B 1 68  ? -1.547  2.231   8.208   1.00 16.13 ? 68  GLU B N   1 
ATOM   852  C CA  . GLU B 1 68  ? -0.386  3.102   8.117   1.00 17.30 ? 68  GLU B CA  1 
ATOM   853  C C   . GLU B 1 68  ? 0.617   2.616   7.078   1.00 15.29 ? 68  GLU B C   1 
ATOM   854  O O   . GLU B 1 68  ? 1.114   3.406   6.296   1.00 17.63 ? 68  GLU B O   1 
ATOM   855  C CB  . GLU B 1 68  ? 0.322   3.137   9.469   1.00 20.56 ? 68  GLU B CB  1 
ATOM   856  C CG  . GLU B 1 68  ? -0.531  3.781   10.521  1.00 23.57 ? 68  GLU B CG  1 
ATOM   857  C CD  . GLU B 1 68  ? -0.001  3.616   11.961  1.00 27.27 ? 68  GLU B CD  1 
ATOM   858  O OE1 . GLU B 1 68  ? 0.876   2.791   12.286  1.00 26.37 ? 68  GLU B OE1 1 
ATOM   859  O OE2 . GLU B 1 68  ? -0.482  4.380   12.796  1.00 32.01 ? 68  GLU B OE2 1 
ATOM   860  N N   . THR B 1 69  ? 0.927   1.328   7.037   1.00 14.77 ? 69  THR B N   1 
ATOM   861  C CA  . THR B 1 69  ? 1.877   0.865   6.015   1.00 15.50 ? 69  THR B CA  1 
ATOM   862  C C   . THR B 1 69  ? 1.317   1.054   4.621   1.00 14.51 ? 69  THR B C   1 
ATOM   863  O O   . THR B 1 69  ? 2.046   1.451   3.750   1.00 14.56 ? 69  THR B O   1 
ATOM   864  C CB  . THR B 1 69  ? 2.356   -0.598  6.167   1.00 17.84 ? 69  THR B CB  1 
ATOM   865  O OG1 . THR B 1 69  ? 1.255   -1.470  6.110   1.00 20.79 ? 69  THR B OG1 1 
ATOM   866  C CG2 . THR B 1 69  ? 3.112   -0.758  7.454   1.00 18.27 ? 69  THR B CG2 1 
ATOM   867  N N   . THR B 1 70  ? 0.021   0.776   4.427   1.00 14.22 ? 70  THR B N   1 
ATOM   868  C CA  . THR B 1 70  ? -0.611  1.025   3.151   1.00 14.27 ? 70  THR B CA  1 
ATOM   869  C C   . THR B 1 70  ? -0.564  2.516   2.735   1.00 13.85 ? 70  THR B C   1 
ATOM   870  O O   . THR B 1 70  ? -0.229  2.843   1.606   1.00 13.25 ? 70  THR B O   1 
ATOM   871  C CB  . THR B 1 70  ? -2.031  0.470   3.152   1.00 16.37 ? 70  THR B CB  1 
ATOM   872  O OG1 . THR B 1 70  ? -1.959  -0.929  3.453   1.00 15.42 ? 70  THR B OG1 1 
ATOM   873  C CG2 . THR B 1 70  ? -2.656  0.658   1.787   1.00 16.93 ? 70  THR B CG2 1 
ATOM   874  N N   . ASP B 1 71  ? -0.846  3.415   3.666   1.00 13.71 ? 71  ASP B N   1 
ATOM   875  C CA  . ASP B 1 71  ? -0.712  4.839   3.445   1.00 15.36 ? 71  ASP B CA  1 
ATOM   876  C C   . ASP B 1 71  ? 0.738   5.269   3.092   1.00 13.74 ? 71  ASP B C   1 
ATOM   877  O O   . ASP B 1 71  ? 0.937   6.115   2.195   1.00 14.07 ? 71  ASP B O   1 
ATOM   878  C CB  . ASP B 1 71  ? -1.259  5.656   4.646   1.00 18.11 ? 71  ASP B CB  1 
ATOM   879  C CG  . ASP B 1 71  ? -2.812  5.752   4.674   1.00 25.02 ? 71  ASP B CG  1 
ATOM   880  O OD1 . ASP B 1 71  ? -3.522  5.755   3.600   1.00 33.70 ? 71  ASP B OD1 1 
ATOM   881  O OD2 . ASP B 1 71  ? -3.378  5.847   5.805   1.00 31.90 ? 71  ASP B OD2 1 
ATOM   882  N N   . LEU B 1 72  ? 1.728   4.626   3.715   1.00 12.42 ? 72  LEU B N   1 
ATOM   883  C CA  . LEU B 1 72  ? 3.091   4.886   3.423   1.00 11.77 ? 72  LEU B CA  1 
ATOM   884  C C   . LEU B 1 72  ? 3.442   4.443   2.014   1.00 11.39 ? 72  LEU B C   1 
ATOM   885  O O   . LEU B 1 72  ? 4.166   5.157   1.292   1.00 10.57 ? 72  LEU B O   1 
ATOM   886  C CB  . LEU B 1 72  ? 3.993   4.179   4.439   1.00 13.08 ? 72  LEU B CB  1 
ATOM   887  C CG  . LEU B 1 72  ? 5.470   4.429   4.194   1.00 14.26 ? 72  LEU B CG  1 
ATOM   888  C CD1 . LEU B 1 72  ? 5.825   5.888   4.375   1.00 12.90 ? 72  LEU B CD1 1 
ATOM   889  C CD2 . LEU B 1 72  ? 6.328   3.541   5.088   1.00 15.92 ? 72  LEU B CD2 1 
ATOM   890  N N   . GLU B 1 73  ? 2.969   3.263   1.613   1.00 10.83 ? 73  GLU B N   1 
ATOM   891  C CA  . GLU B 1 73  ? 3.283   2.766   0.267   1.00 11.30 ? 73  GLU B CA  1 
ATOM   892  C C   . GLU B 1 73  ? 2.679   3.722   -0.773  1.00 10.73 ? 73  GLU B C   1 
ATOM   893  O O   . GLU B 1 73  ? 3.335   4.032   -1.772  1.00 11.15 ? 73  GLU B O   1 
ATOM   894  C CB  . GLU B 1 73  ? 2.681   1.402   0.026   1.00 13.46 ? 73  GLU B CB  1 
ATOM   895  C CG  . GLU B 1 73  ? 3.209   0.203   0.772   1.00 17.00 ? 73  GLU B CG  1 
ATOM   896  C CD  . GLU B 1 73  ? 2.292   -1.057  0.604   1.00 20.21 ? 73  GLU B CD  1 
ATOM   897  O OE1 . GLU B 1 73  ? 1.116   -0.949  0.264   1.00 23.02 ? 73  GLU B OE1 1 
ATOM   898  O OE2 . GLU B 1 73  ? 2.678   -2.142  0.989   1.00 25.10 ? 73  GLU B OE2 1 
ATOM   899  N N   . ILE B 1 74  ? 1.463   4.208   -0.533  1.00 10.64 ? 74  ILE B N   1 
ATOM   900  C CA  . ILE B 1 74  ? 0.786   5.118   -1.462  1.00 11.79 ? 74  ILE B CA  1 
ATOM   901  C C   . ILE B 1 74  ? 1.600   6.431   -1.587  1.00 13.01 ? 74  ILE B C   1 
ATOM   902  O O   . ILE B 1 74  ? 1.944   6.833   -2.715  1.00 13.13 ? 74  ILE B O   1 
ATOM   903  C CB  . ILE B 1 74  ? -0.689  5.426   -1.099  1.00 12.68 ? 74  ILE B CB  1 
ATOM   904  C CG1 . ILE B 1 74  ? -1.595  4.140   -1.176  1.00 12.91 ? 74  ILE B CG1 1 
ATOM   905  C CG2 . ILE B 1 74  ? -1.312  6.534   -1.991  1.00 13.95 ? 74  ILE B CG2 1 
ATOM   906  C CD1 . ILE B 1 74  ? -2.880  4.284   -0.409  1.00 12.52 ? 74  ILE B CD1 1 
ATOM   907  N N   . GLN B 1 75  ? 1.891   7.079   -0.460  1.00 12.59 ? 75  GLN B N   1 
ATOM   908  C CA  . GLN B 1 75  ? 2.610   8.340   -0.497  1.00 14.16 ? 75  GLN B CA  1 
ATOM   909  C C   . GLN B 1 75  ? 4.066   8.234   -1.009  1.00 13.17 ? 75  GLN B C   1 
ATOM   910  O O   . GLN B 1 75  ? 4.525   9.099   -1.734  1.00 13.28 ? 75  GLN B O   1 
ATOM   911  C CB  . GLN B 1 75  ? 2.496   9.058   0.827   1.00 15.42 ? 75  GLN B CB  1 
ATOM   912  C CG  . GLN B 1 75  ? 1.032   9.299   1.262   1.00 18.88 ? 75  GLN B CG  1 
ATOM   913  C CD  . GLN B 1 75  ? 0.214   10.048  0.199   1.00 20.95 ? 75  GLN B CD  1 
ATOM   914  O OE1 . GLN B 1 75  ? 0.748   10.919  -0.512  1.00 23.30 ? 75  GLN B OE1 1 
ATOM   915  N NE2 . GLN B 1 75  ? -1.054  9.692   0.073   1.00 18.31 ? 75  GLN B NE2 1 
ATOM   916  N N   . LEU B 1 76  ? 4.764   7.152   -0.707  1.00 12.75 ? 76  LEU B N   1 
ATOM   917  C CA  . LEU B 1 76  ? 6.063   6.897   -1.288  1.00 13.95 ? 76  LEU B CA  1 
ATOM   918  C C   . LEU B 1 76  ? 6.025   6.856   -2.791  1.00 15.49 ? 76  LEU B C   1 
ATOM   919  O O   . LEU B 1 76  ? 6.854   7.511   -3.451  1.00 13.84 ? 76  LEU B O   1 
ATOM   920  C CB  . LEU B 1 76  ? 6.738   5.609   -0.802  1.00 13.56 ? 76  LEU B CB  1 
ATOM   921  C CG  . LEU B 1 76  ? 7.286   5.713   0.602   1.00 14.53 ? 76  LEU B CG  1 
ATOM   922  C CD1 . LEU B 1 76  ? 7.663   4.308   1.043   1.00 16.04 ? 76  LEU B CD1 1 
ATOM   923  C CD2 . LEU B 1 76  ? 8.483   6.644   0.687   1.00 15.26 ? 76  LEU B CD2 1 
ATOM   924  N N   . ARG B 1 77  ? 5.047   6.118   -3.311  1.00 14.08 ? 77  ARG B N   1 
ATOM   925  C CA  . ARG B 1 77  ? 4.828   6.079   -4.739  1.00 15.35 ? 77  ARG B CA  1 
ATOM   926  C C   . ARG B 1 77  ? 4.435   7.433   -5.318  1.00 15.15 ? 77  ARG B C   1 
ATOM   927  O O   . ARG B 1 77  ? 5.074   7.940   -6.226  1.00 13.23 ? 77  ARG B O   1 
ATOM   928  C CB  . ARG B 1 77  ? 3.713   5.028   -5.097  1.00 14.73 ? 77  ARG B CB  1 
ATOM   929  C CG  . ARG B 1 77  ? 3.484   4.835   -6.581  1.00 15.99 ? 77  ARG B CG  1 
ATOM   930  C CD  . ARG B 1 77  ? 2.552   3.597   -6.872  1.00 16.13 ? 77  ARG B CD  1 
ATOM   931  N NE  . ARG B 1 77  ? 1.438   3.340   -5.905  1.00 15.02 ? 77  ARG B NE  1 
ATOM   932  C CZ  . ARG B 1 77  ? 0.268   3.970   -5.949  1.00 18.49 ? 77  ARG B CZ  1 
ATOM   933  N NH1 . ARG B 1 77  ? 0.016   4.849   -6.896  1.00 18.21 ? 77  ARG B NH1 1 
ATOM   934  N NH2 . ARG B 1 77  ? -0.678  3.708   -5.074  1.00 22.99 ? 77  ARG B NH2 1 
ATOM   935  N N   . GLU B 1 78  ? 3.394   8.024   -4.792  1.00 16.88 ? 78  GLU B N   1 
ATOM   936  C CA  . GLU B 1 78  ? 2.829   9.227   -5.443  1.00 19.56 ? 78  GLU B CA  1 
ATOM   937  C C   . GLU B 1 78  ? 3.691   10.477  -5.203  1.00 19.33 ? 78  GLU B C   1 
ATOM   938  O O   . GLU B 1 78  ? 3.804   11.270  -6.115  1.00 16.70 ? 78  GLU B O   1 
ATOM   939  C CB  . GLU B 1 78  ? 1.425   9.540   -4.931  1.00 22.76 ? 78  GLU B CB  1 
ATOM   940  C CG  . GLU B 1 78  ? 0.337   8.579   -5.382  1.00 30.01 ? 78  GLU B CG  1 
ATOM   941  C CD  . GLU B 1 78  ? -1.034  8.955   -4.769  1.00 38.01 ? 78  GLU B CD  1 
ATOM   942  O OE1 . GLU B 1 78  ? -1.075  9.885   -3.908  1.00 45.60 ? 78  GLU B OE1 1 
ATOM   943  O OE2 . GLU B 1 78  ? -2.076  8.347   -5.125  1.00 40.18 ? 78  GLU B OE2 1 
ATOM   944  N N   . ARG B 1 79  ? 4.283   10.656  -4.004  1.00 15.81 ? 79  ARG B N   1 
ATOM   945  C CA  . ARG B 1 79  ? 5.129   11.821  -3.767  1.00 17.01 ? 79  ARG B CA  1 
ATOM   946  C C   . ARG B 1 79  ? 6.566   11.642  -4.237  1.00 16.31 ? 79  ARG B C   1 
ATOM   947  O O   . ARG B 1 79  ? 7.174   12.570  -4.726  1.00 14.82 ? 79  ARG B O   1 
ATOM   948  C CB  . ARG B 1 79  ? 5.194   12.234  -2.293  1.00 18.41 ? 79  ARG B CB  1 
ATOM   949  C CG  . ARG B 1 79  ? 3.867   12.441  -1.647  1.00 20.37 ? 79  ARG B CG  1 
ATOM   950  C CD  . ARG B 1 79  ? 4.062   12.926  -0.212  1.00 20.91 ? 79  ARG B CD  1 
ATOM   951  N NE  . ARG B 1 79  ? 2.813   12.913  0.516   1.00 24.76 ? 79  ARG B NE  1 
ATOM   952  C CZ  . ARG B 1 79  ? 2.618   13.449  1.716   1.00 24.67 ? 79  ARG B CZ  1 
ATOM   953  N NH1 . ARG B 1 79  ? 3.616   14.060  2.342   1.00 28.52 ? 79  ARG B NH1 1 
ATOM   954  N NH2 . ARG B 1 79  ? 1.421   13.381  2.273   1.00 24.55 ? 79  ARG B NH2 1 
ATOM   955  N N   . PHE B 1 80  ? 7.125   10.453  -4.074  1.00 13.60 ? 80  PHE B N   1 
ATOM   956  C CA  . PHE B 1 80  ? 8.532   10.271  -4.309  1.00 13.23 ? 80  PHE B CA  1 
ATOM   957  C C   . PHE B 1 80  ? 8.925   9.348   -5.417  1.00 13.75 ? 80  PHE B C   1 
ATOM   958  O O   . PHE B 1 80  ? 10.113  9.168   -5.623  1.00 12.41 ? 80  PHE B O   1 
ATOM   959  C CB  . PHE B 1 80  ? 9.187   9.868   -3.021  1.00 12.64 ? 80  PHE B CB  1 
ATOM   960  C CG  . PHE B 1 80  ? 9.048   10.920  -1.928  1.00 13.52 ? 80  PHE B CG  1 
ATOM   961  C CD1 . PHE B 1 80  ? 9.742   12.107  -2.000  1.00 12.96 ? 80  PHE B CD1 1 
ATOM   962  C CD2 . PHE B 1 80  ? 8.195   10.711  -0.859  1.00 13.73 ? 80  PHE B CD2 1 
ATOM   963  C CE1 . PHE B 1 80  ? 9.591   13.083  -1.005  1.00 13.89 ? 80  PHE B CE1 1 
ATOM   964  C CE2 . PHE B 1 80  ? 8.066   11.663  0.158   1.00 16.30 ? 80  PHE B CE2 1 
ATOM   965  C CZ  . PHE B 1 80  ? 8.780   12.866  0.089   1.00 14.13 ? 80  PHE B CZ  1 
ATOM   966  N N   . GLY B 1 81  ? 7.973   8.662   -6.034  1.00 14.07 ? 81  GLY B N   1 
ATOM   967  C CA  . GLY B 1 81  ? 8.318   7.730   -7.114  1.00 15.05 ? 81  GLY B CA  1 
ATOM   968  C C   . GLY B 1 81  ? 8.928   6.445   -6.598  1.00 14.96 ? 81  GLY B C   1 
ATOM   969  O O   . GLY B 1 81  ? 9.604   5.801   -7.325  1.00 15.44 ? 81  GLY B O   1 
ATOM   970  N N   . VAL B 1 82  ? 8.734   6.130   -5.307  1.00 15.29 ? 82  VAL B N   1 
ATOM   971  C CA  . VAL B 1 82  ? 9.338   5.007   -4.646  1.00 15.03 ? 82  VAL B CA  1 
ATOM   972  C C   . VAL B 1 82  ? 8.249   3.920   -4.493  1.00 14.92 ? 82  VAL B C   1 
ATOM   973  O O   . VAL B 1 82  ? 7.169   4.183   -3.973  1.00 14.70 ? 82  VAL B O   1 
ATOM   974  C CB  . VAL B 1 82  ? 9.905   5.428   -3.286  1.00 17.62 ? 82  VAL B CB  1 
ATOM   975  C CG1 . VAL B 1 82  ? 10.166  4.170   -2.413  1.00 19.14 ? 82  VAL B CG1 1 
ATOM   976  C CG2 . VAL B 1 82  ? 11.173  6.287   -3.449  1.00 17.97 ? 82  VAL B CG2 1 
ATOM   977  N N   . ARG B 1 83  ? 8.528   2.719   -5.003  1.00 14.60 ? 83  ARG B N   1 
ATOM   978  C CA  . ARG B 1 83  ? 7.579   1.641   -5.058  1.00 16.42 ? 83  ARG B CA  1 
ATOM   979  C C   . ARG B 1 83  ? 8.068   0.526   -4.168  1.00 17.24 ? 83  ARG B C   1 
ATOM   980  O O   . ARG B 1 83  ? 9.078   -0.085  -4.451  1.00 19.67 ? 83  ARG B O   1 
ATOM   981  C CB  . ARG B 1 83  ? 7.408   1.158   -6.509  1.00 17.20 ? 83  ARG B CB  1 
ATOM   982  C CG  . ARG B 1 83  ? 6.617   2.213   -7.294  1.00 17.64 ? 83  ARG B CG  1 
ATOM   983  C CD  . ARG B 1 83  ? 6.820   2.017   -8.758  1.00 19.14 ? 83  ARG B CD  1 
ATOM   984  N NE  . ARG B 1 83  ? 5.886   2.844   -9.486  1.00 18.69 ? 83  ARG B NE  1 
ATOM   985  C CZ  . ARG B 1 83  ? 6.050   4.124   -9.796  1.00 19.83 ? 83  ARG B CZ  1 
ATOM   986  N NH1 . ARG B 1 83  ? 7.167   4.749   -9.511  1.00 19.96 ? 83  ARG B NH1 1 
ATOM   987  N NH2 . ARG B 1 83  ? 5.086   4.782   -10.459 1.00 19.58 ? 83  ARG B NH2 1 
ATOM   988  N N   . ILE B 1 84  ? 7.354   0.279   -3.102  1.00 17.13 ? 84  ILE B N   1 
ATOM   989  C CA  . ILE B 1 84  ? 7.680   -0.769  -2.142  1.00 20.02 ? 84  ILE B CA  1 
ATOM   990  C C   . ILE B 1 84  ? 6.403   -1.584  -1.935  1.00 19.31 ? 84  ILE B C   1 
ATOM   991  O O   . ILE B 1 84  ? 5.295   -1.106  -2.221  1.00 18.39 ? 84  ILE B O   1 
ATOM   992  C CB  . ILE B 1 84  ? 8.120   -0.236  -0.775  1.00 20.54 ? 84  ILE B CB  1 
ATOM   993  C CG1 . ILE B 1 84  ? 7.084   0.731   -0.214  1.00 23.98 ? 84  ILE B CG1 1 
ATOM   994  C CG2 . ILE B 1 84  ? 9.532   0.377   -0.861  1.00 22.90 ? 84  ILE B CG2 1 
ATOM   995  C CD1 . ILE B 1 84  ? 7.168   0.932   1.277   1.00 24.79 ? 84  ILE B CD1 1 
ATOM   996  N N   . ASN B 1 85  ? 6.570   -2.795  -1.403  1.00 19.43 ? 85  ASN B N   1 
ATOM   997  C CA  . ASN B 1 85  ? 5.441   -3.700  -1.204  1.00 19.74 ? 85  ASN B CA  1 
ATOM   998  C C   . ASN B 1 85  ? 5.614   -4.363  0.158   1.00 22.56 ? 85  ASN B C   1 
ATOM   999  O O   . ASN B 1 85  ? 6.327   -5.378  0.273   1.00 18.30 ? 85  ASN B O   1 
ATOM   1000 C CB  . ASN B 1 85  ? 5.384   -4.682  -2.359  1.00 18.18 ? 85  ASN B CB  1 
ATOM   1001 C CG  . ASN B 1 85  ? 4.217   -5.665  -2.259  1.00 20.12 ? 85  ASN B CG  1 
ATOM   1002 O OD1 . ASN B 1 85  ? 3.682   -5.898  -1.161  1.00 17.36 ? 85  ASN B OD1 1 
ATOM   1003 N ND2 . ASN B 1 85  ? 3.862   -6.306  -3.372  1.00 18.42 ? 85  ASN B ND2 1 
ATOM   1004 N N   . LEU B 1 86  ? 4.923   -3.838  1.173   1.00 21.55 ? 86  LEU B N   1 
ATOM   1005 C CA  . LEU B 1 86  ? 4.971   -4.440  2.506   1.00 25.75 ? 86  LEU B CA  1 
ATOM   1006 C C   . LEU B 1 86  ? 4.005   -5.618  2.693   1.00 28.81 ? 86  LEU B C   1 
ATOM   1007 O O   . LEU B 1 86  ? 3.975   -6.243  3.777   1.00 31.73 ? 86  LEU B O   1 
ATOM   1008 C CB  . LEU B 1 86  ? 4.706   -3.383  3.566   1.00 29.79 ? 86  LEU B CB  1 
ATOM   1009 C CG  . LEU B 1 86  ? 5.938   -2.457  3.740   1.00 29.77 ? 86  LEU B CG  1 
ATOM   1010 C CD1 . LEU B 1 86  ? 5.563   -1.035  4.090   1.00 29.82 ? 86  LEU B CD1 1 
ATOM   1011 C CD2 . LEU B 1 86  ? 6.840   -3.132  4.789   1.00 28.91 ? 86  LEU B CD2 1 
ATOM   1012 N N   . TRP B 1 87  ? 3.167   -5.911  1.699   1.00 23.69 ? 87  TRP B N   1 
ATOM   1013 C CA  . TRP B 1 87  ? 2.497   -7.192  1.722   1.00 25.88 ? 87  TRP B CA  1 
ATOM   1014 C C   . TRP B 1 87  ? 3.551   -8.299  1.415   1.00 27.17 ? 87  TRP B C   1 
ATOM   1015 O O   . TRP B 1 87  ? 3.656   -9.267  2.157   1.00 27.90 ? 87  TRP B O   1 
ATOM   1016 C CB  . TRP B 1 87  ? 1.272   -7.243  0.779   1.00 25.18 ? 87  TRP B CB  1 
ATOM   1017 C CG  . TRP B 1 87  ? 0.597   -8.536  0.701   1.00 25.16 ? 87  TRP B CG  1 
ATOM   1018 C CD1 . TRP B 1 87  ? 0.307   -9.243  -0.454  1.00 28.73 ? 87  TRP B CD1 1 
ATOM   1019 C CD2 . TRP B 1 87  ? 0.087   -9.303  1.787   1.00 25.96 ? 87  TRP B CD2 1 
ATOM   1020 N NE1 . TRP B 1 87  ? -0.350  -10.396 -0.132  1.00 32.85 ? 87  TRP B NE1 1 
ATOM   1021 C CE2 . TRP B 1 87  ? -0.492  -10.472 1.231   1.00 29.51 ? 87  TRP B CE2 1 
ATOM   1022 C CE3 . TRP B 1 87  ? 0.072   -9.130  3.169   1.00 27.85 ? 87  TRP B CE3 1 
ATOM   1023 C CZ2 . TRP B 1 87  ? -1.084  -11.474 2.015   1.00 28.82 ? 87  TRP B CZ2 1 
ATOM   1024 C CZ3 . TRP B 1 87  ? -0.483  -10.155 3.977   1.00 30.56 ? 87  TRP B CZ3 1 
ATOM   1025 C CH2 . TRP B 1 87  ? -1.076  -11.300 3.378   1.00 30.00 ? 87  TRP B CH2 1 
ATOM   1026 N N   . ASP B 1 88  ? 4.309   -8.117  0.340   1.00 26.11 ? 88  ASP B N   1 
ATOM   1027 C CA  . ASP B 1 88  ? 5.354   -9.010  -0.147  1.00 31.37 ? 88  ASP B CA  1 
ATOM   1028 C C   . ASP B 1 88  ? 6.581   -9.080  0.826   1.00 35.32 ? 88  ASP B C   1 
ATOM   1029 O O   . ASP B 1 88  ? 7.033   -10.174 1.172   1.00 35.15 ? 88  ASP B O   1 
ATOM   1030 C CB  . ASP B 1 88  ? 5.791   -8.410  -1.495  1.00 39.38 ? 88  ASP B CB  1 
ATOM   1031 C CG  . ASP B 1 88  ? 6.464   -9.367  -2.411  1.00 49.84 ? 88  ASP B CG  1 
ATOM   1032 O OD1 . ASP B 1 88  ? 7.708   -9.499  -2.328  1.00 53.28 ? 88  ASP B OD1 1 
ATOM   1033 O OD2 . ASP B 1 88  ? 5.738   -9.899  -3.291  1.00 60.98 ? 88  ASP B OD2 1 
ATOM   1034 N N   . LYS B 1 89  ? 7.134   -7.927  1.222   1.00 32.10 ? 89  LYS B N   1 
ATOM   1035 C CA  . LYS B 1 89  ? 8.335   -7.861  2.067   1.00 35.31 ? 89  LYS B CA  1 
ATOM   1036 C C   . LYS B 1 89  ? 7.928   -7.679  3.511   1.00 31.87 ? 89  LYS B C   1 
ATOM   1037 O O   . LYS B 1 89  ? 6.977   -6.947  3.813   1.00 25.89 ? 89  LYS B O   1 
ATOM   1038 C CB  . LYS B 1 89  ? 9.280   -6.746  1.608   1.00 42.99 ? 89  LYS B CB  1 
ATOM   1039 C CG  . LYS B 1 89  ? 9.843   -7.097  0.245   1.00 49.81 ? 89  LYS B CG  1 
ATOM   1040 C CD  . LYS B 1 89  ? 10.770  -6.040  -0.298  1.00 59.70 ? 89  LYS B CD  1 
ATOM   1041 C CE  . LYS B 1 89  ? 11.343  -6.436  -1.666  1.00 67.63 ? 89  LYS B CE  1 
ATOM   1042 N NZ  . LYS B 1 89  ? 12.248  -5.379  -2.228  1.00 69.78 ? 89  LYS B NZ  1 
ATOM   1043 N N   . ALA B 1 90  ? 8.651   -8.338  4.402   1.00 27.39 ? 90  ALA B N   1 
ATOM   1044 C CA  . ALA B 1 90  ? 8.265   -8.307  5.789   1.00 29.26 ? 90  ALA B CA  1 
ATOM   1045 C C   . ALA B 1 90  ? 8.534   -6.949  6.424   1.00 26.68 ? 90  ALA B C   1 
ATOM   1046 O O   . ALA B 1 90  ? 7.715   -6.491  7.221   1.00 27.46 ? 90  ALA B O   1 
ATOM   1047 C CB  . ALA B 1 90  ? 8.937   -9.435  6.565   1.00 29.87 ? 90  ALA B CB  1 
ATOM   1048 N N   . ASP B 1 91  ? 9.652   -6.319  6.077   1.00 28.54 ? 91  ASP B N   1 
ATOM   1049 C CA  . ASP B 1 91  ? 9.985   -5.017  6.645   1.00 27.28 ? 91  ASP B CA  1 
ATOM   1050 C C   . ASP B 1 91  ? 11.074  -4.271  5.877   1.00 30.90 ? 91  ASP B C   1 
ATOM   1051 O O   . ASP B 1 91  ? 11.723  -4.819  4.986   1.00 32.89 ? 91  ASP B O   1 
ATOM   1052 C CB  . ASP B 1 91  ? 10.393  -5.168  8.113   1.00 27.06 ? 91  ASP B CB  1 
ATOM   1053 C CG  . ASP B 1 91  ? 10.069  -3.937  8.936   1.00 26.43 ? 91  ASP B CG  1 
ATOM   1054 O OD1 . ASP B 1 91  ? 9.785   -2.877  8.338   1.00 27.01 ? 91  ASP B OD1 1 
ATOM   1055 O OD2 . ASP B 1 91  ? 10.097  -4.028  10.181  1.00 23.36 ? 91  ASP B OD2 1 
ATOM   1056 N N   . TYR B 1 92  ? 11.255  -3.008  6.248   1.00 28.08 ? 92  TYR B N   1 
ATOM   1057 C CA  . TYR B 1 92  ? 12.223  -2.143  5.664   1.00 25.07 ? 92  TYR B CA  1 
ATOM   1058 C C   . TYR B 1 92  ? 12.742  -1.257  6.759   1.00 25.51 ? 92  TYR B C   1 
ATOM   1059 O O   . TYR B 1 92  ? 12.030  -0.928  7.675   1.00 23.89 ? 92  TYR B O   1 
ATOM   1060 C CB  . TYR B 1 92  ? 11.635  -1.194  4.632   1.00 29.91 ? 92  TYR B CB  1 
ATOM   1061 C CG  . TYR B 1 92  ? 11.157  -1.752  3.329   1.00 34.65 ? 92  TYR B CG  1 
ATOM   1062 C CD1 . TYR B 1 92  ? 9.874   -2.195  3.200   1.00 37.06 ? 92  TYR B CD1 1 
ATOM   1063 C CD2 . TYR B 1 92  ? 11.961  -1.782  2.221   1.00 36.71 ? 92  TYR B CD2 1 
ATOM   1064 C CE1 . TYR B 1 92  ? 9.402   -2.673  2.032   1.00 37.21 ? 92  TYR B CE1 1 
ATOM   1065 C CE2 . TYR B 1 92  ? 11.491  -2.276  1.040   1.00 38.99 ? 92  TYR B CE2 1 
ATOM   1066 C CZ  . TYR B 1 92  ? 10.195  -2.713  0.971   1.00 43.52 ? 92  TYR B CZ  1 
ATOM   1067 O OH  . TYR B 1 92  ? 9.665   -3.194  -0.162  1.00 51.91 ? 92  TYR B OH  1 
ATOM   1068 N N   . THR B 1 93  ? 14.000  -0.905  6.673   1.00 22.02 ? 93  THR B N   1 
ATOM   1069 C CA  . THR B 1 93  ? 14.557  0.101   7.547   1.00 21.69 ? 93  THR B CA  1 
ATOM   1070 C C   . THR B 1 93  ? 14.333  1.512   6.988   1.00 19.90 ? 93  THR B C   1 
ATOM   1071 O O   . THR B 1 93  ? 14.175  1.729   5.761   1.00 20.11 ? 93  THR B O   1 
ATOM   1072 C CB  . THR B 1 93  ? 16.067  -0.155  7.739   1.00 20.25 ? 93  THR B CB  1 
ATOM   1073 O OG1 . THR B 1 93  ? 16.697  0.062   6.476   1.00 20.59 ? 93  THR B OG1 1 
ATOM   1074 C CG2 . THR B 1 93  ? 16.302  -1.582  8.193   1.00 19.97 ? 93  THR B CG2 1 
ATOM   1075 N N   . MET B 1 94  ? 14.424  2.477   7.897   1.00 19.38 ? 94  MET B N   1 
ATOM   1076 C CA  . MET B 1 94  ? 14.417  3.890   7.570   1.00 19.94 ? 94  MET B CA  1 
ATOM   1077 C C   . MET B 1 94  ? 15.503  4.212   6.525   1.00 22.56 ? 94  MET B C   1 
ATOM   1078 O O   . MET B 1 94  ? 15.233  4.921   5.497   1.00 22.85 ? 94  MET B O   1 
ATOM   1079 C CB  . MET B 1 94  ? 14.587  4.777   8.798   1.00 20.26 ? 94  MET B CB  1 
ATOM   1080 C CG  . MET B 1 94  ? 13.520  4.611   9.891   1.00 23.45 ? 94  MET B CG  1 
ATOM   1081 S SD  . MET B 1 94  ? 11.894  5.093   9.262   1.00 23.56 ? 94  MET B SD  1 
ATOM   1082 C CE  . MET B 1 94  ? 11.308  3.512   8.835   1.00 29.03 ? 94  MET B CE  1 
ATOM   1083 N N   . GLU B 1 95  ? 16.685  3.658   6.714   1.00 21.60 ? 95  GLU B N   1 
ATOM   1084 C CA  . GLU B 1 95  ? 17.767  3.851   5.749   1.00 26.63 ? 95  GLU B CA  1 
ATOM   1085 C C   . GLU B 1 95  ? 17.485  3.418   4.316   1.00 23.49 ? 95  GLU B C   1 
ATOM   1086 O O   . GLU B 1 95  ? 17.766  4.176   3.373   1.00 26.17 ? 95  GLU B O   1 
ATOM   1087 C CB  . GLU B 1 95  ? 19.033  3.152   6.245   1.00 33.17 ? 95  GLU B CB  1 
ATOM   1088 C CG  . GLU B 1 95  ? 20.237  3.349   5.330   1.00 42.80 ? 95  GLU B CG  1 
ATOM   1089 C CD  . GLU B 1 95  ? 21.383  2.378   5.644   1.00 54.12 ? 95  GLU B CD  1 
ATOM   1090 O OE1 . GLU B 1 95  ? 22.001  1.843   4.682   1.00 66.00 ? 95  GLU B OE1 1 
ATOM   1091 O OE2 . GLU B 1 95  ? 21.658  2.136   6.846   1.00 59.03 ? 95  GLU B OE2 1 
ATOM   1092 N N   . GLN B 1 96  ? 17.011  2.202   4.133   1.00 23.01 ? 96  GLN B N   1 
ATOM   1093 C CA  . GLN B 1 96  ? 16.625  1.694   2.796   1.00 22.42 ? 96  GLN B CA  1 
ATOM   1094 C C   . GLN B 1 96  ? 15.583  2.588   2.095   1.00 21.85 ? 96  GLN B C   1 
ATOM   1095 O O   . GLN B 1 96  ? 15.655  2.864   0.909   1.00 18.82 ? 96  GLN B O   1 
ATOM   1096 C CB  . GLN B 1 96  ? 15.965  0.361   2.967   1.00 26.82 ? 96  GLN B CB  1 
ATOM   1097 C CG  . GLN B 1 96  ? 16.934  -0.787  3.039   1.00 31.94 ? 96  GLN B CG  1 
ATOM   1098 C CD  . GLN B 1 96  ? 16.411  -1.944  3.861   1.00 37.50 ? 96  GLN B CD  1 
ATOM   1099 O OE1 . GLN B 1 96  ? 15.218  -2.083  4.100   1.00 36.33 ? 96  GLN B OE1 1 
ATOM   1100 N NE2 . GLN B 1 96  ? 17.336  -2.786  4.322   1.00 48.47 ? 96  GLN B NE2 1 
ATOM   1101 N N   . LEU B 1 97  ? 14.645  3.112   2.873   1.00 22.02 ? 97  LEU B N   1 
ATOM   1102 C CA  . LEU B 1 97  ? 13.633  3.988   2.315   1.00 21.32 ? 97  LEU B CA  1 
ATOM   1103 C C   . LEU B 1 97  ? 14.165  5.372   2.005   1.00 20.32 ? 97  LEU B C   1 
ATOM   1104 O O   . LEU B 1 97  ? 13.802  5.953   0.978   1.00 21.93 ? 97  LEU B O   1 
ATOM   1105 C CB  . LEU B 1 97  ? 12.463  4.108   3.269   1.00 21.77 ? 97  LEU B CB  1 
ATOM   1106 C CG  . LEU B 1 97  ? 11.657  2.877   3.614   1.00 22.82 ? 97  LEU B CG  1 
ATOM   1107 C CD1 . LEU B 1 97  ? 10.474  3.293   4.491   1.00 24.11 ? 97  LEU B CD1 1 
ATOM   1108 C CD2 . LEU B 1 97  ? 11.197  2.114   2.379   1.00 24.79 ? 97  LEU B CD2 1 
ATOM   1109 N N   . ALA B 1 98  ? 14.995  5.923   2.887   1.00 20.40 ? 98  ALA B N   1 
ATOM   1110 C CA  . ALA B 1 98  ? 15.700  7.175   2.636   1.00 23.11 ? 98  ALA B CA  1 
ATOM   1111 C C   . ALA B 1 98  ? 16.514  7.126   1.380   1.00 24.59 ? 98  ALA B C   1 
ATOM   1112 O O   . ALA B 1 98  ? 16.500  8.079   0.594   1.00 23.42 ? 98  ALA B O   1 
ATOM   1113 C CB  . ALA B 1 98  ? 16.623  7.539   3.765   1.00 25.03 ? 98  ALA B CB  1 
ATOM   1114 N N   . VAL B 1 99  ? 17.237  6.025   1.200   1.00 25.27 ? 99  VAL B N   1 
ATOM   1115 C CA  . VAL B 1 99  ? 18.068  5.827   0.025   1.00 26.32 ? 99  VAL B CA  1 
ATOM   1116 C C   . VAL B 1 99  ? 17.235  5.706   -1.248  1.00 26.52 ? 99  VAL B C   1 
ATOM   1117 O O   . VAL B 1 99  ? 17.614  6.211   -2.293  1.00 25.95 ? 99  VAL B O   1 
ATOM   1118 C CB  . VAL B 1 99  ? 18.917  4.547   0.183   1.00 32.24 ? 99  VAL B CB  1 
ATOM   1119 C CG1 . VAL B 1 99  ? 19.568  4.113   -1.127  1.00 33.96 ? 99  VAL B CG1 1 
ATOM   1120 C CG2 . VAL B 1 99  ? 19.955  4.755   1.285   1.00 32.12 ? 99  VAL B CG2 1 
ATOM   1121 N N   . GLY B 1 100 ? 16.141  4.969   -1.171  1.00 25.52 ? 100 GLY B N   1 
ATOM   1122 C CA  . GLY B 1 100 ? 15.191  4.882   -2.267  1.00 23.74 ? 100 GLY B CA  1 
ATOM   1123 C C   . GLY B 1 100 ? 14.758  6.284   -2.650  1.00 23.18 ? 100 GLY B C   1 
ATOM   1124 O O   . GLY B 1 100 ? 14.775  6.661   -3.834  1.00 23.33 ? 100 GLY B O   1 
ATOM   1125 N N   . ILE B 1 101 ? 14.383  7.089   -1.672  1.00 20.96 ? 101 ILE B N   1 
ATOM   1126 C CA  . ILE B 1 101 ? 13.909  8.410   -1.990  1.00 23.45 ? 101 ILE B CA  1 
ATOM   1127 C C   . ILE B 1 101 ? 15.011  9.202   -2.757  1.00 29.21 ? 101 ILE B C   1 
ATOM   1128 O O   . ILE B 1 101 ? 14.754  9.762   -3.799  1.00 26.55 ? 101 ILE B O   1 
ATOM   1129 C CB  . ILE B 1 101 ? 13.414  9.195   -0.728  1.00 21.41 ? 101 ILE B CB  1 
ATOM   1130 C CG1 . ILE B 1 101 ? 12.072  8.658   -0.228  1.00 20.01 ? 101 ILE B CG1 1 
ATOM   1131 C CG2 . ILE B 1 101 ? 13.238  10.652  -1.064  1.00 22.50 ? 101 ILE B CG2 1 
ATOM   1132 C CD1 . ILE B 1 101 ? 11.636  9.144   1.152   1.00 21.82 ? 101 ILE B CD1 1 
ATOM   1133 N N   . ARG B 1 102 ? 16.237  9.204   -2.246  1.00 35.13 ? 102 ARG B N   1 
ATOM   1134 C CA  . ARG B 1 102 ? 17.348  9.919   -2.897  1.00 37.09 ? 102 ARG B CA  1 
ATOM   1135 C C   . ARG B 1 102 ? 17.602  9.415   -4.323  1.00 34.24 ? 102 ARG B C   1 
ATOM   1136 O O   . ARG B 1 102 ? 17.873  10.214  -5.190  1.00 33.92 ? 102 ARG B O   1 
ATOM   1137 C CB  . ARG B 1 102 ? 18.662  9.866   -2.042  1.00 41.87 ? 102 ARG B CB  1 
ATOM   1138 C CG  . ARG B 1 102 ? 18.746  11.029  -1.035  1.00 53.61 ? 102 ARG B CG  1 
ATOM   1139 C CD  . ARG B 1 102 ? 20.100  11.212  -0.340  1.00 64.09 ? 102 ARG B CD  1 
ATOM   1140 N NE  . ARG B 1 102 ? 20.256  10.327  0.823   1.00 69.39 ? 102 ARG B NE  1 
ATOM   1141 C CZ  . ARG B 1 102 ? 20.751  9.078   0.815   1.00 77.12 ? 102 ARG B CZ  1 
ATOM   1142 N NH1 . ARG B 1 102 ? 21.188  8.482   -0.311  1.00 77.45 ? 102 ARG B NH1 1 
ATOM   1143 N NH2 . ARG B 1 102 ? 20.807  8.406   1.968   1.00 75.43 ? 102 ARG B NH2 1 
ATOM   1144 N N   . GLU B 1 103 ? 17.496  8.112   -4.540  1.00 30.99 ? 103 GLU B N   1 
ATOM   1145 C CA  . GLU B 1 103 ? 17.839  7.482   -5.826  1.00 38.30 ? 103 GLU B CA  1 
ATOM   1146 C C   . GLU B 1 103 ? 16.781  7.543   -6.949  1.00 37.29 ? 103 GLU B C   1 
ATOM   1147 O O   . GLU B 1 103 ? 17.151  7.464   -8.105  1.00 34.31 ? 103 GLU B O   1 
ATOM   1148 C CB  . GLU B 1 103 ? 18.195  5.991   -5.639  1.00 45.17 ? 103 GLU B CB  1 
ATOM   1149 C CG  . GLU B 1 103 ? 19.614  5.721   -5.152  1.00 53.48 ? 103 GLU B CG  1 
ATOM   1150 C CD  . GLU B 1 103 ? 19.842  4.261   -4.729  1.00 65.49 ? 103 GLU B CD  1 
ATOM   1151 O OE1 . GLU B 1 103 ? 18.943  3.377   -4.898  1.00 74.67 ? 103 GLU B OE1 1 
ATOM   1152 O OE2 . GLU B 1 103 ? 20.951  3.992   -4.211  1.00 64.17 ? 103 GLU B OE2 1 
ATOM   1153 N N   . MET B 1 104 ? 15.489  7.554   -6.615  1.00 34.40 ? 104 MET B N   1 
ATOM   1154 C CA  . MET B 1 104 ? 14.435  7.397   -7.596  1.00 32.64 ? 104 MET B CA  1 
ATOM   1155 C C   . MET B 1 104 ? 14.323  8.598   -8.504  1.00 32.22 ? 104 MET B C   1 
ATOM   1156 O O   . MET B 1 104 ? 14.428  9.709   -8.049  1.00 39.03 ? 104 MET B O   1 
ATOM   1157 C CB  . MET B 1 104 ? 13.092  7.101   -6.923  1.00 35.63 ? 104 MET B CB  1 
ATOM   1158 C CG  . MET B 1 104 ? 13.074  5.689   -6.414  1.00 37.46 ? 104 MET B CG  1 
ATOM   1159 S SD  . MET B 1 104 ? 13.207  4.499   -7.751  1.00 43.60 ? 104 MET B SD  1 
ATOM   1160 C CE  . MET B 1 104 ? 14.512  3.377   -7.271  1.00 38.17 ? 104 MET B CE  1 
ATOM   1161 N N   . PRO B 1 105 ? 14.149  8.364   -9.813  1.00 29.95 ? 105 PRO B N   1 
ATOM   1162 C CA  . PRO B 1 105 ? 14.014  9.459   -10.745 1.00 29.93 ? 105 PRO B CA  1 
ATOM   1163 C C   . PRO B 1 105 ? 12.663  10.110  -10.616 1.00 30.49 ? 105 PRO B C   1 
ATOM   1164 O O   . PRO B 1 105 ? 11.647  9.451   -10.281 1.00 32.98 ? 105 PRO B O   1 
ATOM   1165 C CB  . PRO B 1 105 ? 14.132  8.802   -12.117 1.00 29.35 ? 105 PRO B CB  1 
ATOM   1166 C CG  . PRO B 1 105 ? 13.647  7.382   -11.873 1.00 32.63 ? 105 PRO B CG  1 
ATOM   1167 C CD  . PRO B 1 105 ? 13.918  7.046   -10.444 1.00 31.61 ? 105 PRO B CD  1 
ATOM   1168 N N   . ARG B 1 106 ? 12.688  11.394  -10.827 1.00 27.98 ? 106 ARG B N   1 
ATOM   1169 C CA  . ARG B 1 106 ? 11.531  12.195  -10.705 1.00 33.82 ? 106 ARG B CA  1 
ATOM   1170 C C   . ARG B 1 106 ? 11.553  13.266  -11.769 1.00 32.42 ? 106 ARG B C   1 
ATOM   1171 O O   . ARG B 1 106 ? 12.530  13.514  -12.377 1.00 27.82 ? 106 ARG B O   1 
ATOM   1172 C CB  . ARG B 1 106 ? 11.444  12.777  -9.267  1.00 34.34 ? 106 ARG B CB  1 
ATOM   1173 C CG  . ARG B 1 106 ? 10.834  11.819  -8.257  1.00 33.33 ? 106 ARG B CG  1 
ATOM   1174 C CD  . ARG B 1 106 ? 10.652  12.355  -6.846  1.00 36.55 ? 106 ARG B CD  1 
ATOM   1175 N NE  . ARG B 1 106 ? 11.910  12.767  -6.289  1.00 34.14 ? 106 ARG B NE  1 
ATOM   1176 C CZ  . ARG B 1 106 ? 12.721  11.999  -5.598  1.00 35.40 ? 106 ARG B CZ  1 
ATOM   1177 N NH1 . ARG B 1 106 ? 12.393  10.763  -5.292  1.00 30.05 ? 106 ARG B NH1 1 
ATOM   1178 N NH2 . ARG B 1 106 ? 13.868  12.493  -5.204  1.00 34.98 ? 106 ARG B NH2 1 
ATOM   1179 N N   . LEU B 1 107 ? 10.409  13.833  -12.025 1.00 33.93 ? 107 LEU B N   1 
ATOM   1180 C CA  . LEU B 1 107 ? 10.318  14.896  -12.947 1.00 39.57 ? 107 LEU B CA  1 
ATOM   1181 C C   . LEU B 1 107 ? 10.148  16.182  -12.162 1.00 48.59 ? 107 LEU B C   1 
ATOM   1182 O O   . LEU B 1 107 ? 9.052   16.673  -12.070 1.00 50.25 ? 107 LEU B O   1 
ATOM   1183 C CB  . LEU B 1 107 ? 9.150   14.692  -13.873 1.00 40.71 ? 107 LEU B CB  1 
ATOM   1184 C CG  . LEU B 1 107 ? 8.773   15.728  -14.908 1.00 43.52 ? 107 LEU B CG  1 
ATOM   1185 C CD1 . LEU B 1 107 ? 9.957   16.174  -15.729 1.00 41.22 ? 107 LEU B CD1 1 
ATOM   1186 C CD2 . LEU B 1 107 ? 7.687   15.229  -15.818 1.00 46.44 ? 107 LEU B CD2 1 
ATOM   1187 N N   . GLU B 1 108 ? 11.221  16.636  -11.568 1.00 56.52 ? 108 GLU B N   1 
ATOM   1188 C CA  . GLU B 1 108 ? 11.196  17.823  -10.758 1.00 64.55 ? 108 GLU B CA  1 
ATOM   1189 C C   . GLU B 1 108 ? 12.519  17.700  -10.109 1.00 67.83 ? 108 GLU B C   1 
ATOM   1190 O O   . GLU B 1 108 ? 12.676  16.865  -9.247  1.00 70.29 ? 108 GLU B O   1 
ATOM   1191 C CB  . GLU B 1 108 ? 10.056  17.783  -9.719  1.00 67.70 ? 108 GLU B CB  1 
ATOM   1192 C CG  . GLU B 1 108 ? 9.996   16.560  -8.819  1.00 66.40 ? 108 GLU B CG  1 
ATOM   1193 C CD  . GLU B 1 108 ? 8.745   16.493  -7.938  1.00 63.76 ? 108 GLU B CD  1 
ATOM   1194 O OE1 . GLU B 1 108 ? 8.804   15.899  -6.877  1.00 36.35 ? 108 GLU B OE1 1 
ATOM   1195 O OE2 . GLU B 1 108 ? 7.694   17.030  -8.347  1.00 64.49 ? 108 GLU B OE2 1 
ATOM   1196 O OXT . GLU B 1 108 ? 13.444  18.402  -10.499 1.00 58.93 ? 108 GLU B OXT 1 
HETATM 1197 O O   . HOH C 2 .   ? -1.860  -12.719 -7.475  1.00 37.98 ? 201 HOH A O   1 
HETATM 1198 O O   . HOH C 2 .   ? -12.116 1.750   -15.310 1.00 45.25 ? 202 HOH A O   1 
HETATM 1199 O O   . HOH C 2 .   ? 3.372   -2.355  -4.143  1.00 23.07 ? 203 HOH A O   1 
HETATM 1200 O O   . HOH C 2 .   ? -10.714 -5.877  10.292  1.00 32.85 ? 204 HOH A O   1 
HETATM 1201 O O   . HOH C 2 .   ? -14.544 -16.934 -2.698  1.00 43.34 ? 205 HOH A O   1 
HETATM 1202 O O   . HOH C 2 .   ? -7.416  0.726   -14.775 1.00 41.16 ? 206 HOH A O   1 
HETATM 1203 O O   . HOH C 2 .   ? 5.001   -0.278  -11.282 1.00 22.32 ? 207 HOH A O   1 
HETATM 1204 O O   . HOH C 2 .   ? -18.341 -14.786 -9.026  1.00 38.88 ? 208 HOH A O   1 
HETATM 1205 O O   . HOH C 2 .   ? 2.060   -4.945  -9.019  1.00 18.25 ? 209 HOH A O   1 
HETATM 1206 O O   . HOH C 2 .   ? -18.915 -7.857  -14.921 1.00 35.51 ? 210 HOH A O   1 
HETATM 1207 O O   . HOH C 2 .   ? -11.827 -16.114 -12.098 1.00 27.36 ? 211 HOH A O   1 
HETATM 1208 O O   . HOH C 2 .   ? -0.526  -16.416 -5.835  1.00 49.06 ? 212 HOH A O   1 
HETATM 1209 O O   . HOH C 2 .   ? -10.955 -11.918 3.002   1.00 14.78 ? 213 HOH A O   1 
HETATM 1210 O O   . HOH C 2 .   ? -11.263 -11.947 -14.791 1.00 32.61 ? 214 HOH A O   1 
HETATM 1211 O O   . HOH C 2 .   ? -1.940  -3.330  -19.242 1.00 37.17 ? 215 HOH A O   1 
HETATM 1212 O O   . HOH C 2 .   ? -6.881  -1.700  -17.395 1.00 36.90 ? 216 HOH A O   1 
HETATM 1213 O O   . HOH C 2 .   ? -19.162 0.057   -13.745 1.00 23.35 ? 217 HOH A O   1 
HETATM 1214 O O   . HOH C 2 .   ? 2.399   -10.040 -11.049 1.00 31.62 ? 218 HOH A O   1 
HETATM 1215 O O   . HOH C 2 .   ? -19.127 -10.223 -1.621  1.00 37.38 ? 219 HOH A O   1 
HETATM 1216 O O   . HOH C 2 .   ? -11.798 7.083   -3.287  1.00 44.95 ? 220 HOH A O   1 
HETATM 1217 O O   . HOH C 2 .   ? -11.485 -13.792 -10.892 1.00 28.58 ? 221 HOH A O   1 
HETATM 1218 O O   . HOH C 2 .   ? 1.560   5.570   -9.361  1.00 42.99 ? 222 HOH A O   1 
HETATM 1219 O O   . HOH C 2 .   ? -23.739 -11.292 -9.248  1.00 35.71 ? 223 HOH A O   1 
HETATM 1220 O O   . HOH C 2 .   ? -1.951  -7.075  -14.096 1.00 33.90 ? 224 HOH A O   1 
HETATM 1221 O O   . HOH C 2 .   ? -18.663 -11.560 0.841   1.00 27.06 ? 225 HOH A O   1 
HETATM 1222 O O   . HOH C 2 .   ? -11.005 -9.848  12.003  1.00 30.37 ? 226 HOH A O   1 
HETATM 1223 O O   . HOH C 2 .   ? -9.723  -3.104  -19.651 1.00 46.71 ? 227 HOH A O   1 
HETATM 1224 O O   . HOH C 2 .   ? -4.792  -7.935  -14.118 1.00 33.11 ? 228 HOH A O   1 
HETATM 1225 O O   . HOH C 2 .   ? -0.847  -11.193 -9.740  1.00 41.34 ? 229 HOH A O   1 
HETATM 1226 O O   . HOH C 2 .   ? -21.879 -8.466  -10.107 1.00 42.98 ? 230 HOH A O   1 
HETATM 1227 O O   . HOH C 2 .   ? -20.451 -5.448  -10.414 1.00 38.76 ? 231 HOH A O   1 
HETATM 1228 O O   . HOH C 2 .   ? -14.753 -8.538  7.534   1.00 30.01 ? 232 HOH A O   1 
HETATM 1229 O O   . HOH C 2 .   ? -9.074  7.557   -4.124  1.00 43.65 ? 233 HOH A O   1 
HETATM 1230 O O   . HOH C 2 .   ? -16.246 2.792   -15.071 1.00 43.14 ? 234 HOH A O   1 
HETATM 1231 O O   . HOH C 2 .   ? 3.020   -1.451  -15.084 1.00 12.09 ? 235 HOH A O   1 
HETATM 1232 O O   . HOH C 2 .   ? -15.900 2.343   2.137   1.00 52.74 ? 236 HOH A O   1 
HETATM 1233 O O   . HOH C 2 .   ? 3.734   1.236   -4.684  1.00 17.64 ? 237 HOH A O   1 
HETATM 1234 O O   . HOH C 2 .   ? -19.566 -17.732 -3.093  1.00 34.76 ? 238 HOH A O   1 
HETATM 1235 O O   . HOH C 2 .   ? -1.152  -14.542 -1.022  1.00 37.51 ? 239 HOH A O   1 
HETATM 1236 O O   . HOH C 2 .   ? -5.267  -7.632  -17.632 1.00 42.19 ? 240 HOH A O   1 
HETATM 1237 O O   . HOH C 2 .   ? -16.956 -14.152 4.235   1.00 46.93 ? 241 HOH A O   1 
HETATM 1238 O O   . HOH C 2 .   ? 3.981   0.929   -15.776 1.00 29.12 ? 242 HOH A O   1 
HETATM 1239 O O   . HOH C 2 .   ? -1.218  -14.162 -9.583  1.00 40.27 ? 243 HOH A O   1 
HETATM 1240 O O   . HOH C 2 .   ? -2.817  -7.349  -18.839 1.00 46.61 ? 244 HOH A O   1 
HETATM 1241 O O   . HOH C 2 .   ? 4.233   -0.421  -6.270  1.00 38.80 ? 245 HOH A O   1 
HETATM 1242 O O   . HOH C 2 .   ? -13.535 -13.508 -15.320 1.00 42.10 ? 246 HOH A O   1 
HETATM 1243 O O   . HOH D 2 .   ? 7.936   13.763  -7.803  1.00 33.18 ? 201 HOH B O   1 
HETATM 1244 O O   . HOH D 2 .   ? 16.295  -1.831  14.935  1.00 32.58 ? 202 HOH B O   1 
HETATM 1245 O O   . HOH D 2 .   ? 0.765   -4.250  6.701   1.00 31.27 ? 203 HOH B O   1 
HETATM 1246 O O   . HOH D 2 .   ? -0.026  12.147  -2.623  1.00 38.02 ? 204 HOH B O   1 
HETATM 1247 O O   . HOH D 2 .   ? 16.620  10.878  -7.413  1.00 39.25 ? 205 HOH B O   1 
HETATM 1248 O O   . HOH D 2 .   ? 14.634  -4.521  4.642   1.00 40.83 ? 206 HOH B O   1 
HETATM 1249 O O   . HOH D 2 .   ? 1.888   -3.584  9.688   1.00 27.03 ? 207 HOH B O   1 
HETATM 1250 O O   . HOH D 2 .   ? 23.820  0.536   6.120   1.00 44.93 ? 208 HOH B O   1 
HETATM 1251 O O   . HOH D 2 .   ? 8.275   13.294  -10.524 1.00 41.76 ? 209 HOH B O   1 
HETATM 1252 O O   . HOH D 2 .   ? -1.964  7.765   1.685   1.00 41.61 ? 210 HOH B O   1 
HETATM 1253 O O   . HOH D 2 .   ? 3.441   18.026  8.524   1.00 23.57 ? 211 HOH B O   1 
HETATM 1254 O O   . HOH D 2 .   ? -0.066  14.317  4.291   1.00 35.67 ? 212 HOH B O   1 
HETATM 1255 O O   . HOH D 2 .   ? 1.530   12.911  12.553  1.00 15.51 ? 213 HOH B O   1 
HETATM 1256 O O   . HOH D 2 .   ? 0.775   1.422   14.618  1.00 44.77 ? 214 HOH B O   1 
HETATM 1257 O O   . HOH D 2 .   ? 5.287   2.510   -2.832  1.00 12.19 ? 215 HOH B O   1 
HETATM 1258 O O   . HOH D 2 .   ? 5.624   18.924  10.502  1.00 16.77 ? 216 HOH B O   1 
HETATM 1259 O O   . HOH D 2 .   ? 14.666  2.131   16.544  1.00 30.64 ? 217 HOH B O   1 
HETATM 1260 O O   . HOH D 2 .   ? 17.811  -2.930  11.736  1.00 25.85 ? 218 HOH B O   1 
HETATM 1261 O O   . HOH D 2 .   ? 3.519   -3.379  12.953  1.00 36.75 ? 219 HOH B O   1 
HETATM 1262 O O   . HOH D 2 .   ? 6.300   14.377  2.872   1.00 20.14 ? 220 HOH B O   1 
HETATM 1263 O O   . HOH D 2 .   ? 8.364   3.798   18.464  1.00 33.70 ? 221 HOH B O   1 
HETATM 1264 O O   . HOH D 2 .   ? 9.819   3.431   -8.700  1.00 29.26 ? 222 HOH B O   1 
HETATM 1265 O O   . HOH D 2 .   ? 1.744   4.163   14.503  1.00 32.39 ? 223 HOH B O   1 
HETATM 1266 O O   . HOH D 2 .   ? 15.756  10.621  1.346   1.00 36.34 ? 224 HOH B O   1 
HETATM 1267 O O   . HOH D 2 .   ? -6.028  6.630   6.085   1.00 43.48 ? 225 HOH B O   1 
HETATM 1268 O O   . HOH D 2 .   ? -2.451  8.846   6.034   1.00 43.54 ? 226 HOH B O   1 
HETATM 1269 O O   . HOH D 2 .   ? 10.423  6.737   -9.869  1.00 30.16 ? 227 HOH B O   1 
HETATM 1270 O O   . HOH D 2 .   ? -2.064  -12.407 -1.156  1.00 28.06 ? 228 HOH B O   1 
HETATM 1271 O O   . HOH D 2 .   ? 17.293  -4.963  6.157   1.00 43.75 ? 229 HOH B O   1 
HETATM 1272 O O   . HOH D 2 .   ? 19.180  -1.332  6.177   1.00 36.51 ? 230 HOH B O   1 
HETATM 1273 O O   . HOH D 2 .   ? 10.033  17.635  16.120  1.00 27.80 ? 231 HOH B O   1 
HETATM 1274 O O   . HOH D 2 .   ? 1.157   6.587   15.524  1.00 24.69 ? 232 HOH B O   1 
HETATM 1275 O O   . HOH D 2 .   ? 11.242  2.097   -5.857  1.00 26.96 ? 233 HOH B O   1 
HETATM 1276 O O   . HOH D 2 .   ? 2.958   12.315  19.721  1.00 15.61 ? 234 HOH B O   1 
HETATM 1277 O O   . HOH D 2 .   ? 10.810  -9.914  3.241   1.00 41.73 ? 235 HOH B O   1 
HETATM 1278 O O   . HOH D 2 .   ? 15.119  10.657  4.613   1.00 34.31 ? 236 HOH B O   1 
HETATM 1279 O O   . HOH D 2 .   ? -2.731  -3.389  11.713  1.00 29.52 ? 237 HOH B O   1 
HETATM 1280 O O   . HOH D 2 .   ? 11.165  15.421  -5.172  1.00 27.59 ? 238 HOH B O   1 
HETATM 1281 O O   . HOH D 2 .   ? 2.052   13.780  16.931  1.00 15.19 ? 239 HOH B O   1 
HETATM 1282 O O   . HOH D 2 .   ? 8.614   9.545   -9.909  1.00 33.96 ? 240 HOH B O   1 
HETATM 1283 O O   . HOH D 2 .   ? 11.110  -6.836  10.842  1.00 46.51 ? 241 HOH B O   1 
HETATM 1284 O O   . HOH D 2 .   ? -0.430  -4.580  11.145  1.00 40.36 ? 242 HOH B O   1 
HETATM 1285 O O   . HOH D 2 .   ? -0.354  -11.854 -2.946  1.00 41.68 ? 243 HOH B O   1 
HETATM 1286 O O   . HOH D 2 .   ? 12.130  -7.884  4.242   1.00 38.88 ? 244 HOH B O   1 
HETATM 1287 O O   . HOH D 2 .   ? -1.407  13.423  0.651   1.00 47.75 ? 245 HOH B O   1 
HETATM 1288 O O   . HOH D 2 .   ? 20.333  -1.572  3.696   1.00 41.26 ? 246 HOH B O   1 
HETATM 1289 O O   . HOH D 2 .   ? 6.612   -3.058  17.781  1.00 49.25 ? 247 HOH B O   1 
HETATM 1290 O O   . HOH D 2 .   ? -4.098  10.668  9.033   1.00 47.08 ? 248 HOH B O   1 
HETATM 1291 O O   . HOH D 2 .   ? 7.464   11.469  -8.179  1.00 39.49 ? 249 HOH B O   1 
HETATM 1292 O O   . HOH D 2 .   ? 6.554   14.131  20.790  1.00 25.37 ? 250 HOH B O   1 
HETATM 1293 O O   . HOH D 2 .   ? -1.864  9.897   3.765   1.00 38.36 ? 251 HOH B O   1 
HETATM 1294 O O   . HOH D 2 .   ? 4.053   14.417  20.913  1.00 21.96 ? 252 HOH B O   1 
HETATM 1295 O O   . HOH D 2 .   ? 3.847   17.577  12.049  1.00 44.80 ? 253 HOH B O   1 
HETATM 1296 O O   . HOH D 2 .   ? 6.749   -4.530  19.637  1.00 50.58 ? 254 HOH B O   1 
HETATM 1297 O O   . HOH D 2 .   ? 4.240   -13.460 -5.624  1.00 48.36 ? 255 HOH B O   1 
# 
